data_3OAF
# 
_entry.id   3OAF 
# 
_audit_conform.dict_name       mmcif_pdbx.dic 
_audit_conform.dict_version    5.379 
_audit_conform.dict_location   http://mmcif.pdb.org/dictionaries/ascii/mmcif_pdbx.dic 
# 
loop_
_database_2.database_id 
_database_2.database_code 
_database_2.pdbx_database_accession 
_database_2.pdbx_DOI 
PDB   3OAF         pdb_00003oaf 10.2210/pdb3oaf/pdb 
RCSB  RCSB060867   ?            ?                   
WWPDB D_1000060867 ?            ?                   
# 
_pdbx_database_related.db_name        PDB 
_pdbx_database_related.db_id          3l3w 
_pdbx_database_related.details        . 
_pdbx_database_related.content_type   unspecified 
# 
_pdbx_database_status.status_code                     REL 
_pdbx_database_status.entry_id                        3OAF 
_pdbx_database_status.recvd_initial_deposition_date   2010-08-05 
_pdbx_database_status.deposit_site                    RCSB 
_pdbx_database_status.process_site                    RCSB 
_pdbx_database_status.status_code_sf                  REL 
_pdbx_database_status.status_code_mr                  ? 
_pdbx_database_status.SG_entry                        ? 
_pdbx_database_status.status_code_cs                  ? 
_pdbx_database_status.pdb_format_compatible           Y 
_pdbx_database_status.methods_development_category    ? 
_pdbx_database_status.status_code_nmr_data            ? 
# 
_audit_author.name           'Cody, V.' 
_audit_author.pdbx_ordinal   1 
# 
_citation.id                        primary 
_citation.title                     
;Kinetic and structural analysis for potent antifolate inhibition of Pneumocystis jirovecii, Pneumocystis carinii, and human dihydrofolate reductases and their active-site variants.
;
_citation.journal_abbrev            'Antimicrob.Agents Chemother.' 
_citation.journal_volume            57 
_citation.page_first                2669 
_citation.page_last                 2677 
_citation.year                      2013 
_citation.journal_id_ASTM           AMACCQ 
_citation.country                   US 
_citation.journal_id_ISSN           0066-4804 
_citation.journal_id_CSD            0788 
_citation.book_publisher            ? 
_citation.pdbx_database_id_PubMed   23545530 
_citation.pdbx_database_id_DOI      10.1128/AAC.00172-13 
# 
loop_
_citation_author.citation_id 
_citation_author.name 
_citation_author.ordinal 
_citation_author.identifier_ORCID 
primary 'Cody, V.'      1 ? 
primary 'Pace, J.'      2 ? 
primary 'Queener, S.F.' 3 ? 
primary 'Adair, O.O.'   4 ? 
primary 'Gangjee, A.'   5 ? 
# 
_cell.entry_id           3OAF 
_cell.length_a           84.128 
_cell.length_b           84.128 
_cell.length_c           78.311 
_cell.angle_alpha        90.00 
_cell.angle_beta         90.00 
_cell.angle_gamma        120.00 
_cell.Z_PDB              9 
_cell.pdbx_unique_axis   ? 
_cell.length_a_esd       ? 
_cell.length_b_esd       ? 
_cell.length_c_esd       ? 
_cell.angle_alpha_esd    ? 
_cell.angle_beta_esd     ? 
_cell.angle_gamma_esd    ? 
# 
_symmetry.entry_id                         3OAF 
_symmetry.space_group_name_H-M             'H 3' 
_symmetry.pdbx_full_space_group_name_H-M   ? 
_symmetry.cell_setting                     ? 
_symmetry.Int_Tables_number                146 
_symmetry.space_group_name_Hall            ? 
# 
loop_
_entity.id 
_entity.type 
_entity.src_method 
_entity.pdbx_description 
_entity.formula_weight 
_entity.pdbx_number_of_molecules 
_entity.pdbx_ec 
_entity.pdbx_mutation 
_entity.pdbx_fragment 
_entity.details 
1 polymer     man 'Dihydrofolate reductase'                                                  21341.545 1  1.5.1.3 'Q35S, N64F' 
'human dihydrofolate reductase' ? 
2 non-polymer syn '6-{[(2,5-dichlorophenyl)amino]methyl}pyrido[2,3-d]pyrimidine-2,4-diamine' 335.191   1  ?       ?            ? ? 
3 non-polymer syn 'SULFATE ION'                                                              96.063    5  ?       ?            ? ? 
4 water       nat water                                                                      18.015    97 ?       ?            ? ? 
# 
_entity_poly.entity_id                      1 
_entity_poly.type                           'polypeptide(L)' 
_entity_poly.nstd_linkage                   no 
_entity_poly.nstd_monomer                   no 
_entity_poly.pdbx_seq_one_letter_code       
;VGSLNCIVAVSQNMGIGKNGDLPWPPLRNEFRYFSRMTTTSSVEGKQNLVIMGKKTWFSIPEKFRPLKGRINLVLSRELK
EPPQGAHFLSRSLDDALKLTEQPELANKVDMVWIVGGSSVYKEAMNHPGHLKLFVTRIMQDFESDTFFPEIDLEKYKLLP
EYPGVLSDVQEEKGIKYKFEVYEKND
;
_entity_poly.pdbx_seq_one_letter_code_can   
;VGSLNCIVAVSQNMGIGKNGDLPWPPLRNEFRYFSRMTTTSSVEGKQNLVIMGKKTWFSIPEKFRPLKGRINLVLSRELK
EPPQGAHFLSRSLDDALKLTEQPELANKVDMVWIVGGSSVYKEAMNHPGHLKLFVTRIMQDFESDTFFPEIDLEKYKLLP
EYPGVLSDVQEEKGIKYKFEVYEKND
;
_entity_poly.pdbx_strand_id                 A 
_entity_poly.pdbx_target_identifier         ? 
# 
loop_
_entity_poly_seq.entity_id 
_entity_poly_seq.num 
_entity_poly_seq.mon_id 
_entity_poly_seq.hetero 
1 1   VAL n 
1 2   GLY n 
1 3   SER n 
1 4   LEU n 
1 5   ASN n 
1 6   CYS n 
1 7   ILE n 
1 8   VAL n 
1 9   ALA n 
1 10  VAL n 
1 11  SER n 
1 12  GLN n 
1 13  ASN n 
1 14  MET n 
1 15  GLY n 
1 16  ILE n 
1 17  GLY n 
1 18  LYS n 
1 19  ASN n 
1 20  GLY n 
1 21  ASP n 
1 22  LEU n 
1 23  PRO n 
1 24  TRP n 
1 25  PRO n 
1 26  PRO n 
1 27  LEU n 
1 28  ARG n 
1 29  ASN n 
1 30  GLU n 
1 31  PHE n 
1 32  ARG n 
1 33  TYR n 
1 34  PHE n 
1 35  SER n 
1 36  ARG n 
1 37  MET n 
1 38  THR n 
1 39  THR n 
1 40  THR n 
1 41  SER n 
1 42  SER n 
1 43  VAL n 
1 44  GLU n 
1 45  GLY n 
1 46  LYS n 
1 47  GLN n 
1 48  ASN n 
1 49  LEU n 
1 50  VAL n 
1 51  ILE n 
1 52  MET n 
1 53  GLY n 
1 54  LYS n 
1 55  LYS n 
1 56  THR n 
1 57  TRP n 
1 58  PHE n 
1 59  SER n 
1 60  ILE n 
1 61  PRO n 
1 62  GLU n 
1 63  LYS n 
1 64  PHE n 
1 65  ARG n 
1 66  PRO n 
1 67  LEU n 
1 68  LYS n 
1 69  GLY n 
1 70  ARG n 
1 71  ILE n 
1 72  ASN n 
1 73  LEU n 
1 74  VAL n 
1 75  LEU n 
1 76  SER n 
1 77  ARG n 
1 78  GLU n 
1 79  LEU n 
1 80  LYS n 
1 81  GLU n 
1 82  PRO n 
1 83  PRO n 
1 84  GLN n 
1 85  GLY n 
1 86  ALA n 
1 87  HIS n 
1 88  PHE n 
1 89  LEU n 
1 90  SER n 
1 91  ARG n 
1 92  SER n 
1 93  LEU n 
1 94  ASP n 
1 95  ASP n 
1 96  ALA n 
1 97  LEU n 
1 98  LYS n 
1 99  LEU n 
1 100 THR n 
1 101 GLU n 
1 102 GLN n 
1 103 PRO n 
1 104 GLU n 
1 105 LEU n 
1 106 ALA n 
1 107 ASN n 
1 108 LYS n 
1 109 VAL n 
1 110 ASP n 
1 111 MET n 
1 112 VAL n 
1 113 TRP n 
1 114 ILE n 
1 115 VAL n 
1 116 GLY n 
1 117 GLY n 
1 118 SER n 
1 119 SER n 
1 120 VAL n 
1 121 TYR n 
1 122 LYS n 
1 123 GLU n 
1 124 ALA n 
1 125 MET n 
1 126 ASN n 
1 127 HIS n 
1 128 PRO n 
1 129 GLY n 
1 130 HIS n 
1 131 LEU n 
1 132 LYS n 
1 133 LEU n 
1 134 PHE n 
1 135 VAL n 
1 136 THR n 
1 137 ARG n 
1 138 ILE n 
1 139 MET n 
1 140 GLN n 
1 141 ASP n 
1 142 PHE n 
1 143 GLU n 
1 144 SER n 
1 145 ASP n 
1 146 THR n 
1 147 PHE n 
1 148 PHE n 
1 149 PRO n 
1 150 GLU n 
1 151 ILE n 
1 152 ASP n 
1 153 LEU n 
1 154 GLU n 
1 155 LYS n 
1 156 TYR n 
1 157 LYS n 
1 158 LEU n 
1 159 LEU n 
1 160 PRO n 
1 161 GLU n 
1 162 TYR n 
1 163 PRO n 
1 164 GLY n 
1 165 VAL n 
1 166 LEU n 
1 167 SER n 
1 168 ASP n 
1 169 VAL n 
1 170 GLN n 
1 171 GLU n 
1 172 GLU n 
1 173 LYS n 
1 174 GLY n 
1 175 ILE n 
1 176 LYS n 
1 177 TYR n 
1 178 LYS n 
1 179 PHE n 
1 180 GLU n 
1 181 VAL n 
1 182 TYR n 
1 183 GLU n 
1 184 LYS n 
1 185 ASN n 
1 186 ASP n 
# 
_entity_src_gen.entity_id                          1 
_entity_src_gen.pdbx_src_id                        1 
_entity_src_gen.pdbx_alt_source_flag               sample 
_entity_src_gen.pdbx_seq_type                      ? 
_entity_src_gen.pdbx_beg_seq_num                   ? 
_entity_src_gen.pdbx_end_seq_num                   ? 
_entity_src_gen.gene_src_common_name               human 
_entity_src_gen.gene_src_genus                     ? 
_entity_src_gen.pdbx_gene_src_gene                 'DHFR, DHFRP1' 
_entity_src_gen.gene_src_species                   ? 
_entity_src_gen.gene_src_strain                    ? 
_entity_src_gen.gene_src_tissue                    ? 
_entity_src_gen.gene_src_tissue_fraction           ? 
_entity_src_gen.gene_src_details                   ? 
_entity_src_gen.pdbx_gene_src_fragment             ? 
_entity_src_gen.pdbx_gene_src_scientific_name      'Homo sapiens' 
_entity_src_gen.pdbx_gene_src_ncbi_taxonomy_id     9606 
_entity_src_gen.pdbx_gene_src_variant              ? 
_entity_src_gen.pdbx_gene_src_cell_line            ? 
_entity_src_gen.pdbx_gene_src_atcc                 ? 
_entity_src_gen.pdbx_gene_src_organ                ? 
_entity_src_gen.pdbx_gene_src_organelle            ? 
_entity_src_gen.pdbx_gene_src_cell                 ? 
_entity_src_gen.pdbx_gene_src_cellular_location    ? 
_entity_src_gen.host_org_common_name               ? 
_entity_src_gen.pdbx_host_org_scientific_name      'Escherichia coli' 
_entity_src_gen.pdbx_host_org_ncbi_taxonomy_id     469008 
_entity_src_gen.host_org_genus                     ? 
_entity_src_gen.pdbx_host_org_gene                 ? 
_entity_src_gen.pdbx_host_org_organ                ? 
_entity_src_gen.host_org_species                   ? 
_entity_src_gen.pdbx_host_org_tissue               ? 
_entity_src_gen.pdbx_host_org_tissue_fraction      ? 
_entity_src_gen.pdbx_host_org_strain               BL21DE3 
_entity_src_gen.pdbx_host_org_variant              ? 
_entity_src_gen.pdbx_host_org_cell_line            ? 
_entity_src_gen.pdbx_host_org_atcc                 ? 
_entity_src_gen.pdbx_host_org_culture_collection   ? 
_entity_src_gen.pdbx_host_org_cell                 ? 
_entity_src_gen.pdbx_host_org_organelle            ? 
_entity_src_gen.pdbx_host_org_cellular_location    ? 
_entity_src_gen.pdbx_host_org_vector_type          plasmid 
_entity_src_gen.pdbx_host_org_vector               ? 
_entity_src_gen.host_org_details                   ? 
_entity_src_gen.expression_system_id               ? 
_entity_src_gen.plasmid_name                       pds5 
_entity_src_gen.plasmid_details                    ? 
_entity_src_gen.pdbx_description                   ? 
# 
_struct_ref.id                         1 
_struct_ref.db_name                    UNP 
_struct_ref.db_code                    DYR_HUMAN 
_struct_ref.pdbx_db_accession          P00374 
_struct_ref.entity_id                  1 
_struct_ref.pdbx_seq_one_letter_code   
;VGSLNCIVAVSQNMGIGKNGDLPWPPLRNEFRYFQRMTTTSSVEGKQNLVIMGKKTWFSIPEKNRPLKGRINLVLSRELK
EPPQGAHFLSRSLDDALKLTEQPELANKVDMVWIVGGSSVYKEAMNHPGHLKLFVTRIMQDFESDTFFPEIDLEKYKLLP
EYPGVLSDVQEEKGIKYKFEVYEKND
;
_struct_ref.pdbx_align_begin           2 
_struct_ref.pdbx_db_isoform            ? 
# 
_struct_ref_seq.align_id                      1 
_struct_ref_seq.ref_id                        1 
_struct_ref_seq.pdbx_PDB_id_code              3OAF 
_struct_ref_seq.pdbx_strand_id                A 
_struct_ref_seq.seq_align_beg                 1 
_struct_ref_seq.pdbx_seq_align_beg_ins_code   ? 
_struct_ref_seq.seq_align_end                 186 
_struct_ref_seq.pdbx_seq_align_end_ins_code   ? 
_struct_ref_seq.pdbx_db_accession             P00374 
_struct_ref_seq.db_align_beg                  2 
_struct_ref_seq.pdbx_db_align_beg_ins_code    ? 
_struct_ref_seq.db_align_end                  187 
_struct_ref_seq.pdbx_db_align_end_ins_code    ? 
_struct_ref_seq.pdbx_auth_seq_align_beg       1 
_struct_ref_seq.pdbx_auth_seq_align_end       186 
# 
loop_
_struct_ref_seq_dif.align_id 
_struct_ref_seq_dif.pdbx_pdb_id_code 
_struct_ref_seq_dif.mon_id 
_struct_ref_seq_dif.pdbx_pdb_strand_id 
_struct_ref_seq_dif.seq_num 
_struct_ref_seq_dif.pdbx_pdb_ins_code 
_struct_ref_seq_dif.pdbx_seq_db_name 
_struct_ref_seq_dif.pdbx_seq_db_accession_code 
_struct_ref_seq_dif.db_mon_id 
_struct_ref_seq_dif.pdbx_seq_db_seq_num 
_struct_ref_seq_dif.details 
_struct_ref_seq_dif.pdbx_auth_seq_num 
_struct_ref_seq_dif.pdbx_ordinal 
1 3OAF SER A 35 ? UNP P00374 GLN 36 'engineered mutation' 35 1 
1 3OAF PHE A 64 ? UNP P00374 ASN 65 'engineered mutation' 64 2 
# 
loop_
_chem_comp.id 
_chem_comp.type 
_chem_comp.mon_nstd_flag 
_chem_comp.name 
_chem_comp.pdbx_synonyms 
_chem_comp.formula 
_chem_comp.formula_weight 
ALA 'L-peptide linking' y ALANINE                                                                    ? 'C3 H7 N O2'     89.093  
ARG 'L-peptide linking' y ARGININE                                                                   ? 'C6 H15 N4 O2 1' 175.209 
ASN 'L-peptide linking' y ASPARAGINE                                                                 ? 'C4 H8 N2 O3'    132.118 
ASP 'L-peptide linking' y 'ASPARTIC ACID'                                                            ? 'C4 H7 N O4'     133.103 
CYS 'L-peptide linking' y CYSTEINE                                                                   ? 'C3 H7 N O2 S'   121.158 
GLN 'L-peptide linking' y GLUTAMINE                                                                  ? 'C5 H10 N2 O3'   146.144 
GLU 'L-peptide linking' y 'GLUTAMIC ACID'                                                            ? 'C5 H9 N O4'     147.129 
GLY 'peptide linking'   y GLYCINE                                                                    ? 'C2 H5 N O2'     75.067  
HIS 'L-peptide linking' y HISTIDINE                                                                  ? 'C6 H10 N3 O2 1' 156.162 
HOH non-polymer         . WATER                                                                      ? 'H2 O'           18.015  
ILE 'L-peptide linking' y ISOLEUCINE                                                                 ? 'C6 H13 N O2'    131.173 
LEU 'L-peptide linking' y LEUCINE                                                                    ? 'C6 H13 N O2'    131.173 
LYS 'L-peptide linking' y LYSINE                                                                     ? 'C6 H15 N2 O2 1' 147.195 
MET 'L-peptide linking' y METHIONINE                                                                 ? 'C5 H11 N O2 S'  149.211 
OAG non-polymer         . '6-{[(2,5-dichlorophenyl)amino]methyl}pyrido[2,3-d]pyrimidine-2,4-diamine' ? 'C14 H12 Cl2 N6' 335.191 
PHE 'L-peptide linking' y PHENYLALANINE                                                              ? 'C9 H11 N O2'    165.189 
PRO 'L-peptide linking' y PROLINE                                                                    ? 'C5 H9 N O2'     115.130 
SER 'L-peptide linking' y SERINE                                                                     ? 'C3 H7 N O3'     105.093 
SO4 non-polymer         . 'SULFATE ION'                                                              ? 'O4 S -2'        96.063  
THR 'L-peptide linking' y THREONINE                                                                  ? 'C4 H9 N O3'     119.119 
TRP 'L-peptide linking' y TRYPTOPHAN                                                                 ? 'C11 H12 N2 O2'  204.225 
TYR 'L-peptide linking' y TYROSINE                                                                   ? 'C9 H11 N O3'    181.189 
VAL 'L-peptide linking' y VALINE                                                                     ? 'C5 H11 N O2'    117.146 
# 
_exptl.entry_id          3OAF 
_exptl.method            'X-RAY DIFFRACTION' 
_exptl.crystals_number   1 
# 
_exptl_crystal.id                    1 
_exptl_crystal.density_meas          ? 
_exptl_crystal.density_Matthews      2.50 
_exptl_crystal.density_percent_sol   50.78 
_exptl_crystal.description           ? 
_exptl_crystal.F_000                 ? 
_exptl_crystal.preparation           ? 
# 
_exptl_crystal_grow.crystal_id      1 
_exptl_crystal_grow.method          'VAPOR DIFFUSION, HANGING DROP' 
_exptl_crystal_grow.temp            287 
_exptl_crystal_grow.temp_details    ? 
_exptl_crystal_grow.pH              6.9 
_exptl_crystal_grow.pdbx_details    
'100 mM K2HPO4, 60% saturated Ammonium Sulfate, 3% v/v ethanol, pH 6.9, VAPOR DIFFUSION, HANGING DROP, temperature 287K' 
_exptl_crystal_grow.pdbx_pH_range   ? 
# 
_diffrn.id                     1 
_diffrn.ambient_temp           200.0 
_diffrn.ambient_temp_details   ? 
_diffrn.crystal_id             1 
# 
_diffrn_detector.diffrn_id              1 
_diffrn_detector.detector               CCD 
_diffrn_detector.type                   'MARMOSAIC 325 mm CCD' 
_diffrn_detector.pdbx_collection_date   2010-06-21 
_diffrn_detector.details                mirrors 
# 
_diffrn_radiation.diffrn_id                        1 
_diffrn_radiation.wavelength_id                    1 
_diffrn_radiation.pdbx_monochromatic_or_laue_m_l   M 
_diffrn_radiation.monochromator                    graphite 
_diffrn_radiation.pdbx_diffrn_protocol             'SINGLE WAVELENGTH' 
_diffrn_radiation.pdbx_scattering_type             x-ray 
# 
_diffrn_radiation_wavelength.id           1 
_diffrn_radiation_wavelength.wavelength   0.975 
_diffrn_radiation_wavelength.wt           1.0 
# 
_diffrn_source.diffrn_id                   1 
_diffrn_source.source                      SYNCHROTRON 
_diffrn_source.type                        'SSRL BEAMLINE BL9-2' 
_diffrn_source.pdbx_synchrotron_site       SSRL 
_diffrn_source.pdbx_synchrotron_beamline   BL9-2 
_diffrn_source.pdbx_wavelength             ? 
_diffrn_source.pdbx_wavelength_list        0.975 
# 
_reflns.entry_id                     3OAF 
_reflns.observed_criterion_sigma_I   2.0 
_reflns.observed_criterion_sigma_F   2.0 
_reflns.d_resolution_low             53.3 
_reflns.d_resolution_high            1.70 
_reflns.number_obs                   21273 
_reflns.number_all                   31164 
_reflns.percent_possible_obs         93.5 
_reflns.pdbx_Rmerge_I_obs            0.16 
_reflns.pdbx_Rsym_value              0.074 
_reflns.pdbx_netI_over_sigmaI        5.8 
_reflns.B_iso_Wilson_estimate        24.5 
_reflns.pdbx_redundancy              5.3 
_reflns.R_free_details               ? 
_reflns.limit_h_max                  ? 
_reflns.limit_h_min                  ? 
_reflns.limit_k_max                  ? 
_reflns.limit_k_min                  ? 
_reflns.limit_l_max                  ? 
_reflns.limit_l_min                  ? 
_reflns.observed_criterion_F_max     ? 
_reflns.observed_criterion_F_min     ? 
_reflns.pdbx_chi_squared             ? 
_reflns.pdbx_scaling_rejects         ? 
_reflns.pdbx_ordinal                 1 
_reflns.pdbx_diffrn_id               1 
# 
_reflns_shell.d_res_high             1.70 
_reflns_shell.d_res_low              1.79 
_reflns_shell.percent_possible_all   66.7 
_reflns_shell.Rmerge_I_obs           0.76 
_reflns_shell.pdbx_Rsym_value        0.43 
_reflns_shell.meanI_over_sigI_obs    1.5 
_reflns_shell.pdbx_redundancy        4.0 
_reflns_shell.percent_possible_obs   ? 
_reflns_shell.number_unique_all      2222 
_reflns_shell.number_measured_all    ? 
_reflns_shell.number_measured_obs    ? 
_reflns_shell.number_unique_obs      ? 
_reflns_shell.pdbx_chi_squared       ? 
_reflns_shell.pdbx_ordinal           1 
_reflns_shell.pdbx_diffrn_id         1 
# 
_refine.entry_id                                 3OAF 
_refine.ls_number_reflns_obs                     20183 
_refine.ls_number_reflns_all                     21273 
_refine.pdbx_ls_sigma_I                          2.0 
_refine.pdbx_ls_sigma_F                          2.0 
_refine.pdbx_data_cutoff_high_absF               ? 
_refine.pdbx_data_cutoff_low_absF                ? 
_refine.pdbx_data_cutoff_high_rms_absF           ? 
_refine.ls_d_res_low                             42.07 
_refine.ls_d_res_high                            1.70 
_refine.ls_percent_reflns_obs                    93.50 
_refine.ls_R_factor_obs                          .20767 
_refine.ls_R_factor_all                          ? 
_refine.ls_R_factor_R_work                       .20531 
_refine.ls_R_factor_R_free                       .25304 
_refine.ls_R_factor_R_free_error                 ? 
_refine.ls_R_factor_R_free_error_details         ? 
_refine.ls_percent_reflns_R_free                 5.1 
_refine.ls_number_reflns_R_free                  1090 
_refine.ls_number_parameters                     ? 
_refine.ls_number_restraints                     ? 
_refine.occupancy_min                            ? 
_refine.occupancy_max                            ? 
_refine.correlation_coeff_Fo_to_Fc               .943 
_refine.correlation_coeff_Fo_to_Fc_free          .918 
_refine.B_iso_mean                               18.905 
_refine.aniso_B[1][1]                            .01 
_refine.aniso_B[2][2]                            .01 
_refine.aniso_B[3][3]                            -.01 
_refine.aniso_B[1][2]                            .00 
_refine.aniso_B[1][3]                            .00 
_refine.aniso_B[2][3]                            .00 
_refine.solvent_model_details                    MASK 
_refine.solvent_model_param_ksol                 ? 
_refine.solvent_model_param_bsol                 ? 
_refine.pdbx_solvent_vdw_probe_radii             1.40 
_refine.pdbx_solvent_ion_probe_radii             .80 
_refine.pdbx_solvent_shrinkage_radii             .80 
_refine.pdbx_ls_cross_valid_method               THROUGHOUT 
_refine.details                                  'HYDROGENS HAVE BEEN ADDED IN THE RIDING POSITIONS' 
_refine.pdbx_starting_model                      1u72 
_refine.pdbx_method_to_determine_struct          'MOLECULAR REPLACEMENT' 
_refine.pdbx_isotropic_thermal_model             isotropic 
_refine.pdbx_stereochemistry_target_values       'MAXIMUM LIKELIHOOD' 
_refine.pdbx_stereochem_target_val_spec_case     ? 
_refine.pdbx_R_Free_selection_details            RANDOM 
_refine.pdbx_overall_ESU_R_Free                  .128 
_refine.overall_SU_ML                            .087 
_refine.overall_SU_B                             2.647 
_refine.overall_SU_R_Cruickshank_DPI             ? 
_refine.ls_redundancy_reflns_obs                 ? 
_refine.B_iso_min                                ? 
_refine.B_iso_max                                ? 
_refine.overall_SU_R_free                        ? 
_refine.ls_wR_factor_R_free                      ? 
_refine.ls_wR_factor_R_work                      ? 
_refine.overall_FOM_free_R_set                   ? 
_refine.overall_FOM_work_R_set                   ? 
_refine.pdbx_overall_phase_error                 ? 
_refine.pdbx_refine_id                           'X-RAY DIFFRACTION' 
_refine.pdbx_diffrn_id                           1 
_refine.pdbx_overall_ESU_R                       ? 
_refine.pdbx_TLS_residual_ADP_flag               ? 
_refine.pdbx_overall_SU_R_free_Cruickshank_DPI   ? 
_refine.pdbx_overall_SU_R_Blow_DPI               ? 
_refine.pdbx_overall_SU_R_free_Blow_DPI          ? 
# 
_refine_analyze.entry_id                        3OAF 
_refine_analyze.Luzzati_coordinate_error_obs    0.217 
_refine_analyze.Luzzati_sigma_a_obs             ? 
_refine_analyze.Luzzati_d_res_low_obs           ? 
_refine_analyze.Luzzati_coordinate_error_free   ? 
_refine_analyze.Luzzati_sigma_a_free            ? 
_refine_analyze.Luzzati_d_res_low_free          ? 
_refine_analyze.number_disordered_residues      ? 
_refine_analyze.occupancy_sum_hydrogen          ? 
_refine_analyze.occupancy_sum_non_hydrogen      ? 
_refine_analyze.pdbx_Luzzati_d_res_high_obs     ? 
_refine_analyze.pdbx_refine_id                  'X-RAY DIFFRACTION' 
# 
_refine_hist.pdbx_refine_id                   'X-RAY DIFFRACTION' 
_refine_hist.cycle_id                         LAST 
_refine_hist.pdbx_number_atoms_protein        1502 
_refine_hist.pdbx_number_atoms_nucleic_acid   0 
_refine_hist.pdbx_number_atoms_ligand         47 
_refine_hist.number_atoms_solvent             97 
_refine_hist.number_atoms_total               1646 
_refine_hist.d_res_high                       1.70 
_refine_hist.d_res_low                        42.07 
# 
loop_
_refine_ls_restr.type 
_refine_ls_restr.dev_ideal 
_refine_ls_restr.dev_ideal_target 
_refine_ls_restr.weight 
_refine_ls_restr.number 
_refine_ls_restr.pdbx_refine_id 
_refine_ls_restr.pdbx_restraint_function 
r_bond_refined_d       .026   .022   ? 1582 'X-RAY DIFFRACTION' ? 
r_angle_refined_deg    2.183  2.009  ? 2140 'X-RAY DIFFRACTION' ? 
r_dihedral_angle_1_deg 6.816  5.000  ? 185  'X-RAY DIFFRACTION' ? 
r_dihedral_angle_2_deg 34.730 24.571 ? 70   'X-RAY DIFFRACTION' ? 
r_dihedral_angle_3_deg 16.486 15.000 ? 285  'X-RAY DIFFRACTION' ? 
r_dihedral_angle_4_deg 16.279 15.000 ? 8    'X-RAY DIFFRACTION' ? 
r_chiral_restr         .258   .200   ? 222  'X-RAY DIFFRACTION' ? 
r_gen_planes_refined   .012   .021   ? 1180 'X-RAY DIFFRACTION' ? 
r_mcbond_it            1.300  1.500  ? 929  'X-RAY DIFFRACTION' ? 
r_mcangle_it           2.148  2.000  ? 1509 'X-RAY DIFFRACTION' ? 
r_scbond_it            3.706  3.000  ? 653  'X-RAY DIFFRACTION' ? 
r_scangle_it           5.471  4.500  ? 631  'X-RAY DIFFRACTION' ? 
# 
_refine_ls_shell.pdbx_total_number_of_bins_used   20 
_refine_ls_shell.d_res_high                       1.700 
_refine_ls_shell.d_res_low                        1.744 
_refine_ls_shell.number_reflns_R_work             996 
_refine_ls_shell.R_factor_R_work                  .341 
_refine_ls_shell.percent_reflns_obs               62.30 
_refine_ls_shell.R_factor_R_free                  .385 
_refine_ls_shell.R_factor_R_free_error            ? 
_refine_ls_shell.percent_reflns_R_free            ? 
_refine_ls_shell.number_reflns_R_free             60 
_refine_ls_shell.number_reflns_all                ? 
_refine_ls_shell.R_factor_all                     ? 
_refine_ls_shell.number_reflns_obs                ? 
_refine_ls_shell.redundancy_reflns_obs            ? 
_refine_ls_shell.pdbx_refine_id                   'X-RAY DIFFRACTION' 
# 
_struct.entry_id                  3OAF 
_struct.title                     
;Structural and Kinetic Data for Antifolate Interactions Against Pneumocystis jirovecii, Pneumocystis carinii and Human Dihydrofolate Reductase and Thier Active Site Mutants
;
_struct.pdbx_model_details        ? 
_struct.pdbx_CASP_flag            ? 
_struct.pdbx_model_type_details   ? 
# 
_struct_keywords.entry_id        3OAF 
_struct_keywords.pdbx_keywords   OXIDOREDUCTASE/INHIBITOR 
_struct_keywords.text            'hDHFR inhibitor complexes, OXIDOREDUCTASE-INHIBITOR complex' 
# 
loop_
_struct_asym.id 
_struct_asym.pdbx_blank_PDB_chainid_flag 
_struct_asym.pdbx_modified 
_struct_asym.entity_id 
_struct_asym.details 
A N N 1 ? 
B N N 2 ? 
C N N 3 ? 
D N N 3 ? 
E N N 3 ? 
F N N 3 ? 
G N N 3 ? 
H N N 4 ? 
# 
_struct_biol.id        1 
_struct_biol.details   ? 
# 
loop_
_struct_conf.conf_type_id 
_struct_conf.id 
_struct_conf.pdbx_PDB_helix_id 
_struct_conf.beg_label_comp_id 
_struct_conf.beg_label_asym_id 
_struct_conf.beg_label_seq_id 
_struct_conf.pdbx_beg_PDB_ins_code 
_struct_conf.end_label_comp_id 
_struct_conf.end_label_asym_id 
_struct_conf.end_label_seq_id 
_struct_conf.pdbx_end_PDB_ins_code 
_struct_conf.beg_auth_comp_id 
_struct_conf.beg_auth_asym_id 
_struct_conf.beg_auth_seq_id 
_struct_conf.end_auth_comp_id 
_struct_conf.end_auth_asym_id 
_struct_conf.end_auth_seq_id 
_struct_conf.pdbx_PDB_helix_class 
_struct_conf.details 
_struct_conf.pdbx_PDB_helix_length 
HELX_P HELX_P1 1 LEU A 27  ? THR A 40  ? LEU A 27  THR A 40  1 ? 14 
HELX_P HELX_P2 2 LYS A 54  ? ILE A 60  ? LYS A 54  ILE A 60  1 ? 7  
HELX_P HELX_P3 3 PRO A 61  ? ARG A 65  ? PRO A 61  ARG A 65  5 ? 5  
HELX_P HELX_P4 4 SER A 92  ? GLN A 102 ? SER A 92  GLN A 102 1 ? 11 
HELX_P HELX_P5 5 GLN A 102 ? ASN A 107 ? GLN A 102 ASN A 107 1 ? 6  
HELX_P HELX_P6 6 GLY A 117 ? ASN A 126 ? GLY A 117 ASN A 126 1 ? 10 
# 
_struct_conf_type.id          HELX_P 
_struct_conf_type.criteria    ? 
_struct_conf_type.reference   ? 
# 
loop_
_struct_mon_prot_cis.pdbx_id 
_struct_mon_prot_cis.label_comp_id 
_struct_mon_prot_cis.label_seq_id 
_struct_mon_prot_cis.label_asym_id 
_struct_mon_prot_cis.label_alt_id 
_struct_mon_prot_cis.pdbx_PDB_ins_code 
_struct_mon_prot_cis.auth_comp_id 
_struct_mon_prot_cis.auth_seq_id 
_struct_mon_prot_cis.auth_asym_id 
_struct_mon_prot_cis.pdbx_label_comp_id_2 
_struct_mon_prot_cis.pdbx_label_seq_id_2 
_struct_mon_prot_cis.pdbx_label_asym_id_2 
_struct_mon_prot_cis.pdbx_PDB_ins_code_2 
_struct_mon_prot_cis.pdbx_auth_comp_id_2 
_struct_mon_prot_cis.pdbx_auth_seq_id_2 
_struct_mon_prot_cis.pdbx_auth_asym_id_2 
_struct_mon_prot_cis.pdbx_PDB_model_num 
_struct_mon_prot_cis.pdbx_omega_angle 
1 ARG 65  A . ? ARG 65  A PRO 66  A ? PRO 66  A 1 -15.08 
2 GLY 116 A . ? GLY 116 A GLY 117 A ? GLY 117 A 1 2.04   
# 
loop_
_struct_sheet.id 
_struct_sheet.type 
_struct_sheet.number_strands 
_struct_sheet.details 
A ? 8 ? 
B ? 8 ? 
C ? 2 ? 
# 
loop_
_struct_sheet_order.sheet_id 
_struct_sheet_order.range_id_1 
_struct_sheet_order.range_id_2 
_struct_sheet_order.offset 
_struct_sheet_order.sense 
A 1 2 ? parallel      
A 2 3 ? parallel      
A 3 4 ? parallel      
A 4 5 ? parallel      
A 5 6 ? parallel      
A 6 7 ? anti-parallel 
A 7 8 ? anti-parallel 
B 1 2 ? parallel      
B 2 3 ? parallel      
B 3 4 ? parallel      
B 4 5 ? parallel      
B 5 6 ? parallel      
B 6 7 ? anti-parallel 
B 7 8 ? anti-parallel 
C 1 2 ? anti-parallel 
# 
loop_
_struct_sheet_range.sheet_id 
_struct_sheet_range.id 
_struct_sheet_range.beg_label_comp_id 
_struct_sheet_range.beg_label_asym_id 
_struct_sheet_range.beg_label_seq_id 
_struct_sheet_range.pdbx_beg_PDB_ins_code 
_struct_sheet_range.end_label_comp_id 
_struct_sheet_range.end_label_asym_id 
_struct_sheet_range.end_label_seq_id 
_struct_sheet_range.pdbx_end_PDB_ins_code 
_struct_sheet_range.beg_auth_comp_id 
_struct_sheet_range.beg_auth_asym_id 
_struct_sheet_range.beg_auth_seq_id 
_struct_sheet_range.end_auth_comp_id 
_struct_sheet_range.end_auth_asym_id 
_struct_sheet_range.end_auth_seq_id 
A 1 PHE A 88  ? SER A 90  ? PHE A 88  SER A 90  
A 2 ARG A 70  ? LEU A 75  ? ARG A 70  LEU A 75  
A 3 GLN A 47  ? GLY A 53  ? GLN A 47  GLY A 53  
A 4 VAL A 109 ? GLY A 116 ? VAL A 109 GLY A 116 
A 5 LEU A 4   ? VAL A 10  ? LEU A 4   VAL A 10  
A 6 HIS A 130 ? ILE A 138 ? HIS A 130 ILE A 138 
A 7 ILE A 175 ? ASN A 185 ? ILE A 175 ASN A 185 
A 8 LYS A 157 ? LEU A 158 ? LYS A 157 LEU A 158 
B 1 PHE A 88  ? SER A 90  ? PHE A 88  SER A 90  
B 2 ARG A 70  ? LEU A 75  ? ARG A 70  LEU A 75  
B 3 GLN A 47  ? GLY A 53  ? GLN A 47  GLY A 53  
B 4 VAL A 109 ? GLY A 116 ? VAL A 109 GLY A 116 
B 5 LEU A 4   ? VAL A 10  ? LEU A 4   VAL A 10  
B 6 HIS A 130 ? ILE A 138 ? HIS A 130 ILE A 138 
B 7 ILE A 175 ? ASN A 185 ? ILE A 175 ASN A 185 
B 8 GLN A 170 ? GLU A 172 ? GLN A 170 GLU A 172 
C 1 GLY A 15  ? GLY A 17  ? GLY A 15  GLY A 17  
C 2 THR A 146 ? PHE A 147 ? THR A 146 PHE A 147 
# 
loop_
_pdbx_struct_sheet_hbond.sheet_id 
_pdbx_struct_sheet_hbond.range_id_1 
_pdbx_struct_sheet_hbond.range_id_2 
_pdbx_struct_sheet_hbond.range_1_label_atom_id 
_pdbx_struct_sheet_hbond.range_1_label_comp_id 
_pdbx_struct_sheet_hbond.range_1_label_asym_id 
_pdbx_struct_sheet_hbond.range_1_label_seq_id 
_pdbx_struct_sheet_hbond.range_1_PDB_ins_code 
_pdbx_struct_sheet_hbond.range_1_auth_atom_id 
_pdbx_struct_sheet_hbond.range_1_auth_comp_id 
_pdbx_struct_sheet_hbond.range_1_auth_asym_id 
_pdbx_struct_sheet_hbond.range_1_auth_seq_id 
_pdbx_struct_sheet_hbond.range_2_label_atom_id 
_pdbx_struct_sheet_hbond.range_2_label_comp_id 
_pdbx_struct_sheet_hbond.range_2_label_asym_id 
_pdbx_struct_sheet_hbond.range_2_label_seq_id 
_pdbx_struct_sheet_hbond.range_2_PDB_ins_code 
_pdbx_struct_sheet_hbond.range_2_auth_atom_id 
_pdbx_struct_sheet_hbond.range_2_auth_comp_id 
_pdbx_struct_sheet_hbond.range_2_auth_asym_id 
_pdbx_struct_sheet_hbond.range_2_auth_seq_id 
A 1 2 O PHE A 88  ? O PHE A 88  N VAL A 74  ? N VAL A 74  
A 2 3 O ILE A 71  ? O ILE A 71  N VAL A 50  ? N VAL A 50  
A 3 4 N LEU A 49  ? N LEU A 49  O TRP A 113 ? O TRP A 113 
A 4 5 O ILE A 114 ? O ILE A 114 N ASN A 5   ? N ASN A 5   
A 5 6 N VAL A 10  ? N VAL A 10  O ILE A 138 ? O ILE A 138 
A 6 7 N LEU A 131 ? N LEU A 131 O LYS A 184 ? O LYS A 184 
A 7 8 O GLU A 183 ? O GLU A 183 N LYS A 157 ? N LYS A 157 
B 1 2 O PHE A 88  ? O PHE A 88  N VAL A 74  ? N VAL A 74  
B 2 3 O ILE A 71  ? O ILE A 71  N VAL A 50  ? N VAL A 50  
B 3 4 N LEU A 49  ? N LEU A 49  O TRP A 113 ? O TRP A 113 
B 4 5 O ILE A 114 ? O ILE A 114 N ASN A 5   ? N ASN A 5   
B 5 6 N VAL A 10  ? N VAL A 10  O ILE A 138 ? O ILE A 138 
B 6 7 N LEU A 131 ? N LEU A 131 O LYS A 184 ? O LYS A 184 
B 7 8 O TYR A 177 ? O TYR A 177 N GLN A 170 ? N GLN A 170 
C 1 2 N ILE A 16  ? N ILE A 16  O THR A 146 ? O THR A 146 
# 
loop_
_struct_site.id 
_struct_site.pdbx_evidence_code 
_struct_site.pdbx_auth_asym_id 
_struct_site.pdbx_auth_comp_id 
_struct_site.pdbx_auth_seq_id 
_struct_site.pdbx_auth_ins_code 
_struct_site.pdbx_num_residues 
_struct_site.details 
AC1 Software A OAG 187 ? 10 'BINDING SITE FOR RESIDUE OAG A 187' 
AC2 Software A SO4 188 ? 5  'BINDING SITE FOR RESIDUE SO4 A 188' 
AC3 Software A SO4 189 ? 5  'BINDING SITE FOR RESIDUE SO4 A 189' 
AC4 Software A SO4 190 ? 4  'BINDING SITE FOR RESIDUE SO4 A 190' 
AC5 Software A SO4 191 ? 2  'BINDING SITE FOR RESIDUE SO4 A 191' 
AC6 Software A SO4 192 ? 4  'BINDING SITE FOR RESIDUE SO4 A 192' 
# 
loop_
_struct_site_gen.id 
_struct_site_gen.site_id 
_struct_site_gen.pdbx_num_res 
_struct_site_gen.label_comp_id 
_struct_site_gen.label_asym_id 
_struct_site_gen.label_seq_id 
_struct_site_gen.pdbx_auth_ins_code 
_struct_site_gen.auth_comp_id 
_struct_site_gen.auth_asym_id 
_struct_site_gen.auth_seq_id 
_struct_site_gen.label_atom_id 
_struct_site_gen.label_alt_id 
_struct_site_gen.symmetry 
_struct_site_gen.details 
1  AC1 10 ILE A 7   ? ILE A 7   . ? 1_555 ? 
2  AC1 10 VAL A 8   ? VAL A 8   . ? 1_555 ? 
3  AC1 10 ALA A 9   ? ALA A 9   . ? 1_555 ? 
4  AC1 10 GLU A 30  ? GLU A 30  . ? 1_555 ? 
5  AC1 10 PHE A 31  ? PHE A 31  . ? 1_555 ? 
6  AC1 10 PHE A 34  ? PHE A 34  . ? 1_555 ? 
7  AC1 10 SER A 59  ? SER A 59  . ? 1_555 ? 
8  AC1 10 PRO A 61  ? PRO A 61  . ? 1_555 ? 
9  AC1 10 THR A 136 ? THR A 136 . ? 1_555 ? 
10 AC1 10 HOH H .   ? HOH A 276 . ? 1_555 ? 
11 AC2 5  GLY A 53  ? GLY A 53  . ? 1_555 ? 
12 AC2 5  LYS A 54  ? LYS A 54  . ? 1_555 ? 
13 AC2 5  LYS A 55  ? LYS A 55  . ? 1_555 ? 
14 AC2 5  THR A 56  ? THR A 56  . ? 1_555 ? 
15 AC2 5  GLY A 117 ? GLY A 117 . ? 1_555 ? 
16 AC3 5  LYS A 54  ? LYS A 54  . ? 1_555 ? 
17 AC3 5  SER A 76  ? SER A 76  . ? 1_555 ? 
18 AC3 5  ARG A 77  ? ARG A 77  . ? 1_555 ? 
19 AC3 5  GLU A 78  ? GLU A 78  . ? 1_555 ? 
20 AC3 5  HOH H .   ? HOH A 215 . ? 1_555 ? 
21 AC4 4  GLU A 143 ? GLU A 143 . ? 6_445 ? 
22 AC4 4  VAL A 165 ? VAL A 165 . ? 1_555 ? 
23 AC4 4  LEU A 166 ? LEU A 166 . ? 1_555 ? 
24 AC4 4  SER A 167 ? SER A 167 . ? 1_555 ? 
25 AC5 2  LYS A 63  ? LYS A 63  . ? 1_555 ? 
26 AC5 2  LYS A 63  ? LYS A 63  . ? 3_555 ? 
27 AC6 4  PRO A 61  ? PRO A 61  . ? 1_555 ? 
28 AC6 4  GLU A 62  ? GLU A 62  . ? 1_555 ? 
29 AC6 4  ARG A 65  ? ARG A 65  . ? 1_555 ? 
30 AC6 4  LYS A 157 ? LYS A 157 . ? 8_444 ? 
# 
_atom_sites.entry_id                    3OAF 
_atom_sites.fract_transf_matrix[1][1]   -0.00650315 
_atom_sites.fract_transf_matrix[1][2]   -0.00225247 
_atom_sites.fract_transf_matrix[1][3]   0.01187590 
_atom_sites.fract_transf_matrix[2][1]   -0.01370667 
_atom_sites.fract_transf_matrix[2][2]   0.00048442 
_atom_sites.fract_transf_matrix[2][3]   0.00051780 
_atom_sites.fract_transf_matrix[3][1]   -0.00054159 
_atom_sites.fract_transf_matrix[3][2]   -0.01247747 
_atom_sites.fract_transf_matrix[3][3]   -0.00266314 
_atom_sites.fract_transf_vector[1]      -0.159170 
_atom_sites.fract_transf_vector[2]      -0.317612 
_atom_sites.fract_transf_vector[3]      -0.006674 
# 
loop_
_atom_type.symbol 
C  
CL 
N  
O  
S  
# 
loop_
_atom_site.group_PDB 
_atom_site.id 
_atom_site.type_symbol 
_atom_site.label_atom_id 
_atom_site.label_alt_id 
_atom_site.label_comp_id 
_atom_site.label_asym_id 
_atom_site.label_entity_id 
_atom_site.label_seq_id 
_atom_site.pdbx_PDB_ins_code 
_atom_site.Cartn_x 
_atom_site.Cartn_y 
_atom_site.Cartn_z 
_atom_site.occupancy 
_atom_site.B_iso_or_equiv 
_atom_site.pdbx_formal_charge 
_atom_site.auth_seq_id 
_atom_site.auth_comp_id 
_atom_site.auth_asym_id 
_atom_site.auth_atom_id 
_atom_site.pdbx_PDB_model_num 
ATOM   1    N  N     . VAL A 1 1   ? 9.300   -1.835  15.695  1.00 23.46  ? 1   VAL A N     1 
ATOM   2    C  CA    . VAL A 1 1   ? 8.414   -1.783  14.484  1.00 23.07  ? 1   VAL A CA    1 
ATOM   3    C  C     . VAL A 1 1   ? 8.686   -2.997  13.596  1.00 21.72  ? 1   VAL A C     1 
ATOM   4    O  O     . VAL A 1 1   ? 9.870   -3.448  13.501  1.00 21.49  ? 1   VAL A O     1 
ATOM   5    C  CB    . VAL A 1 1   ? 8.674   -0.467  13.715  1.00 24.39  ? 1   VAL A CB    1 
ATOM   6    C  CG1   . VAL A 1 1   ? 7.969   -0.427  12.373  1.00 22.79  ? 1   VAL A CG1   1 
ATOM   7    C  CG2   . VAL A 1 1   ? 8.206   0.716   14.563  1.00 27.37  ? 1   VAL A CG2   1 
ATOM   8    N  N     . GLY A 1 2   ? 7.623   -3.500  12.937  1.00 18.70  ? 2   GLY A N     1 
ATOM   9    C  CA    . GLY A 1 2   ? 7.702   -4.727  12.104  1.00 17.20  ? 2   GLY A CA    1 
ATOM   10   C  C     . GLY A 1 2   ? 8.140   -4.419  10.663  1.00 15.44  ? 2   GLY A C     1 
ATOM   11   O  O     . GLY A 1 2   ? 8.797   -3.389  10.411  1.00 16.44  ? 2   GLY A O     1 
ATOM   12   N  N     . SER A 1 3   ? 7.703   -5.266  9.725   1.00 14.37  ? 3   SER A N     1 
ATOM   13   C  CA    . SER A 1 3   ? 8.149   -5.148  8.332   1.00 13.27  ? 3   SER A CA    1 
ATOM   14   C  C     . SER A 1 3   ? 7.634   -3.908  7.628   1.00 13.25  ? 3   SER A C     1 
ATOM   15   O  O     . SER A 1 3   ? 6.561   -3.361  8.005   1.00 12.19  ? 3   SER A O     1 
ATOM   16   C  CB    . SER A 1 3   ? 7.744   -6.410  7.575   1.00 12.23  ? 3   SER A CB    1 
ATOM   17   O  OG    . SER A 1 3   ? 6.374   -6.442  7.464   1.00 13.97  ? 3   SER A OG    1 
ATOM   18   N  N     . LEU A 1 4   ? 8.383   -3.489  6.603   1.00 13.27  ? 4   LEU A N     1 
ATOM   19   C  CA    . LEU A 1 4   ? 8.015   -2.390  5.708   1.00 10.69  ? 4   LEU A CA    1 
ATOM   20   C  C     . LEU A 1 4   ? 7.553   -3.008  4.394   1.00 9.22   ? 4   LEU A C     1 
ATOM   21   O  O     . LEU A 1 4   ? 8.246   -3.860  3.813   1.00 10.40  ? 4   LEU A O     1 
ATOM   22   C  CB    . LEU A 1 4   ? 9.231   -1.462  5.473   1.00 10.97  ? 4   LEU A CB    1 
ATOM   23   C  CG    . LEU A 1 4   ? 8.984   -0.220  4.589   1.00 12.90  ? 4   LEU A CG    1 
ATOM   24   C  CD1   . LEU A 1 4   ? 7.873   0.645   5.075   1.00 14.77  ? 4   LEU A CD1   1 
ATOM   25   C  CD2   . LEU A 1 4   ? 10.280  0.563   4.557   1.00 17.36  ? 4   LEU A CD2   1 
ATOM   26   N  N     . ASN A 1 5   ? 6.417   -2.557  3.896   1.00 9.00   ? 5   ASN A N     1 
ATOM   27   C  CA    . ASN A 1 5   ? 5.723   -3.191  2.716   1.00 9.93   ? 5   ASN A CA    1 
ATOM   28   C  C     . ASN A 1 5   ? 5.046   -2.141  1.854   1.00 9.86   ? 5   ASN A C     1 
ATOM   29   O  O     . ASN A 1 5   ? 4.539   -1.160  2.397   1.00 13.46  ? 5   ASN A O     1 
ATOM   30   C  CB    . ASN A 1 5   ? 4.617   -4.140  3.284   1.00 8.44   ? 5   ASN A CB    1 
ATOM   31   C  CG    . ASN A 1 5   ? 5.185   -5.167  4.270   1.00 13.14  ? 5   ASN A CG    1 
ATOM   32   O  OD1   . ASN A 1 5   ? 5.811   -6.178  3.872   1.00 10.05  ? 5   ASN A OD1   1 
ATOM   33   N  ND2   . ASN A 1 5   ? 5.123   -4.829  5.545   1.00 11.59  ? 5   ASN A ND2   1 
ATOM   34   N  N     . CYS A 1 6   ? 5.018   -2.329  0.517   1.00 11.98  ? 6   CYS A N     1 
ATOM   35   C  CA    . CYS A 1 6   ? 4.088   -1.627  -0.380  1.00 12.25  ? 6   CYS A CA    1 
ATOM   36   C  C     . CYS A 1 6   ? 2.954   -2.603  -0.768  1.00 10.63  ? 6   CYS A C     1 
ATOM   37   O  O     . CYS A 1 6   ? 3.169   -3.784  -0.810  1.00 10.94  ? 6   CYS A O     1 
ATOM   38   C  CB    . CYS A 1 6   ? 4.783   -1.147  -1.642  1.00 12.81  ? 6   CYS A CB    1 
ATOM   39   S  SG    . CYS A 1 6   ? 6.076   0.116   -1.237  1.00 13.06  ? 6   CYS A SG    1 
ATOM   40   N  N     . ILE A 1 7   ? 1.739   -2.105  -0.914  1.00 8.86   ? 7   ILE A N     1 
ATOM   41   C  CA    . ILE A 1 7   ? 0.697   -2.906  -1.568  1.00 8.86   ? 7   ILE A CA    1 
ATOM   42   C  C     . ILE A 1 7   ? -0.006  -2.096  -2.659  1.00 8.58   ? 7   ILE A C     1 
ATOM   43   O  O     . ILE A 1 7   ? -0.321  -0.910  -2.479  1.00 9.85   ? 7   ILE A O     1 
ATOM   44   C  CB    . ILE A 1 7   ? -0.296  -3.500  -0.494  1.00 8.82   ? 7   ILE A CB    1 
ATOM   45   C  CG1   . ILE A 1 7   ? -1.288  -4.483  -1.156  1.00 10.03  ? 7   ILE A CG1   1 
ATOM   46   C  CG2   . ILE A 1 7   ? -0.913  -2.375  0.318   1.00 12.47  ? 7   ILE A CG2   1 
ATOM   47   C  CD1   . ILE A 1 7   ? -2.042  -5.408  -0.192  1.00 10.31  ? 7   ILE A CD1   1 
ATOM   48   N  N     . VAL A 1 8   ? -0.292  -2.751  -3.787  1.00 8.81   ? 8   VAL A N     1 
ATOM   49   C  CA    . VAL A 1 8   ? -0.786  -2.064  -4.935  1.00 8.34   ? 8   VAL A CA    1 
ATOM   50   C  C     . VAL A 1 8   ? -1.557  -3.042  -5.807  1.00 8.27   ? 8   VAL A C     1 
ATOM   51   O  O     . VAL A 1 8   ? -1.274  -4.223  -5.821  1.00 8.46   ? 8   VAL A O     1 
ATOM   52   C  CB    . VAL A 1 8   ? 0.343   -1.394  -5.768  1.00 8.75   ? 8   VAL A CB    1 
ATOM   53   C  CG1   . VAL A 1 8   ? 1.244   -2.458  -6.535  1.00 9.87   ? 8   VAL A CG1   1 
ATOM   54   C  CG2   . VAL A 1 8   ? -0.284  -0.263  -6.695  1.00 6.61   ? 8   VAL A CG2   1 
ATOM   55   N  N     . ALA A 1 9   ? -2.508  -2.490  -6.520  1.00 8.86   ? 9   ALA A N     1 
ATOM   56   C  CA    . ALA A 1 9   ? -3.052  -3.197  -7.705  1.00 9.30   ? 9   ALA A CA    1 
ATOM   57   C  C     . ALA A 1 9   ? -2.730  -2.411  -8.988  1.00 9.51   ? 9   ALA A C     1 
ATOM   58   O  O     . ALA A 1 9   ? -2.905  -1.182  -9.039  1.00 10.69  ? 9   ALA A O     1 
ATOM   59   C  CB    . ALA A 1 9   ? -4.535  -3.506  -7.580  1.00 10.45  ? 9   ALA A CB    1 
ATOM   60   N  N     . VAL A 1 10  ? -2.301  -3.107  -10.065 1.00 10.54  ? 10  VAL A N     1 
ATOM   61   C  CA    . VAL A 1 10  ? -1.758  -2.424  -11.217 1.00 11.89  ? 10  VAL A CA    1 
ATOM   62   C  C     . VAL A 1 10  ? -2.272  -3.131  -12.456 1.00 11.76  ? 10  VAL A C     1 
ATOM   63   O  O     . VAL A 1 10  ? -2.284  -4.363  -12.493 1.00 11.53  ? 10  VAL A O     1 
ATOM   64   C  CB    . VAL A 1 10  ? -0.217  -2.635  -11.520 1.00 15.42  ? 10  VAL A CB    1 
ATOM   65   C  CG1   . VAL A 1 10  ? 0.517   -1.407  -11.979 1.00 17.19  ? 10  VAL A CG1   1 
ATOM   66   C  CG2   . VAL A 1 10  ? 0.569   -3.716  -10.724 1.00 14.51  ? 10  VAL A CG2   1 
ATOM   67   N  N     . SER A 1 11  ? -2.584  -2.368  -13.501 1.00 11.75  ? 11  SER A N     1 
ATOM   68   C  CA    . SER A 1 11  ? -3.047  -2.981  -14.730 1.00 12.48  ? 11  SER A CA    1 
ATOM   69   C  C     . SER A 1 11  ? -1.861  -3.351  -15.625 1.00 12.26  ? 11  SER A C     1 
ATOM   70   O  O     . SER A 1 11  ? -0.740  -3.008  -15.332 1.00 12.00  ? 11  SER A O     1 
ATOM   71   C  CB    . SER A 1 11  ? -3.931  -1.959  -15.453 1.00 11.89  ? 11  SER A CB    1 
ATOM   72   O  OG    . SER A 1 11  ? -3.164  -0.825  -15.792 1.00 12.18  ? 11  SER A OG    1 
ATOM   73   N  N     . GLN A 1 12  ? -2.103  -3.977  -16.771 1.00 12.55  ? 12  GLN A N     1 
ATOM   74   C  CA    . GLN A 1 12  ? -0.982  -4.483  -17.526 1.00 14.17  ? 12  GLN A CA    1 
ATOM   75   C  C     . GLN A 1 12  ? -0.066  -3.336  -18.056 1.00 13.98  ? 12  GLN A C     1 
ATOM   76   O  O     . GLN A 1 12  ? 1.132   -3.524  -18.236 1.00 16.82  ? 12  GLN A O     1 
ATOM   77   C  CB    . GLN A 1 12  ? -1.598  -5.299  -18.690 1.00 14.75  ? 12  GLN A CB    1 
ATOM   78   C  CG    . GLN A 1 12  ? -0.665  -6.194  -19.378 1.00 23.82  ? 12  GLN A CG    1 
ATOM   79   C  CD    . GLN A 1 12  ? -1.324  -6.918  -20.577 1.00 33.09  ? 12  GLN A CD    1 
ATOM   80   O  OE1   . GLN A 1 12  ? -2.532  -7.158  -20.596 1.00 32.18  ? 12  GLN A OE1   1 
ATOM   81   N  NE2   . GLN A 1 12  ? -0.508  -7.251  -21.582 1.00 38.95  ? 12  GLN A NE2   1 
ATOM   82   N  N     . ASN A 1 13  ? -0.628  -2.156  -18.323 1.00 15.12  ? 13  ASN A N     1 
ATOM   83   C  CA    . ASN A 1 13  ? 0.155   -0.986  -18.755 1.00 15.02  ? 13  ASN A CA    1 
ATOM   84   C  C     . ASN A 1 13  ? 0.528   -0.120  -17.540 1.00 14.55  ? 13  ASN A C     1 
ATOM   85   O  O     . ASN A 1 13  ? 0.773   1.079   -17.678 1.00 14.04  ? 13  ASN A O     1 
ATOM   86   C  CB    . ASN A 1 13  ? -0.702  -0.139  -19.703 1.00 15.32  ? 13  ASN A CB    1 
ATOM   87   C  CG    . ASN A 1 13  ? -2.088  0.224   -19.087 1.00 13.98  ? 13  ASN A CG    1 
ATOM   88   O  OD1   . ASN A 1 13  ? -2.789  -0.592  -18.483 1.00 15.13  ? 13  ASN A OD1   1 
ATOM   89   N  ND2   . ASN A 1 13  ? -2.479  1.442   -19.279 1.00 15.80  ? 13  ASN A ND2   1 
ATOM   90   N  N     . MET A 1 14  ? 0.562   -0.765  -16.386 1.00 12.47  ? 14  MET A N     1 
ATOM   91   C  CA    . MET A 1 14  ? 1.195   -0.213  -15.106 1.00 12.88  ? 14  MET A CA    1 
ATOM   92   C  C     . MET A 1 14  ? 0.336   0.811   -14.437 1.00 12.65  ? 14  MET A C     1 
ATOM   93   O  O     . MET A 1 14  ? 0.812   1.630   -13.632 1.00 11.84  ? 14  MET A O     1 
ATOM   94   C  CB    . MET A 1 14  ? 2.592   0.393   -15.367 1.00 14.60  ? 14  MET A CB    1 
ATOM   95   C  CG    . MET A 1 14  ? 3.618   -0.630  -15.852 1.00 16.06  ? 14  MET A CG    1 
ATOM   96   S  SD    . MET A 1 14  ? 3.700   -2.013  -14.715 1.00 23.45  ? 14  MET A SD    1 
ATOM   97   C  CE    . MET A 1 14  ? 4.827   -1.377  -13.454 1.00 23.01  ? 14  MET A CE    1 
ATOM   98   N  N     . GLY A 1 15  ? -0.930  0.823   -14.764 1.00 12.61  ? 15  GLY A N     1 
ATOM   99   C  CA    . GLY A 1 15  ? -1.794  1.931   -14.302 1.00 12.35  ? 15  GLY A CA    1 
ATOM   100  C  C     . GLY A 1 15  ? -2.303  1.665   -12.912 1.00 12.17  ? 15  GLY A C     1 
ATOM   101  O  O     . GLY A 1 15  ? -2.667  0.518   -12.589 1.00 12.67  ? 15  GLY A O     1 
ATOM   102  N  N     . ILE A 1 16  ? -2.386  2.704   -12.087 1.00 12.15  ? 16  ILE A N     1 
ATOM   103  C  CA    . ILE A 1 16  ? -2.891  2.492   -10.698 1.00 10.30  ? 16  ILE A CA    1 
ATOM   104  C  C     . ILE A 1 16  ? -4.069  3.455   -10.378 1.00 11.31  ? 16  ILE A C     1 
ATOM   105  O  O     . ILE A 1 16  ? -4.628  3.400   -9.298  1.00 13.41  ? 16  ILE A O     1 
ATOM   106  C  CB    . ILE A 1 16  ? -1.796  2.586   -9.610  1.00 10.45  ? 16  ILE A CB    1 
ATOM   107  C  CG1   . ILE A 1 16  ? -1.084  3.931   -9.680  1.00 11.18  ? 16  ILE A CG1   1 
ATOM   108  C  CG2   . ILE A 1 16  ? -0.771  1.420   -9.835  1.00 11.27  ? 16  ILE A CG2   1 
ATOM   109  C  CD1   . ILE A 1 16  ? -0.159  4.252   -8.417  1.00 13.38  ? 16  ILE A CD1   1 
ATOM   110  N  N     . GLY A 1 17  ? -4.405  4.346   -11.287 1.00 10.93  ? 17  GLY A N     1 
ATOM   111  C  CA    . GLY A 1 17  ? -5.403  5.400   -10.982 1.00 11.72  ? 17  GLY A CA    1 
ATOM   112  C  C     . GLY A 1 17  ? -5.828  6.084   -12.264 1.00 13.67  ? 17  GLY A C     1 
ATOM   113  O  O     . GLY A 1 17  ? -5.061  6.128   -13.239 1.00 11.83  ? 17  GLY A O     1 
ATOM   114  N  N     . LYS A 1 18  ? -7.075  6.558   -12.282 1.00 12.12  ? 18  LYS A N     1 
ATOM   115  C  CA    . LYS A 1 18  ? -7.422  7.510   -13.305 1.00 13.48  ? 18  LYS A CA    1 
ATOM   116  C  C     . LYS A 1 18  ? -8.347  8.488   -12.564 1.00 11.74  ? 18  LYS A C     1 
ATOM   117  O  O     . LYS A 1 18  ? -9.300  8.065   -11.986 1.00 12.61  ? 18  LYS A O     1 
ATOM   118  C  CB    . LYS A 1 18  ? -8.175  6.781   -14.408 1.00 15.20  ? 18  LYS A CB    1 
ATOM   119  C  CG    . LYS A 1 18  ? -8.386  7.637   -15.668 1.00 17.85  ? 18  LYS A CG    1 
ATOM   120  C  CD    . LYS A 1 18  ? -9.138  6.852   -16.706 1.00 21.23  ? 18  LYS A CD    1 
ATOM   121  C  CE    . LYS A 1 18  ? -10.596 6.962   -16.407 1.00 21.73  ? 18  LYS A CE    1 
ATOM   122  N  NZ    . LYS A 1 18  ? -11.482 6.369   -17.470 1.00 22.49  ? 18  LYS A NZ    1 
ATOM   123  N  N     . ASN A 1 19  ? -7.983  9.754   -12.525 1.00 11.89  ? 19  ASN A N     1 
ATOM   124  C  CA    . ASN A 1 19  ? -8.790  10.805  -11.924 1.00 15.01  ? 19  ASN A CA    1 
ATOM   125  C  C     . ASN A 1 19  ? -9.222  10.488  -10.519 1.00 16.03  ? 19  ASN A C     1 
ATOM   126  O  O     . ASN A 1 19  ? -10.390 10.734  -10.143 1.00 16.75  ? 19  ASN A O     1 
ATOM   127  C  CB    . ASN A 1 19  ? -9.991  11.058  -12.798 1.00 14.25  ? 19  ASN A CB    1 
ATOM   128  C  CG    . ASN A 1 19  ? -9.612  11.984  -13.958 1.00 20.26  ? 19  ASN A CG    1 
ATOM   129  O  OD1   . ASN A 1 19  ? -8.873  12.971  -13.761 1.00 23.24  ? 19  ASN A OD1   1 
ATOM   130  N  ND2   . ASN A 1 19  ? -9.986  11.634  -15.116 1.00 17.35  ? 19  ASN A ND2   1 
ATOM   131  N  N     . GLY A 1 20  ? -8.286  9.909   -9.770  1.00 16.79  ? 20  GLY A N     1 
ATOM   132  C  CA    . GLY A 1 20  ? -8.471  9.613   -8.362  1.00 18.72  ? 20  GLY A CA    1 
ATOM   133  C  C     . GLY A 1 20  ? -9.431  8.483   -8.089  1.00 19.17  ? 20  GLY A C     1 
ATOM   134  O  O     . GLY A 1 20  ? -10.010 8.413   -6.993  1.00 20.29  ? 20  GLY A O     1 
ATOM   135  N  N     . ASP A 1 21  ? -9.655  7.628   -9.086  1.00 17.25  ? 21  ASP A N     1 
ATOM   136  C  CA    . ASP A 1 21  ? -10.408 6.392   -8.886  1.00 19.21  ? 21  ASP A CA    1 
ATOM   137  C  C     . ASP A 1 21  ? -9.632  5.226   -9.551  1.00 18.23  ? 21  ASP A C     1 
ATOM   138  O  O     . ASP A 1 21  ? -8.683  5.403   -10.313 1.00 18.96  ? 21  ASP A O     1 
ATOM   139  C  CB    . ASP A 1 21  ? -11.793 6.522   -9.554  1.00 19.01  ? 21  ASP A CB    1 
ATOM   140  C  CG    . ASP A 1 21  ? -12.944 5.833   -8.772  1.00 26.91  ? 21  ASP A CG    1 
ATOM   141  O  OD1   . ASP A 1 21  ? -12.849 4.650   -8.355  1.00 30.90  ? 21  ASP A OD1   1 
ATOM   142  O  OD2   . ASP A 1 21  ? -13.999 6.504   -8.579  1.00 36.84  ? 21  ASP A OD2   1 
ATOM   143  N  N     . LEU A 1 22  ? -10.111 4.023   -9.326  1.00 19.35  ? 22  LEU A N     1 
ATOM   144  C  CA    . LEU A 1 22  ? -9.490  2.814   -9.865  1.00 18.85  ? 22  LEU A CA    1 
ATOM   145  C  C     . LEU A 1 22  ? -9.724  2.779   -11.398 1.00 17.92  ? 22  LEU A C     1 
ATOM   146  O  O     . LEU A 1 22  ? -10.819 3.150   -11.866 1.00 18.71  ? 22  LEU A O     1 
ATOM   147  C  CB    . LEU A 1 22  ? -9.994  1.571   -9.074  1.00 20.23  ? 22  LEU A CB    1 
ATOM   148  C  CG    . LEU A 1 22  ? -9.420  1.449   -7.596  1.00 21.87  ? 22  LEU A CG    1 
ATOM   149  C  CD1   . LEU A 1 22  ? -9.819  0.136   -6.949  1.00 29.77  ? 22  LEU A CD1   1 
ATOM   150  C  CD2   . LEU A 1 22  ? -7.882  1.688   -7.387  1.00 27.16  ? 22  LEU A CD2   1 
ATOM   151  N  N     . PRO A 1 23  ? -8.688  2.411   -12.203 1.00 16.61  ? 23  PRO A N     1 
ATOM   152  C  CA    . PRO A 1 23  ? -8.899  2.352   -13.700 1.00 15.18  ? 23  PRO A CA    1 
ATOM   153  C  C     . PRO A 1 23  ? -10.007 1.324   -14.081 1.00 16.35  ? 23  PRO A C     1 
ATOM   154  O  O     . PRO A 1 23  ? -10.599 1.433   -15.173 1.00 16.76  ? 23  PRO A O     1 
ATOM   155  C  CB    . PRO A 1 23  ? -7.526  1.921   -14.238 1.00 15.45  ? 23  PRO A CB    1 
ATOM   156  C  CG    . PRO A 1 23  ? -6.486  2.409   -13.120 1.00 14.55  ? 23  PRO A CG    1 
ATOM   157  C  CD    . PRO A 1 23  ? -7.286  2.165   -11.794 1.00 16.48  ? 23  PRO A CD    1 
ATOM   158  N  N     . TRP A 1 24  ? -10.262 0.331   -13.191 1.00 16.00  ? 24  TRP A N     1 
ATOM   159  C  CA    . TRP A 1 24  ? -11.101 -0.835  -13.452 1.00 17.06  ? 24  TRP A CA    1 
ATOM   160  C  C     . TRP A 1 24  ? -12.348 -0.747  -12.593 1.00 18.30  ? 24  TRP A C     1 
ATOM   161  O  O     . TRP A 1 24  ? -12.387 -0.020  -11.592 1.00 17.39  ? 24  TRP A O     1 
ATOM   162  C  CB    . TRP A 1 24  ? -10.331 -2.179  -13.184 1.00 15.25  ? 24  TRP A CB    1 
ATOM   163  C  CG    . TRP A 1 24  ? -9.424  -2.095  -11.890 1.00 15.43  ? 24  TRP A CG    1 
ATOM   164  C  CD1   . TRP A 1 24  ? -9.786  -2.368  -10.578 1.00 18.21  ? 24  TRP A CD1   1 
ATOM   165  C  CD2   . TRP A 1 24  ? -8.051  -1.689  -11.841 1.00 14.37  ? 24  TRP A CD2   1 
ATOM   166  N  NE1   . TRP A 1 24  ? -8.717  -2.133  -9.709  1.00 14.11  ? 24  TRP A NE1   1 
ATOM   167  C  CE2   . TRP A 1 24  ? -7.645  -1.720  -10.466 1.00 18.21  ? 24  TRP A CE2   1 
ATOM   168  C  CE3   . TRP A 1 24  ? -7.109  -1.345  -12.821 1.00 17.49  ? 24  TRP A CE3   1 
ATOM   169  C  CZ2   . TRP A 1 24  ? -6.322  -1.395  -10.067 1.00 14.43  ? 24  TRP A CZ2   1 
ATOM   170  C  CZ3   . TRP A 1 24  ? -5.842  -0.984  -12.433 1.00 15.01  ? 24  TRP A CZ3   1 
ATOM   171  C  CH2   . TRP A 1 24  ? -5.461  -1.012  -11.039 1.00 11.55  ? 24  TRP A CH2   1 
ATOM   172  N  N     . PRO A 1 25  ? -13.405 -1.460  -13.006 1.00 20.45  ? 25  PRO A N     1 
ATOM   173  C  CA    . PRO A 1 25  ? -14.557 -1.538  -12.152 1.00 20.98  ? 25  PRO A CA    1 
ATOM   174  C  C     . PRO A 1 25  ? -14.157 -2.156  -10.790 1.00 21.11  ? 25  PRO A C     1 
ATOM   175  O  O     . PRO A 1 25  ? -13.096 -2.818  -10.681 1.00 22.54  ? 25  PRO A O     1 
ATOM   176  C  CB    . PRO A 1 25  ? -15.579 -2.366  -12.958 1.00 21.89  ? 25  PRO A CB    1 
ATOM   177  C  CG    . PRO A 1 25  ? -14.940 -2.739  -14.278 1.00 23.04  ? 25  PRO A CG    1 
ATOM   178  C  CD    . PRO A 1 25  ? -13.505 -2.234  -14.268 1.00 19.41  ? 25  PRO A CD    1 
ATOM   179  N  N     . PRO A 1 26  ? -14.923 -1.854  -9.729  1.00 21.85  ? 26  PRO A N     1 
ATOM   180  C  CA    . PRO A 1 26  ? -14.598 -2.395  -8.389  1.00 21.40  ? 26  PRO A CA    1 
ATOM   181  C  C     . PRO A 1 26  ? -14.500 -3.925  -8.400  1.00 20.69  ? 26  PRO A C     1 
ATOM   182  O  O     . PRO A 1 26  ? -15.388 -4.628  -8.973  1.00 18.60  ? 26  PRO A O     1 
ATOM   183  C  CB    . PRO A 1 26  ? -15.776 -1.924  -7.522  1.00 21.75  ? 26  PRO A CB    1 
ATOM   184  C  CG    . PRO A 1 26  ? -16.287 -0.674  -8.248  1.00 21.86  ? 26  PRO A CG    1 
ATOM   185  C  CD    . PRO A 1 26  ? -16.173 -1.049  -9.703  1.00 20.36  ? 26  PRO A CD    1 
ATOM   186  N  N     . LEU A 1 27  ? -13.416 -4.439  -7.801  1.00 18.36  ? 27  LEU A N     1 
ATOM   187  C  CA    . LEU A 1 27  ? -13.263 -5.896  -7.625  1.00 18.93  ? 27  LEU A CA    1 
ATOM   188  C  C     . LEU A 1 27  ? -13.354 -6.225  -6.137  1.00 19.21  ? 27  LEU A C     1 
ATOM   189  O  O     . LEU A 1 27  ? -12.410 -5.928  -5.358  1.00 19.10  ? 27  LEU A O     1 
ATOM   190  C  CB    . LEU A 1 27  ? -11.943 -6.390  -8.192  1.00 17.63  ? 27  LEU A CB    1 
ATOM   191  C  CG    . LEU A 1 27  ? -11.568 -5.841  -9.565  1.00 19.86  ? 27  LEU A CG    1 
ATOM   192  C  CD1   . LEU A 1 27  ? -10.031 -5.970  -9.865  1.00 23.36  ? 27  LEU A CD1   1 
ATOM   193  C  CD2   . LEU A 1 27  ? -12.466 -6.429  -10.674 1.00 20.74  ? 27  LEU A CD2   1 
ATOM   194  N  N     . ARG A 1 28  ? -14.482 -6.793  -5.725  1.00 18.85  ? 28  ARG A N     1 
ATOM   195  C  CA    . ARG A 1 28  ? -14.814 -6.834  -4.286  1.00 20.44  ? 28  ARG A CA    1 
ATOM   196  C  C     . ARG A 1 28  ? -13.824 -7.704  -3.492  1.00 19.56  ? 28  ARG A C     1 
ATOM   197  O  O     . ARG A 1 28  ? -13.367 -7.340  -2.377  1.00 17.96  ? 28  ARG A O     1 
ATOM   198  C  CB    . ARG A 1 28  ? -16.264 -7.390  -4.113  1.00 23.74  ? 28  ARG A CB    1 
ATOM   199  C  CG    . ARG A 1 28  ? -16.660 -7.783  -2.650  1.00 28.98  ? 28  ARG A CG    1 
ATOM   200  C  CD    . ARG A 1 28  ? -17.827 -8.803  -2.628  1.00 40.91  ? 28  ARG A CD    1 
ATOM   201  N  NE    . ARG A 1 28  ? -19.104 -8.263  -3.128  1.00 44.65  ? 28  ARG A NE    1 
ATOM   202  C  CZ    . ARG A 1 28  ? -20.034 -8.970  -3.789  1.00 47.63  ? 28  ARG A CZ    1 
ATOM   203  N  NH1   . ARG A 1 28  ? -21.158 -8.374  -4.193  1.00 46.63  ? 28  ARG A NH1   1 
ATOM   204  N  NH2   . ARG A 1 28  ? -19.864 -10.270 -4.039  1.00 46.81  ? 28  ARG A NH2   1 
ATOM   205  N  N     . ASN A 1 29  ? -13.529 -8.872  -4.037  1.00 17.37  ? 29  ASN A N     1 
ATOM   206  C  CA    . ASN A 1 29  ? -12.593 -9.809  -3.344  1.00 18.02  ? 29  ASN A CA    1 
ATOM   207  C  C     . ASN A 1 29  ? -11.143 -9.291  -3.327  1.00 16.80  ? 29  ASN A C     1 
ATOM   208  O  O     . ASN A 1 29  ? -10.363 -9.586  -2.366  1.00 15.24  ? 29  ASN A O     1 
ATOM   209  C  CB    . ASN A 1 29  ? -12.627 -11.189 -3.976  1.00 17.20  ? 29  ASN A CB    1 
ATOM   210  C  CG    . ASN A 1 29  ? -13.986 -11.888 -3.787  1.00 23.85  ? 29  ASN A CG    1 
ATOM   211  O  OD1   . ASN A 1 29  ? -14.786 -11.511 -2.945  1.00 23.45  ? 29  ASN A OD1   1 
ATOM   212  N  ND2   . ASN A 1 29  ? -14.249 -12.888 -4.612  1.00 26.68  ? 29  ASN A ND2   1 
ATOM   213  N  N     . GLU A 1 30  ? -10.799 -8.525  -4.379  1.00 16.90  ? 30  GLU A N     1 
ATOM   214  C  CA    . GLU A 1 30  ? -9.466  -7.854  -4.462  1.00 17.55  ? 30  GLU A CA    1 
ATOM   215  C  C     . GLU A 1 30  ? -9.363  -6.833  -3.365  1.00 17.89  ? 30  GLU A C     1 
ATOM   216  O  O     . GLU A 1 30  ? -8.379  -6.757  -2.632  1.00 18.44  ? 30  GLU A O     1 
ATOM   217  C  CB    . GLU A 1 30  ? -9.275  -7.195  -5.828  1.00 16.43  ? 30  GLU A CB    1 
ATOM   218  C  CG    . GLU A 1 30  ? -7.740  -7.041  -6.231  1.00 16.97  ? 30  GLU A CG    1 
ATOM   219  C  CD    . GLU A 1 30  ? -6.878  -6.045  -5.361  1.00 16.89  ? 30  GLU A CD    1 
ATOM   220  O  OE1   . GLU A 1 30  ? -5.673  -6.413  -5.018  1.00 14.21  ? 30  GLU A OE1   1 
ATOM   221  O  OE2   . GLU A 1 30  ? -7.309  -4.894  -5.109  1.00 14.39  ? 30  GLU A OE2   1 
ATOM   222  N  N     . PHE A 1 31  ? -10.420 -6.050  -3.190  1.00 18.20  ? 31  PHE A N     1 
ATOM   223  C  CA    . PHE A 1 31  ? -10.405 -5.176  -2.066  1.00 17.81  ? 31  PHE A CA    1 
ATOM   224  C  C     . PHE A 1 31  ? -10.351 -5.908  -0.692  1.00 16.38  ? 31  PHE A C     1 
ATOM   225  O  O     . PHE A 1 31  ? -9.710  -5.403  0.288   1.00 15.29  ? 31  PHE A O     1 
ATOM   226  C  CB    . PHE A 1 31  ? -11.577 -4.181  -2.157  1.00 19.59  ? 31  PHE A CB    1 
ATOM   227  C  CG    . PHE A 1 31  ? -11.538 -3.121  -1.085  1.00 23.86  ? 31  PHE A CG    1 
ATOM   228  C  CD1   . PHE A 1 31  ? -12.567 -3.031  -0.134  1.00 28.61  ? 31  PHE A CD1   1 
ATOM   229  C  CD2   . PHE A 1 31  ? -10.460 -2.206  -1.007  1.00 24.66  ? 31  PHE A CD2   1 
ATOM   230  C  CE1   . PHE A 1 31  ? -12.515 -2.019  0.872   1.00 27.15  ? 31  PHE A CE1   1 
ATOM   231  C  CE2   . PHE A 1 31  ? -10.415 -1.208  -0.011  1.00 25.77  ? 31  PHE A CE2   1 
ATOM   232  C  CZ    . PHE A 1 31  ? -11.414 -1.118  0.921   1.00 27.46  ? 31  PHE A CZ    1 
ATOM   233  N  N     . ARG A 1 32  ? -11.070 -7.023  -0.584  1.00 16.26  ? 32  ARG A N     1 
ATOM   234  C  CA    . ARG A 1 32  ? -11.108 -7.803  0.663   1.00 15.84  ? 32  ARG A CA    1 
ATOM   235  C  C     . ARG A 1 32  ? -9.672  -8.258  1.003   1.00 14.95  ? 32  ARG A C     1 
ATOM   236  O  O     . ARG A 1 32  ? -9.238  -8.318  2.167   1.00 13.28  ? 32  ARG A O     1 
ATOM   237  C  CB    . ARG A 1 32  ? -12.035 -9.019  0.510   1.00 16.72  ? 32  ARG A CB    1 
ATOM   238  C  CG    . ARG A 1 32  ? -13.486 -8.641  0.527   1.00 23.97  ? 32  ARG A CG    1 
ATOM   239  C  CD    . ARG A 1 32  ? -14.281 -9.923  0.671   1.00 32.13  ? 32  ARG A CD    1 
ATOM   240  N  NE    . ARG A 1 32  ? -15.727 -9.641  0.611   1.00 42.29  ? 32  ARG A NE    1 
ATOM   241  C  CZ    . ARG A 1 32  ? -16.652 -10.540 0.254   1.00 47.57  ? 32  ARG A CZ    1 
ATOM   242  N  NH1   . ARG A 1 32  ? -17.942 -10.192 0.224   1.00 48.76  ? 32  ARG A NH1   1 
ATOM   243  N  NH2   . ARG A 1 32  ? -16.288 -11.785 -0.078  1.00 48.23  ? 32  ARG A NH2   1 
ATOM   244  N  N     . TYR A 1 33  ? -8.942  -8.554  -0.065  1.00 13.93  ? 33  TYR A N     1 
ATOM   245  C  CA    . TYR A 1 33  ? -7.564  -8.988  0.082   1.00 13.78  ? 33  TYR A CA    1 
ATOM   246  C  C     . TYR A 1 33  ? -6.701  -7.817  0.579   1.00 14.20  ? 33  TYR A C     1 
ATOM   247  O  O     . TYR A 1 33  ? -5.907  -7.998  1.529   1.00 13.02  ? 33  TYR A O     1 
ATOM   248  C  CB    . TYR A 1 33  ? -7.064  -9.534  -1.231  1.00 13.61  ? 33  TYR A CB    1 
ATOM   249  C  CG    . TYR A 1 33  ? -5.565  -9.710  -1.308  1.00 14.89  ? 33  TYR A CG    1 
ATOM   250  C  CD1   . TYR A 1 33  ? -4.703  -8.723  -1.862  1.00 14.29  ? 33  TYR A CD1   1 
ATOM   251  C  CD2   . TYR A 1 33  ? -4.980  -10.856 -0.749  1.00 15.21  ? 33  TYR A CD2   1 
ATOM   252  C  CE1   . TYR A 1 33  ? -3.285  -8.963  -1.886  1.00 14.82  ? 33  TYR A CE1   1 
ATOM   253  C  CE2   . TYR A 1 33  ? -3.619  -11.084 -0.840  1.00 15.96  ? 33  TYR A CE2   1 
ATOM   254  C  CZ    . TYR A 1 33  ? -2.810  -10.126 -1.377  1.00 14.38  ? 33  TYR A CZ    1 
ATOM   255  O  OH    . TYR A 1 33  ? -1.457  -10.407 -1.395  1.00 16.07  ? 33  TYR A OH    1 
ATOM   256  N  N     . PHE A 1 34  ? -6.840  -6.638  -0.062  1.00 12.58  ? 34  PHE A N     1 
ATOM   257  C  CA    . PHE A 1 34  ? -6.123  -5.431  0.421   1.00 13.46  ? 34  PHE A CA    1 
ATOM   258  C  C     . PHE A 1 34  ? -6.412  -5.173  1.942   1.00 13.89  ? 34  PHE A C     1 
ATOM   259  O  O     . PHE A 1 34  ? -5.475  -4.884  2.722   1.00 9.77   ? 34  PHE A O     1 
ATOM   260  C  CB    . PHE A 1 34  ? -6.490  -4.209  -0.463  1.00 13.67  ? 34  PHE A CB    1 
ATOM   261  C  CG    . PHE A 1 34  ? -6.123  -2.872  0.166   1.00 16.78  ? 34  PHE A CG    1 
ATOM   262  C  CD1   . PHE A 1 34  ? -4.792  -2.332  0.052   1.00 12.80  ? 34  PHE A CD1   1 
ATOM   263  C  CD2   . PHE A 1 34  ? -7.094  -2.187  0.940   1.00 15.89  ? 34  PHE A CD2   1 
ATOM   264  C  CE1   . PHE A 1 34  ? -4.451  -1.097  0.680   1.00 11.46  ? 34  PHE A CE1   1 
ATOM   265  C  CE2   . PHE A 1 34  ? -6.777  -0.946  1.544   1.00 17.45  ? 34  PHE A CE2   1 
ATOM   266  C  CZ    . PHE A 1 34  ? -5.494  -0.386  1.426   1.00 14.56  ? 34  PHE A CZ    1 
ATOM   267  N  N     . SER A 1 35  ? -7.683  -5.276  2.336   1.00 13.53  ? 35  SER A N     1 
ATOM   268  C  CA    . SER A 1 35  ? -8.079  -5.043  3.725   1.00 14.51  ? 35  SER A CA    1 
ATOM   269  C  C     . SER A 1 35  ? -7.439  -6.069  4.670   1.00 14.70  ? 35  SER A C     1 
ATOM   270  O  O     . SER A 1 35  ? -6.921  -5.706  5.735   1.00 13.69  ? 35  SER A O     1 
ATOM   271  C  CB    . SER A 1 35  ? -9.620  -5.154  3.831   1.00 14.56  ? 35  SER A CB    1 
ATOM   272  O  OG    . SER A 1 35  ? -10.212 -4.139  2.982   1.00 16.59  ? 35  SER A OG    1 
ATOM   273  N  N     . ARG A 1 36  ? -7.530  -7.349  4.312   1.00 14.89  ? 36  ARG A N     1 
ATOM   274  C  CA    . ARG A 1 36  ? -7.002  -8.445  5.152   1.00 14.31  ? 36  ARG A CA    1 
ATOM   275  C  C     . ARG A 1 36  ? -5.493  -8.323  5.325   1.00 15.88  ? 36  ARG A C     1 
ATOM   276  O  O     . ARG A 1 36  ? -4.973  -8.399  6.465   1.00 15.84  ? 36  ARG A O     1 
ATOM   277  C  CB    . ARG A 1 36  ? -7.282  -9.771  4.448   1.00 16.24  ? 36  ARG A CB    1 
ATOM   278  C  CG    . ARG A 1 36  ? -6.903  -11.012 5.255   1.00 18.10  ? 36  ARG A CG    1 
ATOM   279  C  CD    . ARG A 1 36  ? -7.457  -12.313 4.583   1.00 20.18  ? 36  ARG A CD    1 
ATOM   280  N  NE    . ARG A 1 36  ? -7.006  -12.626 3.190   1.00 20.50  ? 36  ARG A NE    1 
ATOM   281  C  CZ    . ARG A 1 36  ? -5.794  -13.099 2.863   1.00 17.72  ? 36  ARG A CZ    1 
ATOM   282  N  NH1   . ARG A 1 36  ? -4.845  -13.251 3.770   1.00 15.58  ? 36  ARG A NH1   1 
ATOM   283  N  NH2   . ARG A 1 36  ? -5.532  -13.455 1.600   1.00 18.44  ? 36  ARG A NH2   1 
ATOM   284  N  N     . MET A 1 37  ? -4.795  -8.007  4.224   1.00 14.68  ? 37  MET A N     1 
ATOM   285  C  CA    . MET A 1 37  ? -3.306  -7.914  4.265   1.00 13.14  ? 37  MET A CA    1 
ATOM   286  C  C     . MET A 1 37  ? -2.820  -6.713  5.096   1.00 13.36  ? 37  MET A C     1 
ATOM   287  O  O     . MET A 1 37  ? -1.907  -6.828  5.935   1.00 12.17  ? 37  MET A O     1 
ATOM   288  C  CB    . MET A 1 37  ? -2.715  -7.851  2.850   1.00 12.68  ? 37  MET A CB    1 
ATOM   289  C  CG    . MET A 1 37  ? -2.980  -9.129  2.009   1.00 12.75  ? 37  MET A CG    1 
ATOM   290  S  SD    . MET A 1 37  ? -2.316  -10.629 2.810   1.00 18.82  ? 37  MET A SD    1 
ATOM   291  C  CE    . MET A 1 37  ? -0.542  -10.249 2.873   1.00 18.94  ? 37  MET A CE    1 
ATOM   292  N  N     . THR A 1 38  ? -3.449  -5.562  4.884   1.00 11.83  ? 38  THR A N     1 
ATOM   293  C  CA    . THR A 1 38  ? -3.045  -4.402  5.625   1.00 13.08  ? 38  THR A CA    1 
ATOM   294  C  C     . THR A 1 38  ? -3.460  -4.372  7.109   1.00 14.36  ? 38  THR A C     1 
ATOM   295  O  O     . THR A 1 38  ? -2.802  -3.681  7.897   1.00 14.01  ? 38  THR A O     1 
ATOM   296  C  CB    . THR A 1 38  ? -3.486  -3.086  4.977   1.00 13.80  ? 38  THR A CB    1 
ATOM   297  O  OG1   . THR A 1 38  ? -4.920  -3.070  4.854   1.00 10.91  ? 38  THR A OG1   1 
ATOM   298  C  CG2   . THR A 1 38  ? -2.805  -2.981  3.597   1.00 12.15  ? 38  THR A CG2   1 
ATOM   299  N  N     . THR A 1 39  ? -4.557  -5.068  7.440   1.00 15.35  ? 39  THR A N     1 
ATOM   300  C  CA    . THR A 1 39  ? -5.139  -5.072  8.812   1.00 17.98  ? 39  THR A CA    1 
ATOM   301  C  C     . THR A 1 39  ? -4.520  -6.158  9.752   1.00 18.58  ? 39  THR A C     1 
ATOM   302  O  O     . THR A 1 39  ? -4.258  -5.924  10.952  1.00 17.42  ? 39  THR A O     1 
ATOM   303  C  CB    . THR A 1 39  ? -6.656  -5.331  8.777   1.00 19.88  ? 39  THR A CB    1 
ATOM   304  O  OG1   . THR A 1 39  ? -7.308  -4.316  8.020   1.00 16.95  ? 39  THR A OG1   1 
ATOM   305  C  CG2   . THR A 1 39  ? -7.284  -5.259  10.183  1.00 19.76  ? 39  THR A CG2   1 
ATOM   306  N  N     . THR A 1 40  ? -4.249  -7.334  9.194   1.00 18.18  ? 40  THR A N     1 
ATOM   307  C  CA    . THR A 1 40  ? -3.754  -8.471  9.989   1.00 18.43  ? 40  THR A CA    1 
ATOM   308  C  C     . THR A 1 40  ? -2.355  -8.224  10.593  1.00 19.36  ? 40  THR A C     1 
ATOM   309  O  O     . THR A 1 40  ? -1.342  -8.058  9.890   1.00 16.18  ? 40  THR A O     1 
ATOM   310  C  CB    . THR A 1 40  ? -3.825  -9.721  9.123   1.00 16.64  ? 40  THR A CB    1 
ATOM   311  O  OG1   . THR A 1 40  ? -5.168  -9.827  8.647   1.00 17.86  ? 40  THR A OG1   1 
ATOM   312  C  CG2   . THR A 1 40  ? -3.385  -10.950 9.887   1.00 18.98  ? 40  THR A CG2   1 
ATOM   313  N  N     . SER A 1 41  ? -2.315  -8.174  11.916  1.00 21.97  ? 41  SER A N     1 
ATOM   314  C  CA    . SER A 1 41  ? -1.048  -7.977  12.606  1.00 25.57  ? 41  SER A CA    1 
ATOM   315  C  C     . SER A 1 41  ? -0.671  -9.245  13.348  1.00 28.84  ? 41  SER A C     1 
ATOM   316  O  O     . SER A 1 41  ? -1.472  -9.788  14.125  1.00 30.17  ? 41  SER A O     1 
ATOM   317  C  CB    . SER A 1 41  ? -1.129  -6.816  13.608  1.00 24.15  ? 41  SER A CB    1 
ATOM   318  O  OG    . SER A 1 41  ? 0.046   -6.777  14.386  1.00 23.90  ? 41  SER A OG    1 
ATOM   319  N  N     . SER A 1 42  ? 0.573   -9.645  13.138  1.00 32.33  ? 42  SER A N     1 
ATOM   320  C  CA    . SER A 1 42  ? 1.226   -10.796 13.774  1.00 35.45  ? 42  SER A CA    1 
ATOM   321  C  C     . SER A 1 42  ? 1.324   -10.658 15.303  1.00 35.62  ? 42  SER A C     1 
ATOM   322  O  O     . SER A 1 42  ? 1.300   -11.669 16.048  1.00 37.72  ? 42  SER A O     1 
ATOM   323  C  CB    . SER A 1 42  ? 2.633   -10.950 13.125  1.00 36.61  ? 42  SER A CB    1 
ATOM   324  O  OG    . SER A 1 42  ? 3.046   -9.716  12.487  1.00 33.71  ? 42  SER A OG    1 
ATOM   325  N  N     . VAL A 1 43  ? 1.382   -9.406  15.768  1.00 34.89  ? 43  VAL A N     1 
ATOM   326  C  CA    . VAL A 1 43  ? 1.795   -9.061  17.145  1.00 33.73  ? 43  VAL A CA    1 
ATOM   327  C  C     . VAL A 1 43  ? 0.690   -8.543  18.097  1.00 33.90  ? 43  VAL A C     1 
ATOM   328  O  O     . VAL A 1 43  ? 0.079   -7.492  17.887  1.00 33.01  ? 43  VAL A O     1 
ATOM   329  C  CB    . VAL A 1 43  ? 2.959   -8.032  17.105  1.00 33.15  ? 43  VAL A CB    1 
ATOM   330  C  CG1   . VAL A 1 43  ? 3.412   -7.669  18.529  1.00 35.10  ? 43  VAL A CG1   1 
ATOM   331  C  CG2   . VAL A 1 43  ? 4.115   -8.587  16.287  1.00 33.40  ? 43  VAL A CG2   1 
ATOM   332  N  N     . GLU A 1 44  ? 0.475   -9.274  19.186  1.00 33.51  ? 44  GLU A N     1 
ATOM   333  C  CA    . GLU A 1 44  ? -0.540  -8.895  20.157  1.00 32.88  ? 44  GLU A CA    1 
ATOM   334  C  C     . GLU A 1 44  ? -0.459  -7.448  20.607  1.00 30.57  ? 44  GLU A C     1 
ATOM   335  O  O     . GLU A 1 44  ? 0.650   -6.947  20.890  1.00 30.71  ? 44  GLU A O     1 
ATOM   336  C  CB    . GLU A 1 44  ? -0.385  -9.777  21.394  1.00 33.65  ? 44  GLU A CB    1 
ATOM   337  C  CG    . GLU A 1 44  ? -1.361  -10.903 21.405  1.00 38.52  ? 44  GLU A CG    1 
ATOM   338  C  CD    . GLU A 1 44  ? -1.057  -11.966 22.504  1.00 42.30  ? 44  GLU A CD    1 
ATOM   339  O  OE1   . GLU A 1 44  ? -1.529  -13.120 22.314  1.00 42.29  ? 44  GLU A OE1   1 
ATOM   340  O  OE2   . GLU A 1 44  ? -0.361  -11.655 23.525  1.00 42.58  ? 44  GLU A OE2   1 
ATOM   341  N  N     . GLY A 1 45  ? -1.615  -6.785  20.696  1.00 28.16  ? 45  GLY A N     1 
ATOM   342  C  CA    . GLY A 1 45  ? -1.672  -5.456  21.291  1.00 26.05  ? 45  GLY A CA    1 
ATOM   343  C  C     . GLY A 1 45  ? -1.003  -4.352  20.445  1.00 25.41  ? 45  GLY A C     1 
ATOM   344  O  O     . GLY A 1 45  ? -0.642  -3.282  20.964  1.00 25.02  ? 45  GLY A O     1 
ATOM   345  N  N     . LYS A 1 46  ? -0.851  -4.613  19.149  1.00 22.62  ? 46  LYS A N     1 
ATOM   346  C  CA    . LYS A 1 46  ? -0.333  -3.595  18.223  1.00 21.26  ? 46  LYS A CA    1 
ATOM   347  C  C     . LYS A 1 46  ? -1.289  -3.544  17.056  1.00 19.47  ? 46  LYS A C     1 
ATOM   348  O  O     . LYS A 1 46  ? -2.104  -4.407  16.923  1.00 18.77  ? 46  LYS A O     1 
ATOM   349  C  CB    . LYS A 1 46  ? 1.078   -3.966  17.719  1.00 20.33  ? 46  LYS A CB    1 
ATOM   350  C  CG    . LYS A 1 46  ? 2.159   -4.089  18.831  1.00 23.20  ? 46  LYS A CG    1 
ATOM   351  C  CD    . LYS A 1 46  ? 3.556   -3.830  18.267  1.00 23.90  ? 46  LYS A CD    1 
ATOM   352  C  CE    . LYS A 1 46  ? 4.666   -4.054  19.311  1.00 29.20  ? 46  LYS A CE    1 
ATOM   353  N  NZ    . LYS A 1 46  ? 6.008   -3.803  18.647  1.00 27.80  ? 46  LYS A NZ    1 
ATOM   354  N  N     . GLN A 1 47  ? -1.219  -2.475  16.256  1.00 16.94  ? 47  GLN A N     1 
ATOM   355  C  CA    . GLN A 1 47  ? -1.935  -2.438  14.980  1.00 15.05  ? 47  GLN A CA    1 
ATOM   356  C  C     . GLN A 1 47  ? -0.914  -2.153  13.882  1.00 12.64  ? 47  GLN A C     1 
ATOM   357  O  O     . GLN A 1 47  ? 0.134   -1.632  14.129  1.00 12.99  ? 47  GLN A O     1 
ATOM   358  C  CB    . GLN A 1 47  ? -2.963  -1.279  14.946  1.00 13.93  ? 47  GLN A CB    1 
ATOM   359  C  CG    . GLN A 1 47  ? -4.077  -1.377  15.958  1.00 18.70  ? 47  GLN A CG    1 
ATOM   360  C  CD    . GLN A 1 47  ? -5.230  -0.448  15.663  1.00 22.83  ? 47  GLN A CD    1 
ATOM   361  O  OE1   . GLN A 1 47  ? -5.084  0.599   14.992  1.00 19.87  ? 47  GLN A OE1   1 
ATOM   362  N  NE2   . GLN A 1 47  ? -6.428  -0.852  16.131  1.00 23.92  ? 47  GLN A NE2   1 
ATOM   363  N  N     . ASN A 1 48  ? -1.231  -2.480  12.646  1.00 12.22  ? 48  ASN A N     1 
ATOM   364  C  CA    . ASN A 1 48  ? -0.431  -1.977  11.536  1.00 10.94  ? 48  ASN A CA    1 
ATOM   365  C  C     . ASN A 1 48  ? -0.660  -0.495  11.192  1.00 12.85  ? 48  ASN A C     1 
ATOM   366  O  O     . ASN A 1 48  ? -1.757  0.065   11.435  1.00 13.66  ? 48  ASN A O     1 
ATOM   367  C  CB    . ASN A 1 48  ? -0.751  -2.800  10.251  1.00 11.00  ? 48  ASN A CB    1 
ATOM   368  C  CG    . ASN A 1 48  ? -0.379  -4.292  10.362  1.00 12.75  ? 48  ASN A CG    1 
ATOM   369  O  OD1   . ASN A 1 48  ? 0.456   -4.664  11.157  1.00 11.98  ? 48  ASN A OD1   1 
ATOM   370  N  ND2   . ASN A 1 48  ? -1.036  -5.135  9.542   1.00 14.87  ? 48  ASN A ND2   1 
ATOM   371  N  N     . LEU A 1 49  ? 0.367   0.107   10.616  1.00 10.27  ? 49  LEU A N     1 
ATOM   372  C  CA    . LEU A 1 49  ? 0.314   1.530   10.261  1.00 11.52  ? 49  LEU A CA    1 
ATOM   373  C  C     . LEU A 1 49  ? 0.129   1.579   8.740   1.00 11.91  ? 49  LEU A C     1 
ATOM   374  O  O     . LEU A 1 49  ? 0.876   0.868   8.010   1.00 12.58  ? 49  LEU A O     1 
ATOM   375  C  CB    . LEU A 1 49  ? 1.642   2.185   10.612  1.00 11.49  ? 49  LEU A CB    1 
ATOM   376  C  CG    . LEU A 1 49  ? 1.900   3.611   10.082  1.00 10.09  ? 49  LEU A CG    1 
ATOM   377  C  CD1   . LEU A 1 49  ? 0.915   4.535   10.778  1.00 12.59  ? 49  LEU A CD1   1 
ATOM   378  C  CD2   . LEU A 1 49  ? 3.297   4.102   10.427  1.00 16.99  ? 49  LEU A CD2   1 
ATOM   379  N  N     . VAL A 1 50  ? -0.843  2.349   8.242   1.00 10.99  ? 50  VAL A N     1 
ATOM   380  C  CA    . VAL A 1 50  ? -0.846  2.538   6.790   1.00 10.98  ? 50  VAL A CA    1 
ATOM   381  C  C     . VAL A 1 50  ? -0.348  3.952   6.470   1.00 10.57  ? 50  VAL A C     1 
ATOM   382  O  O     . VAL A 1 50  ? -0.738  4.916   7.169   1.00 12.03  ? 50  VAL A O     1 
ATOM   383  C  CB    . VAL A 1 50  ? -2.249  2.312   6.132   1.00 11.43  ? 50  VAL A CB    1 
ATOM   384  C  CG1   . VAL A 1 50  ? -2.654  0.830   6.206   1.00 13.54  ? 50  VAL A CG1   1 
ATOM   385  C  CG2   . VAL A 1 50  ? -3.339  3.056   6.814   1.00 13.83  ? 50  VAL A CG2   1 
ATOM   386  N  N     . ILE A 1 51  ? 0.502   4.084   5.464   1.00 9.40   ? 51  ILE A N     1 
ATOM   387  C  CA    . ILE A 1 51  ? 1.042   5.358   5.061   1.00 10.69  ? 51  ILE A CA    1 
ATOM   388  C  C     . ILE A 1 51  ? 0.605   5.624   3.631   1.00 11.01  ? 51  ILE A C     1 
ATOM   389  O  O     . ILE A 1 51  ? 0.661   4.741   2.730   1.00 10.40  ? 51  ILE A O     1 
ATOM   390  C  CB    . ILE A 1 51  ? 2.609   5.395   5.103   1.00 11.18  ? 51  ILE A CB    1 
ATOM   391  C  CG1   . ILE A 1 51  ? 3.151   5.378   6.533   1.00 11.04  ? 51  ILE A CG1   1 
ATOM   392  C  CG2   . ILE A 1 51  ? 3.211   6.604   4.319   1.00 10.61  ? 51  ILE A CG2   1 
ATOM   393  C  CD1   . ILE A 1 51  ? 4.729   5.019   6.600   1.00 9.35   ? 51  ILE A CD1   1 
ATOM   394  N  N     . MET A 1 52  ? 0.061   6.814   3.429   1.00 11.00  ? 52  MET A N     1 
ATOM   395  C  CA    . MET A 1 52  ? -0.429  7.174   2.100   1.00 12.34  ? 52  MET A CA    1 
ATOM   396  C  C     . MET A 1 52  ? -0.270  8.685   1.833   1.00 11.11  ? 52  MET A C     1 
ATOM   397  O  O     . MET A 1 52  ? -0.224  9.514   2.777   1.00 10.50  ? 52  MET A O     1 
ATOM   398  C  CB    . MET A 1 52  ? -1.900  6.804   1.989   1.00 10.43  ? 52  MET A CB    1 
ATOM   399  C  CG    . MET A 1 52  ? -2.900  7.765   2.613   1.00 13.79  ? 52  MET A CG    1 
ATOM   400  S  SD    . MET A 1 52  ? -4.442  6.892   2.866   1.00 15.87  ? 52  MET A SD    1 
ATOM   401  C  CE    . MET A 1 52  ? -4.137  5.891   4.353   1.00 20.45  ? 52  MET A CE    1 
ATOM   402  N  N     . GLY A 1 53  ? -0.182  9.046   0.571   1.00 12.50  ? 53  GLY A N     1 
ATOM   403  C  CA    . GLY A 1 53  ? -0.139  10.466  0.138   1.00 11.59  ? 53  GLY A CA    1 
ATOM   404  C  C     . GLY A 1 53  ? -1.536  11.075  0.282   1.00 12.29  ? 53  GLY A C     1 
ATOM   405  O  O     . GLY A 1 53  ? -2.521  10.354  0.528   1.00 11.20  ? 53  GLY A O     1 
ATOM   406  N  N     . LYS A 1 54  ? -1.581  12.401  0.180   1.00 10.66  ? 54  LYS A N     1 
ATOM   407  C  CA    . LYS A 1 54  ? -2.829  13.151  0.342   1.00 11.61  ? 54  LYS A CA    1 
ATOM   408  C  C     . LYS A 1 54  ? -3.893  12.729  -0.685  1.00 11.81  ? 54  LYS A C     1 
ATOM   409  O  O     . LYS A 1 54  ? -5.091  12.530  -0.324  1.00 11.16  ? 54  LYS A O     1 
ATOM   410  C  CB    . LYS A 1 54  ? -2.513  14.657  0.151   1.00 11.60  ? 54  LYS A CB    1 
ATOM   411  C  CG    . LYS A 1 54  ? -3.691  15.543  0.536   1.00 10.50  ? 54  LYS A CG    1 
ATOM   412  C  CD    . LYS A 1 54  ? -3.261  16.993  0.386   1.00 12.62  ? 54  LYS A CD    1 
ATOM   413  C  CE    . LYS A 1 54  ? -2.881  17.398  -1.029  1.00 14.44  ? 54  LYS A CE    1 
ATOM   414  N  NZ    . LYS A 1 54  ? -2.338  18.821  -1.107  1.00 13.50  ? 54  LYS A NZ    1 
ATOM   415  N  N     . LYS A 1 55  ? -3.502  12.693  -1.959  1.00 12.35  ? 55  LYS A N     1 
ATOM   416  C  CA    . LYS A 1 55  ? -4.450  12.279  -3.004  1.00 11.60  ? 55  LYS A CA    1 
ATOM   417  C  C     . LYS A 1 55  ? -4.998  10.866  -2.800  1.00 10.11  ? 55  LYS A C     1 
ATOM   418  O  O     . LYS A 1 55  ? -6.152  10.644  -3.030  1.00 11.02  ? 55  LYS A O     1 
ATOM   419  C  CB    . LYS A 1 55  ? -3.893  12.450  -4.395  1.00 11.98  ? 55  LYS A CB    1 
ATOM   420  C  CG    . LYS A 1 55  ? -3.618  13.965  -4.786  1.00 14.67  ? 55  LYS A CG    1 
ATOM   421  C  CD    . LYS A 1 55  ? -3.211  14.088  -6.272  1.00 22.79  ? 55  LYS A CD    1 
ATOM   422  C  CE    . LYS A 1 55  ? -1.903  13.322  -6.563  1.00 29.05  ? 55  LYS A CE    1 
ATOM   423  N  NZ    . LYS A 1 55  ? -0.833  13.631  -5.560  1.00 29.16  ? 55  LYS A NZ    1 
ATOM   424  N  N     . THR A 1 56  ? -4.162  9.923   -2.349  1.00 11.23  ? 56  THR A N     1 
ATOM   425  C  CA    . THR A 1 56  ? -4.607  8.553   -2.021  1.00 10.35  ? 56  THR A CA    1 
ATOM   426  C  C     . THR A 1 56  ? -5.644  8.570   -0.874  1.00 9.79   ? 56  THR A C     1 
ATOM   427  O  O     . THR A 1 56  ? -6.722  7.933   -0.963  1.00 9.85   ? 56  THR A O     1 
ATOM   428  C  CB    . THR A 1 56  ? -3.368  7.657   -1.702  1.00 13.26  ? 56  THR A CB    1 
ATOM   429  O  OG1   . THR A 1 56  ? -2.486  7.560   -2.849  1.00 13.25  ? 56  THR A OG1   1 
ATOM   430  C  CG2   . THR A 1 56  ? -3.818  6.283   -1.279  1.00 13.51  ? 56  THR A CG2   1 
ATOM   431  N  N     . TRP A 1 57  ? -5.319  9.296   0.201   1.00 10.27  ? 57  TRP A N     1 
ATOM   432  C  CA    . TRP A 1 57  ? -6.245  9.488   1.305   1.00 10.06  ? 57  TRP A CA    1 
ATOM   433  C  C     . TRP A 1 57  ? -7.662  9.946   0.759   1.00 11.63  ? 57  TRP A C     1 
ATOM   434  O  O     . TRP A 1 57  ? -8.710  9.328   1.057   1.00 11.78  ? 57  TRP A O     1 
ATOM   435  C  CB    . TRP A 1 57  ? -5.659  10.445  2.350   1.00 12.05  ? 57  TRP A CB    1 
ATOM   436  C  CG    . TRP A 1 57  ? -6.724  10.844  3.407   1.00 9.26   ? 57  TRP A CG    1 
ATOM   437  C  CD1   . TRP A 1 57  ? -7.560  11.929  3.355   1.00 14.13  ? 57  TRP A CD1   1 
ATOM   438  C  CD2   . TRP A 1 57  ? -7.136  10.076  4.563   1.00 11.17  ? 57  TRP A CD2   1 
ATOM   439  N  NE1   . TRP A 1 57  ? -8.431  11.928  4.433   1.00 15.62  ? 57  TRP A NE1   1 
ATOM   440  C  CE2   . TRP A 1 57  ? -8.189  10.800  5.191   1.00 12.58  ? 57  TRP A CE2   1 
ATOM   441  C  CE3   . TRP A 1 57  ? -6.665  8.878   5.163   1.00 12.00  ? 57  TRP A CE3   1 
ATOM   442  C  CZ2   . TRP A 1 57  ? -8.834  10.342  6.340   1.00 11.62  ? 57  TRP A CZ2   1 
ATOM   443  C  CZ3   . TRP A 1 57  ? -7.274  8.434   6.330   1.00 10.71  ? 57  TRP A CZ3   1 
ATOM   444  C  CH2   . TRP A 1 57  ? -8.347  9.197   6.935   1.00 12.93  ? 57  TRP A CH2   1 
ATOM   445  N  N     . PHE A 1 58  ? -7.680  11.049  0.008   1.00 10.98  ? 58  PHE A N     1 
ATOM   446  C  CA    . PHE A 1 58  ? -8.956  11.597  -0.519  1.00 12.05  ? 58  PHE A CA    1 
ATOM   447  C  C     . PHE A 1 58  ? -9.683  10.739  -1.596  1.00 12.16  ? 58  PHE A C     1 
ATOM   448  O  O     . PHE A 1 58  ? -10.927 10.967  -1.885  1.00 13.18  ? 58  PHE A O     1 
ATOM   449  C  CB    . PHE A 1 58  ? -8.788  13.051  -0.936  1.00 10.45  ? 58  PHE A CB    1 
ATOM   450  C  CG    . PHE A 1 58  ? -8.640  13.963  0.233   1.00 11.84  ? 58  PHE A CG    1 
ATOM   451  C  CD1   . PHE A 1 58  ? -7.381  14.428  0.587   1.00 8.99   ? 58  PHE A CD1   1 
ATOM   452  C  CD2   . PHE A 1 58  ? -9.747  14.258  1.043   1.00 13.18  ? 58  PHE A CD2   1 
ATOM   453  C  CE1   . PHE A 1 58  ? -7.215  15.220  1.715   1.00 10.89  ? 58  PHE A CE1   1 
ATOM   454  C  CE2   . PHE A 1 58  ? -9.587  15.079  2.188   1.00 13.55  ? 58  PHE A CE2   1 
ATOM   455  C  CZ    . PHE A 1 58  ? -8.328  15.591  2.476   1.00 14.30  ? 58  PHE A CZ    1 
ATOM   456  N  N     . SER A 1 59  ? -8.952  9.788   -2.167  1.00 12.96  ? 59  SER A N     1 
ATOM   457  C  CA    . SER A 1 59  ? -9.489  8.796   -3.111  1.00 11.77  ? 59  SER A CA    1 
ATOM   458  C  C     . SER A 1 59  ? -10.237 7.683   -2.412  1.00 14.25  ? 59  SER A C     1 
ATOM   459  O  O     . SER A 1 59  ? -11.015 6.936   -3.067  1.00 14.67  ? 59  SER A O     1 
ATOM   460  C  CB    . SER A 1 59  ? -8.371  8.134   -3.915  1.00 12.46  ? 59  SER A CB    1 
ATOM   461  O  OG    . SER A 1 59  ? -7.751  7.036   -3.275  1.00 14.61  ? 59  SER A OG    1 
ATOM   462  N  N     . ILE A 1 60  ? -10.067 7.579   -1.105  1.00 15.39  ? 60  ILE A N     1 
ATOM   463  C  CA    . ILE A 1 60  ? -10.806 6.527   -0.335  1.00 15.84  ? 60  ILE A CA    1 
ATOM   464  C  C     . ILE A 1 60  ? -12.205 7.058   -0.031  1.00 17.30  ? 60  ILE A C     1 
ATOM   465  O  O     . ILE A 1 60  ? -12.390 8.199   0.410   1.00 18.39  ? 60  ILE A O     1 
ATOM   466  C  CB    . ILE A 1 60  ? -10.006 6.078   0.968   1.00 14.37  ? 60  ILE A CB    1 
ATOM   467  C  CG1   . ILE A 1 60  ? -8.688  5.467   0.631   1.00 17.44  ? 60  ILE A CG1   1 
ATOM   468  C  CG2   . ILE A 1 60  ? -10.770 4.993   1.857   1.00 13.62  ? 60  ILE A CG2   1 
ATOM   469  C  CD1   . ILE A 1 60  ? -7.627  5.520   1.768   1.00 23.24  ? 60  ILE A CD1   1 
ATOM   470  N  N     . PRO A 1 61  ? -13.236 6.263   -0.347  1.00 18.81  ? 61  PRO A N     1 
ATOM   471  C  CA    . PRO A 1 61  ? -14.551 6.735   0.016   1.00 20.28  ? 61  PRO A CA    1 
ATOM   472  C  C     . PRO A 1 61  ? -14.594 7.047   1.502   1.00 20.45  ? 61  PRO A C     1 
ATOM   473  O  O     . PRO A 1 61  ? -14.056 6.255   2.290   1.00 20.71  ? 61  PRO A O     1 
ATOM   474  C  CB    . PRO A 1 61  ? -15.442 5.541   -0.368  1.00 21.27  ? 61  PRO A CB    1 
ATOM   475  C  CG    . PRO A 1 61  ? -14.721 4.997   -1.642  1.00 20.89  ? 61  PRO A CG    1 
ATOM   476  C  CD    . PRO A 1 61  ? -13.281 5.005   -1.137  1.00 19.94  ? 61  PRO A CD    1 
ATOM   477  N  N     . GLU A 1 62  ? -15.210 8.173   1.863   1.00 20.87  ? 62  GLU A N     1 
ATOM   478  C  CA    . GLU A 1 62  ? -15.384 8.642   3.253   1.00 23.76  ? 62  GLU A CA    1 
ATOM   479  C  C     . GLU A 1 62  ? -15.801 7.598   4.248   1.00 22.26  ? 62  GLU A C     1 
ATOM   480  O  O     . GLU A 1 62  ? -15.346 7.652   5.410   1.00 22.90  ? 62  GLU A O     1 
ATOM   481  C  CB    . GLU A 1 62  ? -16.462 9.756   3.307   1.00 24.87  ? 62  GLU A CB    1 
ATOM   482  C  CG    . GLU A 1 62  ? -16.104 10.953  4.190   1.00 31.25  ? 62  GLU A CG    1 
ATOM   483  C  CD    . GLU A 1 62  ? -16.921 12.241  3.826   1.00 39.71  ? 62  GLU A CD    1 
ATOM   484  O  OE1   . GLU A 1 62  ? -16.916 12.709  2.641   1.00 42.44  ? 62  GLU A OE1   1 
ATOM   485  O  OE2   . GLU A 1 62  ? -17.536 12.804  4.757   1.00 43.01  ? 62  GLU A OE2   1 
ATOM   486  N  N     . LYS A 1 63  ? -16.697 6.694   3.835   1.00 21.96  ? 63  LYS A N     1 
ATOM   487  C  CA    . LYS A 1 63  ? -17.200 5.628   4.726   1.00 21.23  ? 63  LYS A CA    1 
ATOM   488  C  C     . LYS A 1 63  ? -16.121 4.648   5.185   1.00 21.35  ? 63  LYS A C     1 
ATOM   489  O  O     . LYS A 1 63  ? -16.334 3.914   6.170   1.00 21.20  ? 63  LYS A O     1 
ATOM   490  C  CB    . LYS A 1 63  ? -18.357 4.838   4.065   1.00 22.43  ? 63  LYS A CB    1 
ATOM   491  C  CG    . LYS A 1 63  ? -17.931 4.109   2.779   1.00 20.53  ? 63  LYS A CG    1 
ATOM   492  C  CD    . LYS A 1 63  ? -19.030 3.227   2.181   1.00 21.29  ? 63  LYS A CD    1 
ATOM   493  C  CE    . LYS A 1 63  ? -19.613 2.149   3.138   1.00 27.29  ? 63  LYS A CE    1 
ATOM   494  N  NZ    . LYS A 1 63  ? -20.562 1.281   2.382   1.00 29.83  ? 63  LYS A NZ    1 
ATOM   495  N  N     . PHE A 1 64  ? -15.002 4.613   4.450   1.00 18.76  ? 64  PHE A N     1 
ATOM   496  C  CA    . PHE A 1 64  ? -13.900 3.663   4.684   1.00 19.92  ? 64  PHE A CA    1 
ATOM   497  C  C     . PHE A 1 64  ? -12.691 4.318   5.327   1.00 17.91  ? 64  PHE A C     1 
ATOM   498  O  O     . PHE A 1 64  ? -11.693 3.638   5.513   1.00 19.02  ? 64  PHE A O     1 
ATOM   499  C  CB    . PHE A 1 64  ? -13.489 3.016   3.379   1.00 19.46  ? 64  PHE A CB    1 
ATOM   500  C  CG    . PHE A 1 64  ? -14.548 2.132   2.809   1.00 23.41  ? 64  PHE A CG    1 
ATOM   501  C  CD1   . PHE A 1 64  ? -14.992 2.315   1.503   1.00 26.56  ? 64  PHE A CD1   1 
ATOM   502  C  CD2   . PHE A 1 64  ? -15.171 1.181   3.612   1.00 27.27  ? 64  PHE A CD2   1 
ATOM   503  C  CE1   . PHE A 1 64  ? -15.986 1.497   0.966   1.00 31.22  ? 64  PHE A CE1   1 
ATOM   504  C  CE2   . PHE A 1 64  ? -16.184 0.385   3.099   1.00 31.12  ? 64  PHE A CE2   1 
ATOM   505  C  CZ    . PHE A 1 64  ? -16.587 0.531   1.776   1.00 30.42  ? 64  PHE A CZ    1 
ATOM   506  N  N     . ARG A 1 65  ? -12.825 5.613   5.630   1.00 17.05  ? 65  ARG A N     1 
ATOM   507  C  CA    . ARG A 1 65  ? -11.777 6.473   6.230   1.00 16.02  ? 65  ARG A CA    1 
ATOM   508  C  C     . ARG A 1 65  ? -12.098 6.770   7.671   1.00 14.83  ? 65  ARG A C     1 
ATOM   509  O  O     . ARG A 1 65  ? -13.239 7.144   8.010   1.00 15.34  ? 65  ARG A O     1 
ATOM   510  C  CB    . ARG A 1 65  ? -11.665 7.854   5.532   1.00 15.78  ? 65  ARG A CB    1 
ATOM   511  C  CG    . ARG A 1 65  ? -11.428 7.785   4.027   1.00 18.94  ? 65  ARG A CG    1 
ATOM   512  C  CD    . ARG A 1 65  ? -10.651 9.065   3.510   1.00 15.48  ? 65  ARG A CD    1 
ATOM   513  N  NE    . ARG A 1 65  ? -11.327 10.346  3.750   1.00 18.44  ? 65  ARG A NE    1 
ATOM   514  C  CZ    . ARG A 1 65  ? -12.012 11.075  2.869   1.00 18.06  ? 65  ARG A CZ    1 
ATOM   515  N  NH1   . ARG A 1 65  ? -12.475 12.285  3.219   1.00 14.16  ? 65  ARG A NH1   1 
ATOM   516  N  NH2   . ARG A 1 65  ? -12.278 10.593  1.635   1.00 18.15  ? 65  ARG A NH2   1 
ATOM   517  N  N     . PRO A 1 66  ? -11.094 6.667   8.542   1.00 13.58  ? 66  PRO A N     1 
ATOM   518  C  CA    . PRO A 1 66  ? -9.808  6.003   8.292   1.00 11.86  ? 66  PRO A CA    1 
ATOM   519  C  C     . PRO A 1 66  ? -9.981  4.514   8.019   1.00 11.99  ? 66  PRO A C     1 
ATOM   520  O  O     . PRO A 1 66  ? -11.023 3.916   8.409   1.00 12.88  ? 66  PRO A O     1 
ATOM   521  C  CB    . PRO A 1 66  ? -9.059  6.209   9.624   1.00 10.49  ? 66  PRO A CB    1 
ATOM   522  C  CG    . PRO A 1 66  ? -10.171 6.299   10.625  1.00 13.53  ? 66  PRO A CG    1 
ATOM   523  C  CD    . PRO A 1 66  ? -11.318 6.946   9.966   1.00 13.75  ? 66  PRO A CD    1 
ATOM   524  N  N     . LEU A 1 67  ? -9.009  3.883   7.386   1.00 11.45  ? 67  LEU A N     1 
ATOM   525  C  CA    . LEU A 1 67  ? -9.001  2.402   7.295   1.00 12.47  ? 67  LEU A CA    1 
ATOM   526  C  C     . LEU A 1 67  ? -9.090  1.760   8.698   1.00 12.12  ? 67  LEU A C     1 
ATOM   527  O  O     . LEU A 1 67  ? -8.169  1.901   9.518   1.00 13.98  ? 67  LEU A O     1 
ATOM   528  C  CB    . LEU A 1 67  ? -7.735  1.947   6.543   1.00 13.20  ? 67  LEU A CB    1 
ATOM   529  C  CG    . LEU A 1 67  ? -7.720  2.563   5.108   1.00 13.15  ? 67  LEU A CG    1 
ATOM   530  C  CD1   . LEU A 1 67  ? -6.424  2.104   4.400   1.00 12.31  ? 67  LEU A CD1   1 
ATOM   531  C  CD2   . LEU A 1 67  ? -8.917  2.173   4.179   1.00 18.70  ? 67  LEU A CD2   1 
ATOM   532  N  N     . LYS A 1 68  ? -10.188 1.092   8.991   1.00 10.83  ? 68  LYS A N     1 
ATOM   533  C  CA    . LYS A 1 68  ? -10.419 0.613   10.328  1.00 14.62  ? 68  LYS A CA    1 
ATOM   534  C  C     . LYS A 1 68  ? -9.416  -0.435  10.817  1.00 14.35  ? 68  LYS A C     1 
ATOM   535  O  O     . LYS A 1 68  ? -8.972  -1.272  10.078  1.00 14.34  ? 68  LYS A O     1 
ATOM   536  C  CB    . LYS A 1 68  ? -11.857 0.087   10.535  1.00 16.97  ? 68  LYS A CB    1 
ATOM   537  C  CG    . LYS A 1 68  ? -12.300 -1.011  9.557   1.00 23.99  ? 68  LYS A CG    1 
ATOM   538  C  CD    . LYS A 1 68  ? -13.830 -1.158  9.622   1.00 30.29  ? 68  LYS A CD    1 
ATOM   539  C  CE    . LYS A 1 68  ? -14.317 -2.192  8.632   1.00 30.92  ? 68  LYS A CE    1 
ATOM   540  N  NZ    . LYS A 1 68  ? -14.770 -3.416  9.346   1.00 37.36  ? 68  LYS A NZ    1 
ATOM   541  N  N     . GLY A 1 69  ? -9.132  -0.398  12.114  1.00 13.36  ? 69  GLY A N     1 
ATOM   542  C  CA    . GLY A 1 69  ? -8.191  -1.366  12.733  1.00 14.59  ? 69  GLY A CA    1 
ATOM   543  C  C     . GLY A 1 69  ? -6.730  -1.094  12.391  1.00 13.43  ? 69  GLY A C     1 
ATOM   544  O  O     . GLY A 1 69  ? -5.855  -1.942  12.645  1.00 14.60  ? 69  GLY A O     1 
ATOM   545  N  N     . ARG A 1 70  ? -6.478  0.010   11.702  1.00 13.09  ? 70  ARG A N     1 
ATOM   546  C  CA    . ARG A 1 70  ? -5.123  0.419   11.259  1.00 11.84  ? 70  ARG A CA    1 
ATOM   547  C  C     . ARG A 1 70  ? -4.911  1.870   11.664  1.00 12.54  ? 70  ARG A C     1 
ATOM   548  O  O     . ARG A 1 70  ? -5.856  2.688   11.665  1.00 11.58  ? 70  ARG A O     1 
ATOM   549  C  CB    . ARG A 1 70  ? -4.942  0.224   9.741   1.00 12.22  ? 70  ARG A CB    1 
ATOM   550  C  CG    . ARG A 1 70  ? -4.937  -1.230  9.299   1.00 9.93   ? 70  ARG A CG    1 
ATOM   551  C  CD    . ARG A 1 70  ? -5.485  -1.330  7.874   1.00 11.76  ? 70  ARG A CD    1 
ATOM   552  N  NE    . ARG A 1 70  ? -6.951  -1.291  7.875   1.00 11.13  ? 70  ARG A NE    1 
ATOM   553  C  CZ    . ARG A 1 70  ? -7.698  -1.470  6.802   1.00 11.99  ? 70  ARG A CZ    1 
ATOM   554  N  NH1   . ARG A 1 70  ? -7.090  -1.637  5.600   1.00 13.83  ? 70  ARG A NH1   1 
ATOM   555  N  NH2   . ARG A 1 70  ? -9.049  -1.437  6.921   1.00 13.51  ? 70  ARG A NH2   1 
ATOM   556  N  N     . ILE A 1 71  ? -3.677  2.196   12.042  1.00 12.03  ? 71  ILE A N     1 
ATOM   557  C  CA    . ILE A 1 71  ? -3.279  3.581   12.276  1.00 11.89  ? 71  ILE A CA    1 
ATOM   558  C  C     . ILE A 1 71  ? -3.039  4.255   10.913  1.00 12.05  ? 71  ILE A C     1 
ATOM   559  O  O     . ILE A 1 71  ? -2.337  3.719   10.054  1.00 12.86  ? 71  ILE A O     1 
ATOM   560  C  CB    . ILE A 1 71  ? -2.075  3.669   13.215  1.00 13.05  ? 71  ILE A CB    1 
ATOM   561  C  CG1   . ILE A 1 71  ? -2.384  3.050   14.574  1.00 15.26  ? 71  ILE A CG1   1 
ATOM   562  C  CG2   . ILE A 1 71  ? -1.550  5.156   13.348  1.00 9.52   ? 71  ILE A CG2   1 
ATOM   563  C  CD1   . ILE A 1 71  ? -1.100  2.744   15.402  1.00 14.15  ? 71  ILE A CD1   1 
ATOM   564  N  N     . ASN A 1 72  ? -3.688  5.417   10.702  1.00 10.32  ? 72  ASN A N     1 
ATOM   565  C  CA    . ASN A 1 72  ? -3.662  6.048   9.379   1.00 10.49  ? 72  ASN A CA    1 
ATOM   566  C  C     . ASN A 1 72  ? -2.816  7.309   9.397   1.00 9.83   ? 72  ASN A C     1 
ATOM   567  O  O     . ASN A 1 72  ? -3.079  8.297   10.144  1.00 12.41  ? 72  ASN A O     1 
ATOM   568  C  CB    . ASN A 1 72  ? -5.108  6.402   8.887   1.00 7.61   ? 72  ASN A CB    1 
ATOM   569  C  CG    . ASN A 1 72  ? -5.947  5.185   8.451   1.00 9.46   ? 72  ASN A CG    1 
ATOM   570  O  OD1   . ASN A 1 72  ? -6.486  5.190   7.340   1.00 13.37  ? 72  ASN A OD1   1 
ATOM   571  N  ND2   . ASN A 1 72  ? -6.155  4.167   9.361   1.00 12.33  ? 72  ASN A ND2   1 
ATOM   572  N  N     . LEU A 1 73  ? -1.794  7.315   8.555   1.00 10.61  ? 73  LEU A N     1 
ATOM   573  C  CA    . LEU A 1 73  ? -0.888  8.427   8.478   1.00 10.26  ? 73  LEU A CA    1 
ATOM   574  C  C     . LEU A 1 73  ? -0.863  8.926   7.058   1.00 10.45  ? 73  LEU A C     1 
ATOM   575  O  O     . LEU A 1 73  ? -0.649  8.155   6.104   1.00 10.57  ? 73  LEU A O     1 
ATOM   576  C  CB    . LEU A 1 73  ? 0.559   8.026   8.937   1.00 10.65  ? 73  LEU A CB    1 
ATOM   577  C  CG    . LEU A 1 73  ? 1.608   9.094   9.025   1.00 11.33  ? 73  LEU A CG    1 
ATOM   578  C  CD1   . LEU A 1 73  ? 2.683   8.671   10.071  1.00 12.32  ? 73  LEU A CD1   1 
ATOM   579  C  CD2   . LEU A 1 73  ? 2.288   9.468   7.627   1.00 9.32   ? 73  LEU A CD2   1 
ATOM   580  N  N     . VAL A 1 74  ? -1.035  10.228  6.931   1.00 9.57   ? 74  VAL A N     1 
ATOM   581  C  CA    . VAL A 1 74  ? -1.055  10.898  5.582   1.00 12.05  ? 74  VAL A CA    1 
ATOM   582  C  C     . VAL A 1 74  ? 0.208   11.713  5.447   1.00 13.64  ? 74  VAL A C     1 
ATOM   583  O  O     . VAL A 1 74  ? 0.677   12.354  6.397   1.00 12.91  ? 74  VAL A O     1 
ATOM   584  C  CB    . VAL A 1 74  ? -2.315  11.807  5.451   1.00 9.56   ? 74  VAL A CB    1 
ATOM   585  C  CG1   . VAL A 1 74  ? -2.463  12.499  4.047   1.00 14.32  ? 74  VAL A CG1   1 
ATOM   586  C  CG2   . VAL A 1 74  ? -3.518  10.914  5.685   1.00 12.77  ? 74  VAL A CG2   1 
ATOM   587  N  N     . LEU A 1 75  ? 0.711   11.715  4.232   1.00 12.93  ? 75  LEU A N     1 
ATOM   588  C  CA    . LEU A 1 75  ? 1.922   12.448  3.886   1.00 13.06  ? 75  LEU A CA    1 
ATOM   589  C  C     . LEU A 1 75  ? 1.534   13.690  3.118   1.00 13.38  ? 75  LEU A C     1 
ATOM   590  O  O     . LEU A 1 75  ? 0.842   13.595  2.087   1.00 14.58  ? 75  LEU A O     1 
ATOM   591  C  CB    . LEU A 1 75  ? 2.824   11.616  2.979   1.00 12.51  ? 75  LEU A CB    1 
ATOM   592  C  CG    . LEU A 1 75  ? 3.332   10.253  3.416   1.00 12.06  ? 75  LEU A CG    1 
ATOM   593  C  CD1   . LEU A 1 75  ? 4.368   9.576   2.484   1.00 14.94  ? 75  LEU A CD1   1 
ATOM   594  C  CD2   . LEU A 1 75  ? 4.062   10.539  4.735   1.00 14.75  ? 75  LEU A CD2   1 
ATOM   595  N  N     . SER A 1 76  ? 2.025   14.824  3.593   1.00 13.02  ? 76  SER A N     1 
ATOM   596  C  CA    . SER A 1 76  ? 1.816   16.113  2.897   1.00 13.80  ? 76  SER A CA    1 
ATOM   597  C  C     . SER A 1 76  ? 2.700   17.183  3.497   1.00 14.49  ? 76  SER A C     1 
ATOM   598  O  O     . SER A 1 76  ? 2.868   17.265  4.709   1.00 16.50  ? 76  SER A O     1 
ATOM   599  C  CB    . SER A 1 76  ? 0.358   16.566  3.117   1.00 13.04  ? 76  SER A CB    1 
ATOM   600  O  OG    . SER A 1 76  ? 0.103   17.848  2.504   1.00 14.06  ? 76  SER A OG    1 
ATOM   601  N  N     . ARG A 1 77  ? 3.197   18.068  2.640   1.00 18.39  ? 77  ARG A N     1 
ATOM   602  C  CA    . ARG A 1 77  ? 3.903   19.286  3.082   1.00 17.82  ? 77  ARG A CA    1 
ATOM   603  C  C     . ARG A 1 77  ? 2.970   20.481  3.121   1.00 19.63  ? 77  ARG A C     1 
ATOM   604  O  O     . ARG A 1 77  ? 3.253   21.445  3.816   1.00 20.92  ? 77  ARG A O     1 
ATOM   605  C  CB    . ARG A 1 77  ? 5.064   19.579  2.157   1.00 19.57  ? 77  ARG A CB    1 
ATOM   606  C  CG    . ARG A 1 77  ? 6.129   18.440  2.123   1.00 19.03  ? 77  ARG A CG    1 
ATOM   607  C  CD    . ARG A 1 77  ? 7.303   18.755  1.138   1.00 27.48  ? 77  ARG A CD    1 
ATOM   608  N  NE    . ARG A 1 77  ? 8.488   17.955  1.496   1.00 33.03  ? 77  ARG A NE    1 
ATOM   609  C  CZ    . ARG A 1 77  ? 8.711   16.706  1.082   1.00 35.70  ? 77  ARG A CZ    1 
ATOM   610  N  NH1   . ARG A 1 77  ? 7.841   16.094  0.264   1.00 35.26  ? 77  ARG A NH1   1 
ATOM   611  N  NH2   . ARG A 1 77  ? 9.801   16.059  1.486   1.00 35.46  ? 77  ARG A NH2   1 
ATOM   612  N  N     . GLU A 1 78  ? 1.875   20.414  2.380   1.00 17.66  ? 78  GLU A N     1 
ATOM   613  C  CA    . GLU A 1 78  ? 0.886   21.505  2.339   1.00 18.88  ? 78  GLU A CA    1 
ATOM   614  C  C     . GLU A 1 78  ? -0.033  21.539  3.568   1.00 17.86  ? 78  GLU A C     1 
ATOM   615  O  O     . GLU A 1 78  ? -0.381  22.626  4.099   1.00 17.28  ? 78  GLU A O     1 
ATOM   616  C  CB    . GLU A 1 78  ? 0.022   21.412  1.063   1.00 20.39  ? 78  GLU A CB    1 
ATOM   617  C  CG    . GLU A 1 78  ? 0.513   22.284  -0.053  1.00 27.06  ? 78  GLU A CG    1 
ATOM   618  C  CD    . GLU A 1 78  ? -0.391  22.283  -1.349  1.00 32.57  ? 78  GLU A CD    1 
ATOM   619  O  OE1   . GLU A 1 78  ? -1.622  22.173  -1.291  1.00 32.98  ? 78  GLU A OE1   1 
ATOM   620  O  OE2   . GLU A 1 78  ? 0.179   22.440  -2.449  1.00 37.78  ? 78  GLU A OE2   1 
ATOM   621  N  N     . LEU A 1 79  ? -0.469  20.356  3.994   1.00 16.00  ? 79  LEU A N     1 
ATOM   622  C  CA    . LEU A 1 79  ? -1.377  20.221  5.136   1.00 15.44  ? 79  LEU A CA    1 
ATOM   623  C  C     . LEU A 1 79  ? -0.625  20.522  6.429   1.00 15.37  ? 79  LEU A C     1 
ATOM   624  O  O     . LEU A 1 79  ? 0.517   20.166  6.570   1.00 17.81  ? 79  LEU A O     1 
ATOM   625  C  CB    . LEU A 1 79  ? -1.990  18.805  5.204   1.00 13.37  ? 79  LEU A CB    1 
ATOM   626  C  CG    . LEU A 1 79  ? -2.905  18.373  4.031   1.00 13.50  ? 79  LEU A CG    1 
ATOM   627  C  CD1   . LEU A 1 79  ? -3.527  17.020  4.417   1.00 12.95  ? 79  LEU A CD1   1 
ATOM   628  C  CD2   . LEU A 1 79  ? -4.003  19.457  3.785   1.00 11.58  ? 79  LEU A CD2   1 
ATOM   629  N  N     . LYS A 1 80  ? -1.288  21.176  7.366   1.00 15.70  ? 80  LYS A N     1 
ATOM   630  C  CA    . LYS A 1 80  ? -0.632  21.509  8.637   1.00 16.74  ? 80  LYS A CA    1 
ATOM   631  C  C     . LYS A 1 80  ? -1.192  20.682  9.812   1.00 16.45  ? 80  LYS A C     1 
ATOM   632  O  O     . LYS A 1 80  ? -0.673  20.734  10.964  1.00 17.15  ? 80  LYS A O     1 
ATOM   633  C  CB    . LYS A 1 80  ? -0.757  23.028  8.875   1.00 20.04  ? 80  LYS A CB    1 
ATOM   634  C  CG    . LYS A 1 80  ? -0.083  23.832  7.712   1.00 20.23  ? 80  LYS A CG    1 
ATOM   635  C  CD    . LYS A 1 80  ? 1.475   23.597  7.752   1.00 28.02  ? 80  LYS A CD    1 
ATOM   636  C  CE    . LYS A 1 80  ? 2.156   23.127  6.412   1.00 27.40  ? 80  LYS A CE    1 
ATOM   637  N  NZ    . LYS A 1 80  ? 2.523   24.111  5.329   1.00 30.56  ? 80  LYS A NZ    1 
ATOM   638  N  N     . GLU A 1 81  ? -2.230  19.912  9.529   1.00 14.79  ? 81  GLU A N     1 
ATOM   639  C  CA    . GLU A 1 81  ? -2.725  18.926  10.477  1.00 12.80  ? 81  GLU A CA    1 
ATOM   640  C  C     . GLU A 1 81  ? -3.358  17.752  9.710   1.00 13.49  ? 81  GLU A C     1 
ATOM   641  O  O     . GLU A 1 81  ? -3.760  17.910  8.560   1.00 12.69  ? 81  GLU A O     1 
ATOM   642  C  CB    . GLU A 1 81  ? -3.842  19.489  11.435  1.00 15.12  ? 81  GLU A CB    1 
ATOM   643  C  CG    . GLU A 1 81  ? -5.065  20.019  10.710  1.00 12.49  ? 81  GLU A CG    1 
ATOM   644  C  CD    . GLU A 1 81  ? -6.105  20.588  11.675  1.00 17.78  ? 81  GLU A CD    1 
ATOM   645  O  OE1   . GLU A 1 81  ? -6.869  19.807  12.282  1.00 18.85  ? 81  GLU A OE1   1 
ATOM   646  O  OE2   . GLU A 1 81  ? -6.112  21.810  11.844  1.00 21.14  ? 81  GLU A OE2   1 
ATOM   647  N  N     . PRO A 1 82  ? -3.494  16.565  10.380  1.00 14.58  ? 82  PRO A N     1 
ATOM   648  C  CA    . PRO A 1 82  ? -4.082  15.423  9.711   1.00 14.32  ? 82  PRO A CA    1 
ATOM   649  C  C     . PRO A 1 82  ? -5.460  15.775  9.195   1.00 14.35  ? 82  PRO A C     1 
ATOM   650  O  O     . PRO A 1 82  ? -6.228  16.510  9.833   1.00 13.64  ? 82  PRO A O     1 
ATOM   651  C  CB    . PRO A 1 82  ? -4.144  14.333  10.779  1.00 16.08  ? 82  PRO A CB    1 
ATOM   652  C  CG    . PRO A 1 82  ? -3.194  14.737  11.887  1.00 14.00  ? 82  PRO A CG    1 
ATOM   653  C  CD    . PRO A 1 82  ? -2.878  16.225  11.683  1.00 14.47  ? 82  PRO A CD    1 
ATOM   654  N  N     . PRO A 1 83  ? -5.827  15.224  8.032   1.00 14.24  ? 83  PRO A N     1 
ATOM   655  C  CA    . PRO A 1 83  ? -7.169  15.525  7.546   1.00 14.32  ? 83  PRO A CA    1 
ATOM   656  C  C     . PRO A 1 83  ? -8.182  14.965  8.488   1.00 13.69  ? 83  PRO A C     1 
ATOM   657  O  O     . PRO A 1 83  ? -7.823  14.079  9.245   1.00 13.83  ? 83  PRO A O     1 
ATOM   658  C  CB    . PRO A 1 83  ? -7.287  14.678  6.288   1.00 15.11  ? 83  PRO A CB    1 
ATOM   659  C  CG    . PRO A 1 83  ? -5.872  14.277  5.923   1.00 16.62  ? 83  PRO A CG    1 
ATOM   660  C  CD    . PRO A 1 83  ? -4.991  14.472  7.079   1.00 14.96  ? 83  PRO A CD    1 
ATOM   661  N  N     . GLN A 1 84  ? -9.428  15.414  8.365   1.00 13.54  ? 84  GLN A N     1 
ATOM   662  C  CA    . GLN A 1 84  ? -10.556 14.838  9.107   1.00 15.37  ? 84  GLN A CA    1 
ATOM   663  C  C     . GLN A 1 84  ? -10.572 13.309  9.053   1.00 13.89  ? 84  GLN A C     1 
ATOM   664  O  O     . GLN A 1 84  ? -10.608 12.714  7.956   1.00 15.04  ? 84  GLN A O     1 
ATOM   665  C  CB    . GLN A 1 84  ? -11.863 15.449  8.617   1.00 16.93  ? 84  GLN A CB    1 
ATOM   666  C  CG    . GLN A 1 84  ? -13.143 14.819  9.274   1.00 18.86  ? 84  GLN A CG    1 
ATOM   667  C  CD    . GLN A 1 84  ? -14.429 15.467  8.762   1.00 24.28  ? 84  GLN A CD    1 
ATOM   668  O  OE1   . GLN A 1 84  ? -14.422 16.246  7.814   1.00 25.33  ? 84  GLN A OE1   1 
ATOM   669  N  NE2   . GLN A 1 84  ? -15.518 15.171  9.419   1.00 29.54  ? 84  GLN A NE2   1 
ATOM   670  N  N     . GLY A 1 85  ? -10.488 12.653  10.218  1.00 14.17  ? 85  GLY A N     1 
ATOM   671  C  CA    . GLY A 1 85  ? -10.540 11.141  10.299  1.00 12.94  ? 85  GLY A CA    1 
ATOM   672  C  C     . GLY A 1 85  ? -9.156  10.479  10.300  1.00 12.65  ? 85  GLY A C     1 
ATOM   673  O  O     . GLY A 1 85  ? -9.009  9.317   10.782  1.00 10.17  ? 85  GLY A O     1 
ATOM   674  N  N     . ALA A 1 86  ? -8.129  11.181  9.821   1.00 11.48  ? 86  ALA A N     1 
ATOM   675  C  CA    . ALA A 1 86  ? -6.794  10.624  9.835   1.00 12.21  ? 86  ALA A CA    1 
ATOM   676  C  C     . ALA A 1 86  ? -6.134  10.805  11.218  1.00 12.57  ? 86  ALA A C     1 
ATOM   677  O  O     . ALA A 1 86  ? -6.567  11.651  12.031  1.00 12.43  ? 86  ALA A O     1 
ATOM   678  C  CB    . ALA A 1 86  ? -5.847  11.204  8.659   1.00 10.91  ? 86  ALA A CB    1 
ATOM   679  N  N     . HIS A 1 87  ? -5.120  9.997   11.477  1.00 11.90  ? 87  HIS A N     1 
ATOM   680  C  CA    . HIS A 1 87  ? -4.490  10.005  12.801  1.00 12.47  ? 87  HIS A CA    1 
ATOM   681  C  C     . HIS A 1 87  ? -3.202  10.761  12.917  1.00 13.68  ? 87  HIS A C     1 
ATOM   682  O  O     . HIS A 1 87  ? -2.946  11.425  13.973  1.00 12.96  ? 87  HIS A O     1 
ATOM   683  C  CB    . HIS A 1 87  ? -4.236  8.556   13.338  1.00 11.84  ? 87  HIS A CB    1 
ATOM   684  C  CG    . HIS A 1 87  ? -5.413  7.635   13.244  1.00 13.33  ? 87  HIS A CG    1 
ATOM   685  N  ND1   . HIS A 1 87  ? -6.645  7.882   13.841  1.00 14.79  ? 87  HIS A ND1   1 
ATOM   686  C  CD2   . HIS A 1 87  ? -5.524  6.440   12.626  1.00 7.33   ? 87  HIS A CD2   1 
ATOM   687  C  CE1   . HIS A 1 87  ? -7.465  6.874   13.558  1.00 6.23   ? 87  HIS A CE1   1 
ATOM   688  N  NE2   . HIS A 1 87  ? -6.801  5.987   12.831  1.00 17.41  ? 87  HIS A NE2   1 
ATOM   689  N  N     . PHE A 1 88  ? -2.395  10.686  11.845  1.00 13.28  ? 88  PHE A N     1 
ATOM   690  C  CA    . PHE A 1 88  ? -1.073  11.311  11.827  1.00 13.16  ? 88  PHE A CA    1 
ATOM   691  C  C     . PHE A 1 88  ? -0.809  11.992  10.519  1.00 13.94  ? 88  PHE A C     1 
ATOM   692  O  O     . PHE A 1 88  ? -1.387  11.593  9.444   1.00 14.24  ? 88  PHE A O     1 
ATOM   693  C  CB    . PHE A 1 88  ? 0.044   10.252  12.107  1.00 14.09  ? 88  PHE A CB    1 
ATOM   694  C  CG    . PHE A 1 88  ? 0.051   9.752   13.532  1.00 13.14  ? 88  PHE A CG    1 
ATOM   695  C  CD1   . PHE A 1 88  ? 0.650   10.508  14.578  1.00 19.17  ? 88  PHE A CD1   1 
ATOM   696  C  CD2   . PHE A 1 88  ? -0.612  8.602   13.851  1.00 11.11  ? 88  PHE A CD2   1 
ATOM   697  C  CE1   . PHE A 1 88  ? 0.599   10.063  15.908  1.00 15.15  ? 88  PHE A CE1   1 
ATOM   698  C  CE2   . PHE A 1 88  ? -0.677  8.116   15.223  1.00 13.39  ? 88  PHE A CE2   1 
ATOM   699  C  CZ    . PHE A 1 88  ? -0.085  8.865   16.219  1.00 15.57  ? 88  PHE A CZ    1 
ATOM   700  N  N     . LEU A 1 89  ? 0.096   12.968  10.577  1.00 13.40  ? 89  LEU A N     1 
ATOM   701  C  CA    . LEU A 1 89  ? 0.552   13.684  9.408   1.00 14.72  ? 89  LEU A CA    1 
ATOM   702  C  C     . LEU A 1 89  ? 2.093   13.796  9.405   1.00 15.07  ? 89  LEU A C     1 
ATOM   703  O  O     . LEU A 1 89  ? 2.699   14.212  10.413  1.00 17.06  ? 89  LEU A O     1 
ATOM   704  C  CB    . LEU A 1 89  ? -0.074  15.089  9.385   1.00 14.78  ? 89  LEU A CB    1 
ATOM   705  C  CG    . LEU A 1 89  ? 0.590   16.117  8.430   1.00 17.11  ? 89  LEU A CG    1 
ATOM   706  C  CD1   . LEU A 1 89  ? 0.224   15.792  6.946   1.00 15.32  ? 89  LEU A CD1   1 
ATOM   707  C  CD2   . LEU A 1 89  ? 0.077   17.520  8.778   1.00 17.91  ? 89  LEU A CD2   1 
ATOM   708  N  N     . SER A 1 90  ? 2.730   13.492  8.283   1.00 16.12  ? 90  SER A N     1 
ATOM   709  C  CA    . SER A 1 90  ? 4.177   13.686  8.152   1.00 15.32  ? 90  SER A CA    1 
ATOM   710  C  C     . SER A 1 90  ? 4.429   14.356  6.819   1.00 18.24  ? 90  SER A C     1 
ATOM   711  O  O     . SER A 1 90  ? 3.654   14.216  5.857   1.00 16.34  ? 90  SER A O     1 
ATOM   712  C  CB    . SER A 1 90  ? 4.957   12.375  8.203   1.00 16.51  ? 90  SER A CB    1 
ATOM   713  O  OG    . SER A 1 90  ? 4.719   11.689  9.394   1.00 17.47  ? 90  SER A OG    1 
ATOM   714  N  N     . ARG A 1 91  ? 5.537   15.069  6.753   1.00 18.84  ? 91  ARG A N     1 
ATOM   715  C  CA    . ARG A 1 91  ? 5.903   15.826  5.556   1.00 19.90  ? 91  ARG A CA    1 
ATOM   716  C  C     . ARG A 1 91  ? 6.458   14.924  4.485   1.00 21.23  ? 91  ARG A C     1 
ATOM   717  O  O     . ARG A 1 91  ? 6.330   15.239  3.320   1.00 23.48  ? 91  ARG A O     1 
ATOM   718  C  CB    . ARG A 1 91  ? 6.953   16.866  5.911   1.00 19.44  ? 91  ARG A CB    1 
ATOM   719  C  CG    . ARG A 1 91  ? 6.413   18.040  6.731   1.00 23.05  ? 91  ARG A CG    1 
ATOM   720  C  CD    . ARG A 1 91  ? 7.522   19.119  6.914   1.00 30.81  ? 91  ARG A CD    1 
ATOM   721  N  NE    . ARG A 1 91  ? 8.250   19.335  5.652   1.00 31.89  ? 91  ARG A NE    1 
ATOM   722  C  CZ    . ARG A 1 91  ? 7.962   20.322  4.793   1.00 34.21  ? 91  ARG A CZ    1 
ATOM   723  N  NH1   . ARG A 1 91  ? 8.660   20.435  3.648   1.00 35.95  ? 91  ARG A NH1   1 
ATOM   724  N  NH2   . ARG A 1 91  ? 6.975   21.198  5.070   1.00 28.45  ? 91  ARG A NH2   1 
ATOM   725  N  N     . SER A 1 92  ? 7.082   13.806  4.881   1.00 20.15  ? 92  SER A N     1 
ATOM   726  C  CA    . SER A 1 92  ? 7.779   12.916  3.964   1.00 21.16  ? 92  SER A CA    1 
ATOM   727  C  C     . SER A 1 92  ? 7.757   11.486  4.460   1.00 20.37  ? 92  SER A C     1 
ATOM   728  O  O     . SER A 1 92  ? 7.397   11.184  5.621   1.00 20.02  ? 92  SER A O     1 
ATOM   729  C  CB    . SER A 1 92  ? 9.229   13.354  3.764   1.00 20.24  ? 92  SER A CB    1 
ATOM   730  O  OG    . SER A 1 92  ? 9.974   13.127  4.940   1.00 20.78  ? 92  SER A OG    1 
ATOM   731  N  N     . LEU A 1 93  ? 8.109   10.583  3.574   1.00 19.61  ? 93  LEU A N     1 
ATOM   732  C  CA    . LEU A 1 93  ? 8.233   9.195   3.970   1.00 19.79  ? 93  LEU A CA    1 
ATOM   733  C  C     . LEU A 1 93  ? 9.282   8.980   5.070   1.00 18.99  ? 93  LEU A C     1 
ATOM   734  O  O     . LEU A 1 93  ? 8.987   8.306   6.087   1.00 19.43  ? 93  LEU A O     1 
ATOM   735  C  CB    . LEU A 1 93  ? 8.498   8.265   2.746   1.00 18.97  ? 93  LEU A CB    1 
ATOM   736  C  CG    . LEU A 1 93  ? 8.634   6.786   3.125   1.00 18.35  ? 93  LEU A CG    1 
ATOM   737  C  CD1   . LEU A 1 93  ? 7.440   6.231   3.935   1.00 23.54  ? 93  LEU A CD1   1 
ATOM   738  C  CD2   . LEU A 1 93  ? 8.896   5.846   1.893   1.00 20.04  ? 93  LEU A CD2   1 
ATOM   739  N  N     . ASP A 1 94  ? 10.477  9.539   4.876   1.00 20.67  ? 94  ASP A N     1 
ATOM   740  C  CA    . ASP A 1 94  ? 11.557  9.369   5.871   1.00 22.01  ? 94  ASP A CA    1 
ATOM   741  C  C     . ASP A 1 94  ? 11.102  9.907   7.193   1.00 20.19  ? 94  ASP A C     1 
ATOM   742  O  O     . ASP A 1 94  ? 11.293  9.220   8.201   1.00 19.90  ? 94  ASP A O     1 
ATOM   743  C  CB    . ASP A 1 94  ? 12.908  10.020  5.472   1.00 23.47  ? 94  ASP A CB    1 
ATOM   744  C  CG    . ASP A 1 94  ? 13.513  9.409   4.212   1.00 30.23  ? 94  ASP A CG    1 
ATOM   745  O  OD1   . ASP A 1 94  ? 14.157  10.177  3.446   1.00 35.35  ? 94  ASP A OD1   1 
ATOM   746  O  OD2   . ASP A 1 94  ? 13.336  8.188   3.978   1.00 33.38  ? 94  ASP A OD2   1 
ATOM   747  N  N     . ASP A 1 95  ? 10.371  11.029  7.198   1.00 20.60  ? 95  ASP A N     1 
ATOM   748  C  CA    . ASP A 1 95  ? 9.813   11.522  8.465   1.00 20.13  ? 95  ASP A CA    1 
ATOM   749  C  C     . ASP A 1 95  ? 8.815   10.581  9.099   1.00 19.45  ? 95  ASP A C     1 
ATOM   750  O  O     . ASP A 1 95  ? 8.851   10.411  10.332  1.00 18.96  ? 95  ASP A O     1 
ATOM   751  C  CB    . ASP A 1 95  ? 9.163   12.918  8.379   1.00 20.82  ? 95  ASP A CB    1 
ATOM   752  C  CG    . ASP A 1 95  ? 10.209  14.061  8.192   1.00 24.85  ? 95  ASP A CG    1 
ATOM   753  O  OD1   . ASP A 1 95  ? 11.440  13.768  8.192   1.00 25.94  ? 95  ASP A OD1   1 
ATOM   754  O  OD2   . ASP A 1 95  ? 9.779   15.236  8.020   1.00 21.85  ? 95  ASP A OD2   1 
ATOM   755  N  N     . ALA A 1 96  ? 7.890   10.021  8.289   1.00 16.40  ? 96  ALA A N     1 
ATOM   756  C  CA    . ALA A 1 96  ? 6.923   9.116   8.823   1.00 16.40  ? 96  ALA A CA    1 
ATOM   757  C  C     . ALA A 1 96  ? 7.601   7.917   9.508   1.00 16.59  ? 96  ALA A C     1 
ATOM   758  O  O     . ALA A 1 96  ? 7.198   7.471   10.570  1.00 16.95  ? 96  ALA A O     1 
ATOM   759  C  CB    . ALA A 1 96  ? 6.000   8.603   7.712   1.00 16.88  ? 96  ALA A CB    1 
ATOM   760  N  N     . LEU A 1 97  ? 8.572   7.334   8.833   1.00 18.64  ? 97  LEU A N     1 
ATOM   761  C  CA    . LEU A 1 97  ? 9.282   6.200   9.401   1.00 19.94  ? 97  LEU A CA    1 
ATOM   762  C  C     . LEU A 1 97  ? 10.079  6.583   10.659  1.00 21.02  ? 97  LEU A C     1 
ATOM   763  O  O     . LEU A 1 97  ? 10.107  5.832   11.652  1.00 21.94  ? 97  LEU A O     1 
ATOM   764  C  CB    . LEU A 1 97  ? 10.162  5.584   8.340   1.00 20.17  ? 97  LEU A CB    1 
ATOM   765  C  CG    . LEU A 1 97  ? 9.386   4.964   7.137   1.00 20.42  ? 97  LEU A CG    1 
ATOM   766  C  CD1   . LEU A 1 97  ? 10.404  4.379   6.092   1.00 22.61  ? 97  LEU A CD1   1 
ATOM   767  C  CD2   . LEU A 1 97  ? 8.331   3.856   7.508   1.00 18.45  ? 97  LEU A CD2   1 
ATOM   768  N  N     . LYS A 1 98  ? 10.659  7.768   10.661  1.00 20.76  ? 98  LYS A N     1 
ATOM   769  C  CA    . LYS A 1 98  ? 11.259  8.276   11.936  1.00 23.57  ? 98  LYS A CA    1 
ATOM   770  C  C     . LYS A 1 98  ? 10.272  8.355   13.098  1.00 24.91  ? 98  LYS A C     1 
ATOM   771  O  O     . LYS A 1 98  ? 10.576  7.917   14.209  1.00 22.91  ? 98  LYS A O     1 
ATOM   772  C  CB    . LYS A 1 98  ? 11.939  9.649   11.713  1.00 24.00  ? 98  LYS A CB    1 
ATOM   773  C  CG    . LYS A 1 98  ? 13.301  9.550   11.033  1.00 28.44  ? 98  LYS A CG    1 
ATOM   774  C  CD    . LYS A 1 98  ? 13.911  10.955  10.781  1.00 36.63  ? 98  LYS A CD    1 
ATOM   775  C  CE    . LYS A 1 98  ? 14.648  11.060  9.396   1.00 42.11  ? 98  LYS A CE    1 
ATOM   776  N  NZ    . LYS A 1 98  ? 13.821  11.669  8.256   1.00 42.87  ? 98  LYS A NZ    1 
ATOM   777  N  N     . LEU A 1 99  ? 9.068   8.881   12.842  1.00 26.83  ? 99  LEU A N     1 
ATOM   778  C  CA    . LEU A 1 99  ? 7.993   9.009   13.854  1.00 29.33  ? 99  LEU A CA    1 
ATOM   779  C  C     . LEU A 1 99  ? 7.645   7.647   14.473  1.00 31.47  ? 99  LEU A C     1 
ATOM   780  O  O     . LEU A 1 99  ? 7.362   7.505   15.683  1.00 31.31  ? 99  LEU A O     1 
ATOM   781  C  CB    . LEU A 1 99  ? 6.757   9.611   13.206  1.00 28.89  ? 99  LEU A CB    1 
ATOM   782  C  CG    . LEU A 1 99  ? 5.825   10.680  13.810  1.00 32.86  ? 99  LEU A CG    1 
ATOM   783  C  CD1   . LEU A 1 99  ? 4.399   10.434  13.280  1.00 32.44  ? 99  LEU A CD1   1 
ATOM   784  C  CD2   . LEU A 1 99  ? 5.848   10.809  15.336  1.00 33.11  ? 99  LEU A CD2   1 
ATOM   785  N  N     . THR A 1 100 ? 7.711   6.636   13.623  1.00 32.83  ? 100 THR A N     1 
ATOM   786  C  CA    . THR A 1 100 ? 7.471   5.262   14.003  1.00 35.53  ? 100 THR A CA    1 
ATOM   787  C  C     . THR A 1 100 ? 8.389   4.780   15.156  1.00 37.21  ? 100 THR A C     1 
ATOM   788  O  O     . THR A 1 100 ? 8.011   3.895   15.915  1.00 38.42  ? 100 THR A O     1 
ATOM   789  C  CB    . THR A 1 100 ? 7.541   4.457   12.690  1.00 35.21  ? 100 THR A CB    1 
ATOM   790  O  OG1   . THR A 1 100 ? 6.226   4.009   12.331  1.00 36.82  ? 100 THR A OG1   1 
ATOM   791  C  CG2   . THR A 1 100 ? 8.611   3.396   12.666  1.00 35.02  ? 100 THR A CG2   1 
ATOM   792  N  N     . GLU A 1 101 ? 9.543   5.426   15.324  1.00 38.54  ? 101 GLU A N     1 
ATOM   793  C  CA    . GLU A 1 101 ? 10.437  5.202   16.484  1.00 40.69  ? 101 GLU A CA    1 
ATOM   794  C  C     . GLU A 1 101 ? 10.185  6.079   17.734  1.00 40.92  ? 101 GLU A C     1 
ATOM   795  O  O     . GLU A 1 101 ? 10.609  5.715   18.824  1.00 41.80  ? 101 GLU A O     1 
ATOM   796  C  CB    . GLU A 1 101 ? 11.919  5.260   16.069  1.00 41.55  ? 101 GLU A CB    1 
ATOM   797  C  CG    . GLU A 1 101 ? 12.262  4.603   14.710  1.00 44.72  ? 101 GLU A CG    1 
ATOM   798  C  CD    . GLU A 1 101 ? 11.867  3.106   14.572  1.00 50.72  ? 101 GLU A CD    1 
ATOM   799  O  OE1   . GLU A 1 101 ? 11.528  2.430   15.575  1.00 53.24  ? 101 GLU A OE1   1 
ATOM   800  O  OE2   . GLU A 1 101 ? 11.912  2.580   13.428  1.00 53.26  ? 101 GLU A OE2   1 
ATOM   801  N  N     . GLN A 1 102 ? 9.456   7.184   17.603  1.00 41.36  ? 102 GLN A N     1 
ATOM   802  C  CA    . GLN A 1 102 ? 9.101   8.038   18.761  1.00 42.14  ? 102 GLN A CA    1 
ATOM   803  C  C     . GLN A 1 102 ? 8.272   7.284   19.836  1.00 42.51  ? 102 GLN A C     1 
ATOM   804  O  O     . GLN A 1 102 ? 7.692   6.233   19.531  1.00 42.87  ? 102 GLN A O     1 
ATOM   805  C  CB    . GLN A 1 102 ? 8.353   9.317   18.298  1.00 42.35  ? 102 GLN A CB    1 
ATOM   806  C  CG    . GLN A 1 102 ? 9.125   10.214  17.270  1.00 44.64  ? 102 GLN A CG    1 
ATOM   807  C  CD    . GLN A 1 102 ? 10.592  10.431  17.639  1.00 47.04  ? 102 GLN A CD    1 
ATOM   808  O  OE1   . GLN A 1 102 ? 10.897  11.054  18.653  1.00 49.81  ? 102 GLN A OE1   1 
ATOM   809  N  NE2   . GLN A 1 102 ? 11.503  9.894   16.827  1.00 48.74  ? 102 GLN A NE2   1 
ATOM   810  N  N     . PRO A 1 103 ? 8.203   7.819   21.090  1.00 42.44  ? 103 PRO A N     1 
ATOM   811  C  CA    . PRO A 1 103 ? 7.460   7.157   22.165  1.00 41.93  ? 103 PRO A CA    1 
ATOM   812  C  C     . PRO A 1 103 ? 6.009   6.875   21.839  1.00 40.95  ? 103 PRO A C     1 
ATOM   813  O  O     . PRO A 1 103 ? 5.444   5.860   22.281  1.00 40.83  ? 103 PRO A O     1 
ATOM   814  C  CB    . PRO A 1 103 ? 7.496   8.195   23.312  1.00 42.44  ? 103 PRO A CB    1 
ATOM   815  C  CG    . PRO A 1 103 ? 7.931   9.502   22.679  1.00 43.65  ? 103 PRO A CG    1 
ATOM   816  C  CD    . PRO A 1 103 ? 8.893   9.016   21.605  1.00 42.67  ? 103 PRO A CD    1 
ATOM   817  N  N     . GLU A 1 104 ? 5.402   7.800   21.116  1.00 39.93  ? 104 GLU A N     1 
ATOM   818  C  CA    . GLU A 1 104 ? 3.976   7.736   20.854  1.00 39.62  ? 104 GLU A CA    1 
ATOM   819  C  C     . GLU A 1 104 ? 3.573   6.651   19.833  1.00 38.06  ? 104 GLU A C     1 
ATOM   820  O  O     . GLU A 1 104 ? 2.370   6.367   19.670  1.00 39.03  ? 104 GLU A O     1 
ATOM   821  C  CB    . GLU A 1 104 ? 3.405   9.106   20.454  1.00 40.20  ? 104 GLU A CB    1 
ATOM   822  C  CG    . GLU A 1 104 ? 4.354   10.066  19.730  1.00 44.10  ? 104 GLU A CG    1 
ATOM   823  C  CD    . GLU A 1 104 ? 3.618   11.201  19.007  1.00 50.09  ? 104 GLU A CD    1 
ATOM   824  O  OE1   . GLU A 1 104 ? 4.330   11.976  18.316  1.00 53.32  ? 104 GLU A OE1   1 
ATOM   825  O  OE2   . GLU A 1 104 ? 2.345   11.318  19.117  1.00 50.66  ? 104 GLU A OE2   1 
ATOM   826  N  N     . LEU A 1 105 ? 4.548   6.063   19.146  1.00 34.78  ? 105 LEU A N     1 
ATOM   827  C  CA    . LEU A 1 105 ? 4.248   5.091   18.097  1.00 33.04  ? 105 LEU A CA    1 
ATOM   828  C  C     . LEU A 1 105 ? 5.052   3.797   18.278  1.00 32.59  ? 105 LEU A C     1 
ATOM   829  O  O     . LEU A 1 105 ? 4.560   2.711   17.934  1.00 30.22  ? 105 LEU A O     1 
ATOM   830  C  CB    . LEU A 1 105 ? 4.501   5.678   16.701  1.00 32.93  ? 105 LEU A CB    1 
ATOM   831  C  CG    . LEU A 1 105 ? 3.440   6.502   15.934  1.00 33.61  ? 105 LEU A CG    1 
ATOM   832  C  CD1   . LEU A 1 105 ? 3.914   6.695   14.469  1.00 32.13  ? 105 LEU A CD1   1 
ATOM   833  C  CD2   . LEU A 1 105 ? 2.033   5.846   15.995  1.00 34.74  ? 105 LEU A CD2   1 
ATOM   834  N  N     . ALA A 1 106 ? 6.269   3.937   18.834  1.00 32.39  ? 106 ALA A N     1 
ATOM   835  C  CA    . ALA A 1 106 ? 7.211   2.818   19.002  1.00 32.78  ? 106 ALA A CA    1 
ATOM   836  C  C     . ALA A 1 106 ? 6.594   1.494   19.467  1.00 31.86  ? 106 ALA A C     1 
ATOM   837  O  O     . ALA A 1 106 ? 6.989   0.444   18.993  1.00 32.87  ? 106 ALA A O     1 
ATOM   838  C  CB    . ALA A 1 106 ? 8.393   3.216   19.933  1.00 33.59  ? 106 ALA A CB    1 
ATOM   839  N  N     . ASN A 1 107 ? 5.648   1.529   20.395  1.00 30.58  ? 107 ASN A N     1 
ATOM   840  C  CA    . ASN A 1 107 ? 5.112   0.269   20.942  1.00 29.85  ? 107 ASN A CA    1 
ATOM   841  C  C     . ASN A 1 107 ? 3.722   -0.087  20.444  1.00 27.17  ? 107 ASN A C     1 
ATOM   842  O  O     . ASN A 1 107 ? 3.104   -1.085  20.908  1.00 27.53  ? 107 ASN A O     1 
ATOM   843  C  CB    . ASN A 1 107 ? 5.148   0.280   22.465  1.00 31.49  ? 107 ASN A CB    1 
ATOM   844  C  CG    . ASN A 1 107 ? 6.558   0.495   23.009  1.00 37.80  ? 107 ASN A CG    1 
ATOM   845  O  OD1   . ASN A 1 107 ? 6.830   1.503   23.677  1.00 43.31  ? 107 ASN A OD1   1 
ATOM   846  N  ND2   . ASN A 1 107 ? 7.467   -0.435  22.702  1.00 39.76  ? 107 ASN A ND2   1 
ATOM   847  N  N     . LYS A 1 108 ? 3.246   0.729   19.501  1.00 23.66  ? 108 LYS A N     1 
ATOM   848  C  CA    . LYS A 1 108 ? 1.868   0.634   18.977  1.00 22.80  ? 108 LYS A CA    1 
ATOM   849  C  C     . LYS A 1 108 ? 1.771   -0.011  17.579  1.00 19.58  ? 108 LYS A C     1 
ATOM   850  O  O     . LYS A 1 108 ? 0.762   -0.634  17.262  1.00 20.91  ? 108 LYS A O     1 
ATOM   851  C  CB    . LYS A 1 108 ? 1.207   2.018   18.902  1.00 21.11  ? 108 LYS A CB    1 
ATOM   852  C  CG    . LYS A 1 108 ? 0.639   2.469   20.231  1.00 28.04  ? 108 LYS A CG    1 
ATOM   853  C  CD    . LYS A 1 108 ? 0.271   3.947   20.224  1.00 30.97  ? 108 LYS A CD    1 
ATOM   854  C  CE    . LYS A 1 108 ? -0.039  4.396   21.648  1.00 32.18  ? 108 LYS A CE    1 
ATOM   855  N  NZ    . LYS A 1 108 ? 1.152   4.975   22.381  1.00 32.27  ? 108 LYS A NZ    1 
ATOM   856  N  N     . VAL A 1 109 ? 2.803   0.185   16.800  1.00 15.87  ? 109 VAL A N     1 
ATOM   857  C  CA    . VAL A 1 109 ? 2.866   -0.210  15.381  1.00 15.13  ? 109 VAL A CA    1 
ATOM   858  C  C     . VAL A 1 109 ? 3.559   -1.543  15.146  1.00 15.43  ? 109 VAL A C     1 
ATOM   859  O  O     . VAL A 1 109 ? 4.726   -1.731  15.548  1.00 15.97  ? 109 VAL A O     1 
ATOM   860  C  CB    . VAL A 1 109 ? 3.625   0.875   14.526  1.00 13.92  ? 109 VAL A CB    1 
ATOM   861  C  CG1   . VAL A 1 109 ? 3.691   0.412   13.057  1.00 13.27  ? 109 VAL A CG1   1 
ATOM   862  C  CG2   . VAL A 1 109 ? 2.952   2.277   14.682  1.00 17.72  ? 109 VAL A CG2   1 
ATOM   863  N  N     . ASP A 1 110 ? 2.866   -2.444  14.462  1.00 15.20  ? 110 ASP A N     1 
ATOM   864  C  CA    . ASP A 1 110 ? 3.540   -3.650  13.909  1.00 15.59  ? 110 ASP A CA    1 
ATOM   865  C  C     . ASP A 1 110 ? 4.070   -3.454  12.499  1.00 15.03  ? 110 ASP A C     1 
ATOM   866  O  O     . ASP A 1 110 ? 5.134   -2.826  12.326  1.00 16.03  ? 110 ASP A O     1 
ATOM   867  C  CB    . ASP A 1 110 ? 2.627   -4.892  14.010  1.00 16.40  ? 110 ASP A CB    1 
ATOM   868  C  CG    . ASP A 1 110 ? 3.383   -6.196  13.698  1.00 16.89  ? 110 ASP A CG    1 
ATOM   869  O  OD1   . ASP A 1 110 ? 2.763   -7.157  13.280  1.00 23.13  ? 110 ASP A OD1   1 
ATOM   870  O  OD2   . ASP A 1 110 ? 4.621   -6.221  13.838  1.00 22.15  ? 110 ASP A OD2   1 
ATOM   871  N  N     . MET A 1 111 ? 3.330   -3.933  11.496  1.00 14.21  ? 111 MET A N     1 
ATOM   872  C  CA    . MET A 1 111 ? 3.756   -3.770  10.118  1.00 13.50  ? 111 MET A CA    1 
ATOM   873  C  C     . MET A 1 111 ? 3.478   -2.371  9.581   1.00 13.42  ? 111 MET A C     1 
ATOM   874  O  O     . MET A 1 111 ? 2.489   -1.714  9.961   1.00 13.66  ? 111 MET A O     1 
ATOM   875  C  CB    . MET A 1 111 ? 3.027   -4.780  9.262   1.00 15.29  ? 111 MET A CB    1 
ATOM   876  C  CG    . MET A 1 111 ? 3.327   -6.246  9.708   1.00 17.92  ? 111 MET A CG    1 
ATOM   877  S  SD    . MET A 1 111 ? 2.679   -7.465  8.542   1.00 25.67  ? 111 MET A SD    1 
ATOM   878  C  CE    . MET A 1 111 ? 1.190   -7.051  8.446   1.00 16.68  ? 111 MET A CE    1 
ATOM   879  N  N     . VAL A 1 112 ? 4.359   -1.888  8.714   1.00 12.32  ? 112 VAL A N     1 
ATOM   880  C  CA    . VAL A 1 112 ? 4.001   -0.670  8.033   1.00 10.97  ? 112 VAL A CA    1 
ATOM   881  C  C     . VAL A 1 112 ? 3.649   -0.950  6.527   1.00 12.21  ? 112 VAL A C     1 
ATOM   882  O  O     . VAL A 1 112 ? 4.389   -1.713  5.867   1.00 11.28  ? 112 VAL A O     1 
ATOM   883  C  CB    . VAL A 1 112 ? 4.984   0.496   8.264   1.00 13.60  ? 112 VAL A CB    1 
ATOM   884  C  CG1   . VAL A 1 112 ? 6.068   0.414   9.414   1.00 14.45  ? 112 VAL A CG1   1 
ATOM   885  C  CG2   . VAL A 1 112 ? 4.898   1.598   7.178   1.00 11.81  ? 112 VAL A CG2   1 
ATOM   886  N  N     . TRP A 1 113 ? 2.521   -0.393  6.039   1.00 10.52  ? 113 TRP A N     1 
ATOM   887  C  CA    . TRP A 1 113 ? 1.979   -0.656  4.660   1.00 11.43  ? 113 TRP A CA    1 
ATOM   888  C  C     . TRP A 1 113 ? 1.888   0.644   3.940   1.00 10.95  ? 113 TRP A C     1 
ATOM   889  O  O     . TRP A 1 113 ? 1.156   1.522   4.387   1.00 12.72  ? 113 TRP A O     1 
ATOM   890  C  CB    . TRP A 1 113 ? 0.579   -1.259  4.828   1.00 11.28  ? 113 TRP A CB    1 
ATOM   891  C  CG    . TRP A 1 113 ? 0.648   -2.654  5.234   1.00 11.50  ? 113 TRP A CG    1 
ATOM   892  C  CD1   . TRP A 1 113 ? 0.463   -3.150  6.527   1.00 13.56  ? 113 TRP A CD1   1 
ATOM   893  C  CD2   . TRP A 1 113 ? 0.893   -3.826  4.387   1.00 12.47  ? 113 TRP A CD2   1 
ATOM   894  N  NE1   . TRP A 1 113 ? 0.636   -4.525  6.537   1.00 13.23  ? 113 TRP A NE1   1 
ATOM   895  C  CE2   . TRP A 1 113 ? 0.838   -4.983  5.249   1.00 16.63  ? 113 TRP A CE2   1 
ATOM   896  C  CE3   . TRP A 1 113 ? 1.122   -4.024  3.011   1.00 12.73  ? 113 TRP A CE3   1 
ATOM   897  C  CZ2   . TRP A 1 113 ? 1.071   -6.295  4.779   1.00 14.67  ? 113 TRP A CZ2   1 
ATOM   898  C  CZ3   . TRP A 1 113 ? 1.320   -5.368  2.532   1.00 14.39  ? 113 TRP A CZ3   1 
ATOM   899  C  CH2   . TRP A 1 113 ? 1.269   -6.469  3.408   1.00 17.75  ? 113 TRP A CH2   1 
ATOM   900  N  N     . ILE A 1 114 ? 2.707   0.817   2.903   1.00 11.21  ? 114 ILE A N     1 
ATOM   901  C  CA    . ILE A 1 114 ? 2.562   1.950   2.022   1.00 10.41  ? 114 ILE A CA    1 
ATOM   902  C  C     . ILE A 1 114 ? 1.494   1.612   0.941   1.00 10.74  ? 114 ILE A C     1 
ATOM   903  O  O     . ILE A 1 114 ? 1.549   0.626   0.235   1.00 9.34   ? 114 ILE A O     1 
ATOM   904  C  CB    . ILE A 1 114 ? 3.910   2.370   1.368   1.00 11.52  ? 114 ILE A CB    1 
ATOM   905  C  CG1   . ILE A 1 114 ? 4.910   2.774   2.473   1.00 15.81  ? 114 ILE A CG1   1 
ATOM   906  C  CG2   . ILE A 1 114 ? 3.651   3.427   0.193   1.00 12.52  ? 114 ILE A CG2   1 
ATOM   907  C  CD1   . ILE A 1 114 ? 6.369   2.577   2.049   1.00 18.55  ? 114 ILE A CD1   1 
ATOM   908  N  N     . VAL A 1 115 ? 0.499   2.453   0.859   1.00 10.89  ? 115 VAL A N     1 
ATOM   909  C  CA    . VAL A 1 115 ? -0.669  2.189   0.007   1.00 13.35  ? 115 VAL A CA    1 
ATOM   910  C  C     . VAL A 1 115 ? -0.864  3.233   -1.081  1.00 14.20  ? 115 VAL A C     1 
ATOM   911  O  O     . VAL A 1 115 ? -1.843  3.164   -1.806  1.00 17.23  ? 115 VAL A O     1 
ATOM   912  C  CB    . VAL A 1 115 ? -1.957  1.953   0.861   1.00 12.19  ? 115 VAL A CB    1 
ATOM   913  C  CG1   . VAL A 1 115 ? -1.752  0.888   1.891   1.00 14.15  ? 115 VAL A CG1   1 
ATOM   914  C  CG2   . VAL A 1 115 ? -2.463  3.283   1.526   1.00 15.24  ? 115 VAL A CG2   1 
ATOM   915  N  N     . GLY A 1 116 ? 0.122   4.105   -1.283  1.00 14.75  ? 116 GLY A N     1 
ATOM   916  C  CA    . GLY A 1 116 ? 0.200   4.961   -2.495  1.00 15.93  ? 116 GLY A CA    1 
ATOM   917  C  C     . GLY A 1 116 ? 0.416   6.427   -2.159  1.00 15.35  ? 116 GLY A C     1 
ATOM   918  O  O     . GLY A 1 116 ? 0.462   6.802   -1.000  1.00 15.26  ? 116 GLY A O     1 
ATOM   919  N  N     . GLY A 1 117 ? 0.544   7.284   -3.182  1.00 16.06  ? 117 GLY A N     1 
ATOM   920  C  CA    . GLY A 1 117 ? 0.439   6.865   -4.602  1.00 14.91  ? 117 GLY A CA    1 
ATOM   921  C  C     . GLY A 1 117 ? 1.810   6.772   -5.236  1.00 14.88  ? 117 GLY A C     1 
ATOM   922  O  O     . GLY A 1 117 ? 2.779   6.417   -4.548  1.00 13.18  ? 117 GLY A O     1 
ATOM   923  N  N     . SER A 1 118 ? 1.931   7.155   -6.526  1.00 15.51  ? 118 SER A N     1 
ATOM   924  C  CA    . SER A 1 118 ? 3.165   6.826   -7.324  1.00 16.30  ? 118 SER A CA    1 
ATOM   925  C  C     . SER A 1 118 ? 4.455   7.336   -6.691  1.00 17.29  ? 118 SER A C     1 
ATOM   926  O  O     . SER A 1 118 ? 5.417   6.581   -6.589  1.00 16.15  ? 118 SER A O     1 
ATOM   927  C  CB    . SER A 1 118 ? 3.167   7.423   -8.758  1.00 16.80  ? 118 SER A CB    1 
ATOM   928  O  OG    . SER A 1 118 ? 1.914   7.492   -9.269  1.00 23.45  ? 118 SER A OG    1 
ATOM   929  N  N     . SER A 1 119 ? 4.501   8.619   -6.248  1.00 18.07  ? 119 SER A N     1 
ATOM   930  C  CA    . SER A 1 119 ? 5.783   9.113   -5.748  1.00 19.21  ? 119 SER A CA    1 
ATOM   931  C  C     . SER A 1 119 ? 6.228   8.505   -4.430  1.00 17.24  ? 119 SER A C     1 
ATOM   932  O  O     . SER A 1 119 ? 7.435   8.340   -4.200  1.00 17.15  ? 119 SER A O     1 
ATOM   933  C  CB    . SER A 1 119 ? 5.812   10.649  -5.671  1.00 19.93  ? 119 SER A CB    1 
ATOM   934  O  OG    . SER A 1 119 ? 4.891   10.999  -4.669  1.00 23.94  ? 119 SER A OG    1 
ATOM   935  N  N     . VAL A 1 120 ? 5.279   8.092   -3.621  1.00 16.95  ? 120 VAL A N     1 
ATOM   936  C  CA    . VAL A 1 120 ? 5.587   7.494   -2.313  1.00 16.70  ? 120 VAL A CA    1 
ATOM   937  C  C     . VAL A 1 120 ? 6.029   6.029   -2.546  1.00 15.26  ? 120 VAL A C     1 
ATOM   938  O  O     . VAL A 1 120 ? 7.021   5.577   -1.981  1.00 15.61  ? 120 VAL A O     1 
ATOM   939  C  CB    . VAL A 1 120 ? 4.349   7.480   -1.437  1.00 16.06  ? 120 VAL A CB    1 
ATOM   940  C  CG1   . VAL A 1 120 ? 4.649   6.806   -0.101  1.00 15.45  ? 120 VAL A CG1   1 
ATOM   941  C  CG2   . VAL A 1 120 ? 3.876   8.917   -1.240  1.00 17.77  ? 120 VAL A CG2   1 
ATOM   942  N  N     . TYR A 1 121 ? 5.322   5.331   -3.437  1.00 14.65  ? 121 TYR A N     1 
ATOM   943  C  CA    . TYR A 1 121 ? 5.869   4.052   -3.883  1.00 13.54  ? 121 TYR A CA    1 
ATOM   944  C  C     . TYR A 1 121 ? 7.291   4.191   -4.407  1.00 14.62  ? 121 TYR A C     1 
ATOM   945  O  O     . TYR A 1 121 ? 8.189   3.363   -4.041  1.00 15.88  ? 121 TYR A O     1 
ATOM   946  C  CB    . TYR A 1 121 ? 5.031   3.452   -4.998  1.00 13.47  ? 121 TYR A CB    1 
ATOM   947  C  CG    . TYR A 1 121 ? 3.668   2.953   -4.628  1.00 10.19  ? 121 TYR A CG    1 
ATOM   948  C  CD1   . TYR A 1 121 ? 2.559   3.289   -5.413  1.00 11.97  ? 121 TYR A CD1   1 
ATOM   949  C  CD2   . TYR A 1 121 ? 3.483   2.088   -3.525  1.00 10.40  ? 121 TYR A CD2   1 
ATOM   950  C  CE1   . TYR A 1 121 ? 1.323   2.785   -5.174  1.00 7.59   ? 121 TYR A CE1   1 
ATOM   951  C  CE2   . TYR A 1 121 ? 2.164   1.600   -3.198  1.00 10.73  ? 121 TYR A CE2   1 
ATOM   952  C  CZ    . TYR A 1 121 ? 1.102   1.941   -4.058  1.00 14.30  ? 121 TYR A CZ    1 
ATOM   953  O  OH    . TYR A 1 121 ? -0.197  1.477   -3.797  1.00 13.00  ? 121 TYR A OH    1 
ATOM   954  N  N     . LYS A 1 122 ? 7.523   5.173   -5.297  1.00 13.48  ? 122 LYS A N     1 
ATOM   955  C  CA    . LYS A 1 122 ? 8.849   5.238   -5.979  1.00 16.55  ? 122 LYS A CA    1 
ATOM   956  C  C     . LYS A 1 122 ? 9.931   5.443   -4.881  1.00 16.12  ? 122 LYS A C     1 
ATOM   957  O  O     . LYS A 1 122 ? 10.951  4.709   -4.812  1.00 19.27  ? 122 LYS A O     1 
ATOM   958  C  CB    . LYS A 1 122 ? 8.846   6.427   -6.954  1.00 16.02  ? 122 LYS A CB    1 
ATOM   959  C  CG    . LYS A 1 122 ? 10.230  6.624   -7.659  1.00 19.22  ? 122 LYS A CG    1 
ATOM   960  C  CD    . LYS A 1 122 ? 10.186  7.928   -8.467  1.00 28.86  ? 122 LYS A CD    1 
ATOM   961  C  CE    . LYS A 1 122 ? 11.577  8.234   -9.009  1.00 30.44  ? 122 LYS A CE    1 
ATOM   962  N  NZ    . LYS A 1 122 ? 12.045  7.048   -9.786  1.00 32.74  ? 122 LYS A NZ    1 
ATOM   963  N  N     . GLU A 1 123 ? 9.659   6.360   -3.966  1.00 18.86  ? 123 GLU A N     1 
ATOM   964  C  CA    . GLU A 1 123 ? 10.683  6.727   -2.961  1.00 21.27  ? 123 GLU A CA    1 
ATOM   965  C  C     . GLU A 1 123 ? 10.991  5.482   -2.095  1.00 18.40  ? 123 GLU A C     1 
ATOM   966  O  O     . GLU A 1 123 ? 12.178  5.121   -1.877  1.00 20.17  ? 123 GLU A O     1 
ATOM   967  C  CB    . GLU A 1 123 ? 10.181  7.964   -2.148  1.00 21.99  ? 123 GLU A CB    1 
ATOM   968  C  CG    . GLU A 1 123 ? 10.263  7.897   -0.644  1.00 31.54  ? 123 GLU A CG    1 
ATOM   969  C  CD    . GLU A 1 123 ? 11.225  8.902   0.045   1.00 38.90  ? 123 GLU A CD    1 
ATOM   970  O  OE1   . GLU A 1 123 ? 10.997  10.136  -0.086  1.00 41.15  ? 123 GLU A OE1   1 
ATOM   971  O  OE2   . GLU A 1 123 ? 12.164  8.434   0.771   1.00 41.09  ? 123 GLU A OE2   1 
ATOM   972  N  N     . ALA A 1 124 ? 9.931   4.784   -1.644  1.00 15.85  ? 124 ALA A N     1 
ATOM   973  C  CA    . ALA A 1 124 ? 10.121  3.559   -0.877  1.00 14.05  ? 124 ALA A CA    1 
ATOM   974  C  C     . ALA A 1 124 ? 10.937  2.551   -1.648  1.00 14.40  ? 124 ALA A C     1 
ATOM   975  O  O     . ALA A 1 124 ? 11.770  1.899   -1.081  1.00 15.79  ? 124 ALA A O     1 
ATOM   976  C  CB    . ALA A 1 124 ? 8.764   2.892   -0.480  1.00 13.66  ? 124 ALA A CB    1 
ATOM   977  N  N     . MET A 1 125 ? 10.643  2.378   -2.935  1.00 15.42  ? 125 MET A N     1 
ATOM   978  C  CA    . MET A 1 125 ? 11.189  1.247   -3.690  1.00 16.85  ? 125 MET A CA    1 
ATOM   979  C  C     . MET A 1 125 ? 12.690  1.361   -3.885  1.00 19.89  ? 125 MET A C     1 
ATOM   980  O  O     . MET A 1 125 ? 13.356  0.328   -4.012  1.00 20.42  ? 125 MET A O     1 
ATOM   981  C  CB    . MET A 1 125 ? 10.419  1.044   -5.018  1.00 16.93  ? 125 MET A CB    1 
ATOM   982  C  CG    . MET A 1 125 ? 9.022   0.552   -4.728  1.00 16.49  ? 125 MET A CG    1 
ATOM   983  S  SD    . MET A 1 125 ? 7.883   0.588   -6.147  1.00 18.95  ? 125 MET A SD    1 
ATOM   984  C  CE    . MET A 1 125 ? 8.781   -0.460  -7.262  1.00 19.92  ? 125 MET A CE    1 
ATOM   985  N  N     . ASN A 1 126 ? 13.220  2.596   -3.932  1.00 22.76  ? 126 ASN A N     1 
ATOM   986  C  CA    . ASN A 1 126 ? 14.676  2.791   -4.075  1.00 26.40  ? 126 ASN A CA    1 
ATOM   987  C  C     . ASN A 1 126 ? 15.377  3.254   -2.838  1.00 26.90  ? 126 ASN A C     1 
ATOM   988  O  O     . ASN A 1 126 ? 16.560  3.661   -2.918  1.00 28.67  ? 126 ASN A O     1 
ATOM   989  C  CB    . ASN A 1 126 ? 15.089  3.703   -5.251  1.00 28.08  ? 126 ASN A CB    1 
ATOM   990  C  CG    . ASN A 1 126 ? 13.958  4.395   -5.838  1.00 30.76  ? 126 ASN A CG    1 
ATOM   991  O  OD1   . ASN A 1 126 ? 13.329  3.888   -6.796  1.00 37.92  ? 126 ASN A OD1   1 
ATOM   992  N  ND2   . ASN A 1 126 ? 13.606  5.547   -5.260  1.00 36.70  ? 126 ASN A ND2   1 
ATOM   993  N  N     . HIS A 1 127 ? 14.680  3.179   -1.710  1.00 27.49  ? 127 HIS A N     1 
ATOM   994  C  CA    . HIS A 1 127 ? 15.331  3.486   -0.442  1.00 28.88  ? 127 HIS A CA    1 
ATOM   995  C  C     . HIS A 1 127 ? 15.960  2.213   0.117   1.00 28.21  ? 127 HIS A C     1 
ATOM   996  O  O     . HIS A 1 127 ? 15.233  1.238   0.401   1.00 27.93  ? 127 HIS A O     1 
ATOM   997  C  CB    . HIS A 1 127 ? 14.371  4.056   0.587   1.00 28.73  ? 127 HIS A CB    1 
ATOM   998  C  CG    . HIS A 1 127 ? 15.078  4.607   1.794   1.00 34.26  ? 127 HIS A CG    1 
ATOM   999  N  ND1   . HIS A 1 127 ? 15.641  3.793   2.761   1.00 37.24  ? 127 HIS A ND1   1 
ATOM   1000 C  CD2   . HIS A 1 127 ? 15.349  5.886   2.174   1.00 35.82  ? 127 HIS A CD2   1 
ATOM   1001 C  CE1   . HIS A 1 127 ? 16.215  4.544   3.691   1.00 38.09  ? 127 HIS A CE1   1 
ATOM   1002 N  NE2   . HIS A 1 127 ? 16.050  5.816   3.367   1.00 37.27  ? 127 HIS A NE2   1 
ATOM   1003 N  N     . PRO A 1 128 ? 17.291  2.201   0.313   1.00 27.17  ? 128 PRO A N     1 
ATOM   1004 C  CA    . PRO A 1 128 ? 17.919  0.959   0.799   1.00 25.92  ? 128 PRO A CA    1 
ATOM   1005 C  C     . PRO A 1 128 ? 17.225  0.251   1.996   1.00 24.23  ? 128 PRO A C     1 
ATOM   1006 O  O     . PRO A 1 128 ? 16.679  0.900   2.909   1.00 24.26  ? 128 PRO A O     1 
ATOM   1007 C  CB    . PRO A 1 128 ? 19.333  1.424   1.162   1.00 26.82  ? 128 PRO A CB    1 
ATOM   1008 C  CG    . PRO A 1 128 ? 19.612  2.443   0.026   1.00 28.06  ? 128 PRO A CG    1 
ATOM   1009 C  CD    . PRO A 1 128 ? 18.301  3.266   0.073   1.00 27.90  ? 128 PRO A CD    1 
ATOM   1010 N  N     . GLY A 1 129 ? 17.225  -1.070  1.980   1.00 22.00  ? 129 GLY A N     1 
ATOM   1011 C  CA    . GLY A 1 129 ? 16.717  -1.801  3.143   1.00 20.54  ? 129 GLY A CA    1 
ATOM   1012 C  C     . GLY A 1 129 ? 15.817  -2.957  2.710   1.00 19.40  ? 129 GLY A C     1 
ATOM   1013 O  O     . GLY A 1 129 ? 15.729  -3.269  1.525   1.00 18.19  ? 129 GLY A O     1 
ATOM   1014 N  N     . HIS A 1 130 ? 15.210  -3.581  3.710   1.00 17.67  ? 130 HIS A N     1 
ATOM   1015 C  CA    . HIS A 1 130 ? 14.343  -4.765  3.586   1.00 16.62  ? 130 HIS A CA    1 
ATOM   1016 C  C     . HIS A 1 130 ? 12.908  -4.266  3.315   1.00 15.20  ? 130 HIS A C     1 
ATOM   1017 O  O     . HIS A 1 130 ? 12.354  -3.518  4.111   1.00 14.76  ? 130 HIS A O     1 
ATOM   1018 C  CB    . HIS A 1 130 ? 14.473  -5.614  4.863   1.00 15.56  ? 130 HIS A CB    1 
ATOM   1019 C  CG    . HIS A 1 130 ? 13.787  -6.934  4.818   1.00 14.76  ? 130 HIS A CG    1 
ATOM   1020 N  ND1   . HIS A 1 130 ? 13.346  -7.519  3.645   1.00 17.37  ? 130 HIS A ND1   1 
ATOM   1021 C  CD2   . HIS A 1 130 ? 13.509  -7.823  5.811   1.00 13.81  ? 130 HIS A CD2   1 
ATOM   1022 C  CE1   . HIS A 1 130 ? 12.803  -8.695  3.922   1.00 15.21  ? 130 HIS A CE1   1 
ATOM   1023 N  NE2   . HIS A 1 130 ? 12.881  -8.890  5.227   1.00 15.91  ? 130 HIS A NE2   1 
ATOM   1024 N  N     . LEU A 1 131 ? 12.371  -4.625  2.142   1.00 12.81  ? 131 LEU A N     1 
ATOM   1025 C  CA    . LEU A 1 131 ? 11.055  -4.126  1.700   1.00 11.23  ? 131 LEU A CA    1 
ATOM   1026 C  C     . LEU A 1 131 ? 10.365  -5.214  0.839   1.00 11.80  ? 131 LEU A C     1 
ATOM   1027 O  O     . LEU A 1 131 ? 11.011  -5.852  -0.024  1.00 11.85  ? 131 LEU A O     1 
ATOM   1028 C  CB    . LEU A 1 131 ? 11.252  -2.870  0.836   1.00 9.79   ? 131 LEU A CB    1 
ATOM   1029 C  CG    . LEU A 1 131 ? 10.017  -2.202  0.236   1.00 13.06  ? 131 LEU A CG    1 
ATOM   1030 C  CD1   . LEU A 1 131 ? 9.269   -1.539  1.394   1.00 17.75  ? 131 LEU A CD1   1 
ATOM   1031 C  CD2   . LEU A 1 131 ? 10.382  -1.161  -0.853  1.00 14.66  ? 131 LEU A CD2   1 
ATOM   1032 N  N     . LYS A 1 132 ? 9.079   -5.436  1.090   1.00 11.95  ? 132 LYS A N     1 
ATOM   1033 C  CA    . LYS A 1 132 ? 8.253   -6.294  0.189   1.00 9.50   ? 132 LYS A CA    1 
ATOM   1034 C  C     . LYS A 1 132 ? 7.224   -5.458  -0.569  1.00 9.49   ? 132 LYS A C     1 
ATOM   1035 O  O     . LYS A 1 132 ? 6.709   -4.439  -0.102  1.00 9.90   ? 132 LYS A O     1 
ATOM   1036 C  CB    . LYS A 1 132 ? 7.502   -7.384  1.027   1.00 8.78   ? 132 LYS A CB    1 
ATOM   1037 C  CG    . LYS A 1 132 ? 8.541   -8.497  1.590   1.00 11.19  ? 132 LYS A CG    1 
ATOM   1038 C  CD    . LYS A 1 132 ? 7.693   -9.624  2.397   1.00 21.01  ? 132 LYS A CD    1 
ATOM   1039 C  CE    . LYS A 1 132 ? 7.890   -9.372  3.890   1.00 24.42  ? 132 LYS A CE    1 
ATOM   1040 N  NZ    . LYS A 1 132 ? 8.867   -10.254 4.424   1.00 29.22  ? 132 LYS A NZ    1 
ATOM   1041 N  N     . LEU A 1 133 ? 6.915   -5.934  -1.771  1.00 10.35  ? 133 LEU A N     1 
ATOM   1042 C  CA    . LEU A 1 133 ? 5.860   -5.357  -2.571  1.00 10.94  ? 133 LEU A CA    1 
ATOM   1043 C  C     . LEU A 1 133 ? 4.803   -6.409  -2.751  1.00 10.02  ? 133 LEU A C     1 
ATOM   1044 O  O     . LEU A 1 133 ? 5.115   -7.433  -3.334  1.00 9.88   ? 133 LEU A O     1 
ATOM   1045 C  CB    . LEU A 1 133 ? 6.392   -5.025  -3.973  1.00 13.09  ? 133 LEU A CB    1 
ATOM   1046 C  CG    . LEU A 1 133 ? 7.394   -3.906  -4.211  1.00 16.71  ? 133 LEU A CG    1 
ATOM   1047 C  CD1   . LEU A 1 133 ? 7.774   -2.924  -3.073  1.00 12.62  ? 133 LEU A CD1   1 
ATOM   1048 C  CD2   . LEU A 1 133 ? 8.251   -3.935  -5.516  1.00 14.02  ? 133 LEU A CD2   1 
ATOM   1049 N  N     . PHE A 1 134 ? 3.555   -6.127  -2.340  1.00 6.80   ? 134 PHE A N     1 
ATOM   1050 C  CA    . PHE A 1 134 ? 2.456   -7.047  -2.601  1.00 8.47   ? 134 PHE A CA    1 
ATOM   1051 C  C     . PHE A 1 134 ? 1.717   -6.469  -3.760  1.00 7.61   ? 134 PHE A C     1 
ATOM   1052 O  O     . PHE A 1 134 ? 1.071   -5.408  -3.676  1.00 8.92   ? 134 PHE A O     1 
ATOM   1053 C  CB    . PHE A 1 134 ? 1.566   -7.162  -1.357  1.00 7.68   ? 134 PHE A CB    1 
ATOM   1054 C  CG    . PHE A 1 134 ? 2.205   -7.937  -0.261  1.00 11.52  ? 134 PHE A CG    1 
ATOM   1055 C  CD1   . PHE A 1 134 ? 3.247   -7.358  0.524   1.00 11.30  ? 134 PHE A CD1   1 
ATOM   1056 C  CD2   . PHE A 1 134 ? 1.711   -9.241  0.052   1.00 10.51  ? 134 PHE A CD2   1 
ATOM   1057 C  CE1   . PHE A 1 134 ? 3.852   -8.106  1.580   1.00 13.42  ? 134 PHE A CE1   1 
ATOM   1058 C  CE2   . PHE A 1 134 ? 2.374   -10.031 1.123   1.00 7.46   ? 134 PHE A CE2   1 
ATOM   1059 C  CZ    . PHE A 1 134 ? 3.382   -9.427  1.891   1.00 8.86   ? 134 PHE A CZ    1 
ATOM   1060 N  N     . VAL A 1 135 ? 1.840   -7.147  -4.901  1.00 10.83  ? 135 VAL A N     1 
ATOM   1061 C  CA    . VAL A 1 135 ? 1.353   -6.572  -6.168  1.00 10.31  ? 135 VAL A CA    1 
ATOM   1062 C  C     . VAL A 1 135 ? 0.232   -7.452  -6.730  1.00 10.58  ? 135 VAL A C     1 
ATOM   1063 O  O     . VAL A 1 135 ? 0.451   -8.615  -6.963  1.00 9.75   ? 135 VAL A O     1 
ATOM   1064 C  CB    . VAL A 1 135 ? 2.493   -6.551  -7.215  1.00 10.62  ? 135 VAL A CB    1 
ATOM   1065 C  CG1   . VAL A 1 135 ? 2.039   -6.044  -8.650  1.00 13.02  ? 135 VAL A CG1   1 
ATOM   1066 C  CG2   . VAL A 1 135 ? 3.590   -5.643  -6.710  1.00 8.76   ? 135 VAL A CG2   1 
ATOM   1067 N  N     . THR A 1 136 ? -0.916  -6.864  -7.024  1.00 8.18   ? 136 THR A N     1 
ATOM   1068 C  CA    . THR A 1 136 ? -1.950  -7.602  -7.730  1.00 10.62  ? 136 THR A CA    1 
ATOM   1069 C  C     . THR A 1 136 ? -1.842  -7.170  -9.163  1.00 10.67  ? 136 THR A C     1 
ATOM   1070 O  O     . THR A 1 136 ? -1.991  -5.997  -9.439  1.00 12.16  ? 136 THR A O     1 
ATOM   1071 C  CB    . THR A 1 136 ? -3.360  -7.193  -7.259  1.00 10.36  ? 136 THR A CB    1 
ATOM   1072 O  OG1   . THR A 1 136 ? -3.453  -7.475  -5.856  1.00 12.98  ? 136 THR A OG1   1 
ATOM   1073 C  CG2   . THR A 1 136 ? -4.407  -7.975  -8.030  1.00 11.43  ? 136 THR A CG2   1 
ATOM   1074 N  N     . ARG A 1 137 ? -1.654  -8.150  -10.062 1.00 10.98  ? 137 ARG A N     1 
ATOM   1075 C  CA    . ARG A 1 137 ? -1.524  -7.931  -11.488 1.00 10.85  ? 137 ARG A CA    1 
ATOM   1076 C  C     . ARG A 1 137 ? -2.912  -8.083  -12.103 1.00 12.29  ? 137 ARG A C     1 
ATOM   1077 O  O     . ARG A 1 137 ? -3.448  -9.183  -12.093 1.00 13.00  ? 137 ARG A O     1 
ATOM   1078 C  CB    . ARG A 1 137 ? -0.586  -9.038  -12.041 1.00 11.05  ? 137 ARG A CB    1 
ATOM   1079 C  CG    . ARG A 1 137 ? 0.869   -8.919  -11.511 1.00 11.52  ? 137 ARG A CG    1 
ATOM   1080 C  CD    . ARG A 1 137 ? 1.649   -7.695  -12.160 1.00 10.91  ? 137 ARG A CD    1 
ATOM   1081 N  NE    . ARG A 1 137 ? 3.061   -7.697  -11.776 1.00 10.34  ? 137 ARG A NE    1 
ATOM   1082 C  CZ    . ARG A 1 137 ? 3.993   -6.810  -12.160 1.00 14.14  ? 137 ARG A CZ    1 
ATOM   1083 N  NH1   . ARG A 1 137 ? 3.646   -5.760  -12.858 1.00 11.38  ? 137 ARG A NH1   1 
ATOM   1084 N  NH2   . ARG A 1 137 ? 5.260   -6.961  -11.788 1.00 12.58  ? 137 ARG A NH2   1 
ATOM   1085 N  N     . ILE A 1 138 ? -3.501  -6.958  -12.513 1.00 13.12  ? 138 ILE A N     1 
ATOM   1086 C  CA    . ILE A 1 138 ? -4.774  -6.944  -13.218 1.00 14.42  ? 138 ILE A CA    1 
ATOM   1087 C  C     . ILE A 1 138 ? -4.346  -7.175  -14.650 1.00 14.44  ? 138 ILE A C     1 
ATOM   1088 O  O     . ILE A 1 138 ? -3.624  -6.342  -15.200 1.00 13.03  ? 138 ILE A O     1 
ATOM   1089 C  CB    . ILE A 1 138 ? -5.433  -5.514  -13.133 1.00 13.02  ? 138 ILE A CB    1 
ATOM   1090 C  CG1   . ILE A 1 138 ? -5.483  -4.996  -11.678 1.00 20.63  ? 138 ILE A CG1   1 
ATOM   1091 C  CG2   . ILE A 1 138 ? -6.815  -5.490  -13.814 1.00 16.09  ? 138 ILE A CG2   1 
ATOM   1092 C  CD1   . ILE A 1 138 ? -6.265  -5.811  -10.760 1.00 21.62  ? 138 ILE A CD1   1 
ATOM   1093 N  N     . MET A 1 139 ? -4.772  -8.300  -15.256 1.00 15.54  ? 139 MET A N     1 
ATOM   1094 C  CA    . MET A 1 139 ? -4.116  -8.749  -16.506 1.00 16.75  ? 139 MET A CA    1 
ATOM   1095 C  C     . MET A 1 139 ? -4.821  -8.244  -17.769 1.00 17.62  ? 139 MET A C     1 
ATOM   1096 O  O     . MET A 1 139 ? -5.137  -9.040  -18.735 1.00 16.82  ? 139 MET A O     1 
ATOM   1097 C  CB    . MET A 1 139 ? -3.934  -10.298 -16.511 1.00 18.39  ? 139 MET A CB    1 
ATOM   1098 C  CG    . MET A 1 139 ? -3.547  -10.806 -15.074 1.00 17.73  ? 139 MET A CG    1 
ATOM   1099 S  SD    . MET A 1 139 ? -3.787  -12.618 -14.692 1.00 28.26  ? 139 MET A SD    1 
ATOM   1100 C  CE    . MET A 1 139 ? -2.382  -12.565 -15.643 1.00 4.12   ? 139 MET A CE    1 
ATOM   1101 N  N     . GLN A 1 140 ? -5.170  -6.962  -17.703 1.00 17.27  ? 140 GLN A N     1 
ATOM   1102 C  CA    . GLN A 1 140 ? -5.685  -6.242  -18.882 1.00 17.07  ? 140 GLN A CA    1 
ATOM   1103 C  C     . GLN A 1 140 ? -5.141  -4.847  -18.859 1.00 16.47  ? 140 GLN A C     1 
ATOM   1104 O  O     . GLN A 1 140 ? -4.681  -4.358  -17.812 1.00 16.70  ? 140 GLN A O     1 
ATOM   1105 C  CB    . GLN A 1 140 ? -7.181  -6.092  -18.779 1.00 17.07  ? 140 GLN A CB    1 
ATOM   1106 C  CG    . GLN A 1 140 ? -7.991  -7.314  -18.471 1.00 19.97  ? 140 GLN A CG    1 
ATOM   1107 C  CD    . GLN A 1 140 ? -9.415  -7.080  -18.775 1.00 25.43  ? 140 GLN A CD    1 
ATOM   1108 O  OE1   . GLN A 1 140 ? -9.809  -5.995  -19.312 1.00 23.88  ? 140 GLN A OE1   1 
ATOM   1109 N  NE2   . GLN A 1 140 ? -10.235 -8.089  -18.472 1.00 22.38  ? 140 GLN A NE2   1 
ATOM   1110 N  N     . ASP A 1 141 ? -5.273  -4.150  -19.978 1.00 16.25  ? 141 ASP A N     1 
ATOM   1111 C  CA    . ASP A 1 141 ? -4.882  -2.733  -19.987 1.00 17.78  ? 141 ASP A CA    1 
ATOM   1112 C  C     . ASP A 1 141 ? -6.087  -1.924  -19.572 1.00 16.22  ? 141 ASP A C     1 
ATOM   1113 O  O     . ASP A 1 141 ? -7.247  -2.200  -19.958 1.00 15.48  ? 141 ASP A O     1 
ATOM   1114 C  CB    . ASP A 1 141 ? -4.467  -2.243  -21.368 1.00 17.79  ? 141 ASP A CB    1 
ATOM   1115 C  CG    . ASP A 1 141 ? -3.122  -2.798  -21.855 1.00 25.40  ? 141 ASP A CG    1 
ATOM   1116 O  OD1   . ASP A 1 141 ? -2.244  -3.149  -21.031 1.00 26.32  ? 141 ASP A OD1   1 
ATOM   1117 O  OD2   . ASP A 1 141 ? -2.902  -2.827  -23.115 1.00 31.60  ? 141 ASP A OD2   1 
ATOM   1118 N  N     . PHE A 1 142 ? -5.836  -0.889  -18.780 1.00 15.77  ? 142 PHE A N     1 
ATOM   1119 C  CA    . PHE A 1 142 ? -6.902  0.042   -18.413 1.00 15.76  ? 142 PHE A CA    1 
ATOM   1120 C  C     . PHE A 1 142 ? -6.381  1.477   -18.606 1.00 16.33  ? 142 PHE A C     1 
ATOM   1121 O  O     . PHE A 1 142 ? -5.221  1.780   -18.237 1.00 14.46  ? 142 PHE A O     1 
ATOM   1122 C  CB    . PHE A 1 142 ? -7.399  -0.186  -16.981 1.00 16.19  ? 142 PHE A CB    1 
ATOM   1123 C  CG    . PHE A 1 142 ? -8.386  -1.314  -16.870 1.00 13.10  ? 142 PHE A CG    1 
ATOM   1124 C  CD1   . PHE A 1 142 ? -9.708  -1.132  -17.249 1.00 15.57  ? 142 PHE A CD1   1 
ATOM   1125 C  CD2   . PHE A 1 142 ? -7.961  -2.600  -16.462 1.00 17.29  ? 142 PHE A CD2   1 
ATOM   1126 C  CE1   . PHE A 1 142 ? -10.638 -2.179  -17.203 1.00 19.72  ? 142 PHE A CE1   1 
ATOM   1127 C  CE2   . PHE A 1 142 ? -8.874  -3.665  -16.376 1.00 17.55  ? 142 PHE A CE2   1 
ATOM   1128 C  CZ    . PHE A 1 142 ? -10.252 -3.455  -16.761 1.00 17.24  ? 142 PHE A CZ    1 
ATOM   1129 N  N     . GLU A 1 143 ? -7.261  2.363   -19.123 1.00 16.38  ? 143 GLU A N     1 
ATOM   1130 C  CA    . GLU A 1 143 ? -6.850  3.756   -19.322 1.00 15.61  ? 143 GLU A CA    1 
ATOM   1131 C  C     . GLU A 1 143 ? -6.542  4.288   -17.901 1.00 14.07  ? 143 GLU A C     1 
ATOM   1132 O  O     . GLU A 1 143 ? -7.344  4.082   -16.961 1.00 13.26  ? 143 GLU A O     1 
ATOM   1133 C  CB    . GLU A 1 143 ? -8.032  4.533   -19.949 1.00 16.64  ? 143 GLU A CB    1 
ATOM   1134 C  CG    . GLU A 1 143 ? -7.711  6.017   -20.213 1.00 15.91  ? 143 GLU A CG    1 
ATOM   1135 C  CD    . GLU A 1 143 ? -8.932  6.893   -20.553 1.00 13.15  ? 143 GLU A CD    1 
ATOM   1136 O  OE1   . GLU A 1 143 ? -8.657  7.879   -21.188 1.00 21.00  ? 143 GLU A OE1   1 
ATOM   1137 O  OE2   . GLU A 1 143 ? -10.137 6.679   -20.168 1.00 23.31  ? 143 GLU A OE2   1 
ATOM   1138 N  N     . SER A 1 144 ? -5.395  4.969   -17.769 1.00 11.98  ? 144 SER A N     1 
ATOM   1139 C  CA    . SER A 1 144 ? -4.920  5.428   -16.451 1.00 12.27  ? 144 SER A CA    1 
ATOM   1140 C  C     . SER A 1 144 ? -4.263  6.775   -16.519 1.00 12.79  ? 144 SER A C     1 
ATOM   1141 O  O     . SER A 1 144 ? -3.795  7.176   -17.596 1.00 13.08  ? 144 SER A O     1 
ATOM   1142 C  CB    . SER A 1 144 ? -3.899  4.407   -15.899 1.00 12.07  ? 144 SER A CB    1 
ATOM   1143 O  OG    . SER A 1 144 ? -4.582  3.202   -15.604 1.00 10.11  ? 144 SER A OG    1 
ATOM   1144 N  N     . ASP A 1 145 ? -4.122  7.492   -15.388 1.00 12.24  ? 145 ASP A N     1 
ATOM   1145 C  CA    . ASP A 1 145 ? -3.350  8.740   -15.488 1.00 13.01  ? 145 ASP A CA    1 
ATOM   1146 C  C     . ASP A 1 145 ? -2.272  8.794   -14.397 1.00 12.18  ? 145 ASP A C     1 
ATOM   1147 O  O     . ASP A 1 145 ? -1.584  9.809   -14.235 1.00 14.43  ? 145 ASP A O     1 
ATOM   1148 C  CB    . ASP A 1 145 ? -4.249  10.005  -15.494 1.00 12.73  ? 145 ASP A CB    1 
ATOM   1149 C  CG    . ASP A 1 145 ? -4.947  10.229  -14.124 1.00 15.44  ? 145 ASP A CG    1 
ATOM   1150 O  OD1   . ASP A 1 145 ? -4.678  9.408   -13.241 1.00 13.09  ? 145 ASP A OD1   1 
ATOM   1151 O  OD2   . ASP A 1 145 ? -5.727  11.175  -13.929 1.00 18.16  ? 145 ASP A OD2   1 
ATOM   1152 N  N     . THR A 1 146 ? -2.152  7.693   -13.642 1.00 12.12  ? 146 THR A N     1 
ATOM   1153 C  CA    . THR A 1 146 ? -1.062  7.585   -12.677 1.00 13.44  ? 146 THR A CA    1 
ATOM   1154 C  C     . THR A 1 146 ? -0.576  6.134   -12.682 1.00 12.42  ? 146 THR A C     1 
ATOM   1155 O  O     . THR A 1 146 ? -1.377  5.223   -12.917 1.00 11.38  ? 146 THR A O     1 
ATOM   1156 C  CB    . THR A 1 146 ? -1.481  8.037   -11.279 1.00 15.75  ? 146 THR A CB    1 
ATOM   1157 O  OG1   . THR A 1 146 ? -0.372  7.832   -10.377 1.00 19.56  ? 146 THR A OG1   1 
ATOM   1158 C  CG2   . THR A 1 146 ? -2.707  7.274   -10.774 1.00 14.37  ? 146 THR A CG2   1 
ATOM   1159 N  N     . PHE A 1 147 ? 0.735   5.921   -12.435 1.00 11.59  ? 147 PHE A N     1 
ATOM   1160 C  CA    . PHE A 1 147 ? 1.284   4.622   -12.762 1.00 12.32  ? 147 PHE A CA    1 
ATOM   1161 C  C     . PHE A 1 147 ? 2.207   4.120   -11.686 1.00 13.56  ? 147 PHE A C     1 
ATOM   1162 O  O     . PHE A 1 147 ? 2.866   4.947   -11.014 1.00 12.66  ? 147 PHE A O     1 
ATOM   1163 C  CB    . PHE A 1 147 ? 2.102   4.683   -14.087 1.00 13.48  ? 147 PHE A CB    1 
ATOM   1164 C  CG    . PHE A 1 147 ? 1.249   5.033   -15.291 1.00 12.89  ? 147 PHE A CG    1 
ATOM   1165 C  CD1   . PHE A 1 147 ? 0.935   6.364   -15.566 1.00 16.60  ? 147 PHE A CD1   1 
ATOM   1166 C  CD2   . PHE A 1 147 ? 0.725   4.046   -16.091 1.00 17.70  ? 147 PHE A CD2   1 
ATOM   1167 C  CE1   . PHE A 1 147 ? 0.113   6.704   -16.646 1.00 20.86  ? 147 PHE A CE1   1 
ATOM   1168 C  CE2   . PHE A 1 147 ? -0.117  4.381   -17.193 1.00 15.71  ? 147 PHE A CE2   1 
ATOM   1169 C  CZ    . PHE A 1 147 ? -0.408  5.673   -17.466 1.00 20.02  ? 147 PHE A CZ    1 
ATOM   1170 N  N     . PHE A 1 148 ? 2.287   2.792   -11.558 1.00 12.71  ? 148 PHE A N     1 
ATOM   1171 C  CA    . PHE A 1 148 ? 3.279   2.216   -10.666 1.00 13.23  ? 148 PHE A CA    1 
ATOM   1172 C  C     . PHE A 1 148 ? 4.695   2.355   -11.160 1.00 12.71  ? 148 PHE A C     1 
ATOM   1173 O  O     . PHE A 1 148 ? 4.964   2.229   -12.361 1.00 13.32  ? 148 PHE A O     1 
ATOM   1174 C  CB    . PHE A 1 148 ? 2.904   0.736   -10.350 1.00 12.17  ? 148 PHE A CB    1 
ATOM   1175 C  CG    . PHE A 1 148 ? 3.526   0.207   -9.084  1.00 10.30  ? 148 PHE A CG    1 
ATOM   1176 C  CD1   . PHE A 1 148 ? 3.181   0.707   -7.846  1.00 10.06  ? 148 PHE A CD1   1 
ATOM   1177 C  CD2   . PHE A 1 148 ? 4.459   -0.821  -9.158  1.00 14.00  ? 148 PHE A CD2   1 
ATOM   1178 C  CE1   . PHE A 1 148 ? 3.736   0.152   -6.676  1.00 12.87  ? 148 PHE A CE1   1 
ATOM   1179 C  CE2   . PHE A 1 148 ? 5.051   -1.339  -8.035  1.00 16.05  ? 148 PHE A CE2   1 
ATOM   1180 C  CZ    . PHE A 1 148 ? 4.704   -0.825  -6.770  1.00 16.37  ? 148 PHE A CZ    1 
ATOM   1181 N  N     . PRO A 1 149 ? 5.652   2.662   -10.259 1.00 12.61  ? 149 PRO A N     1 
ATOM   1182 C  CA    . PRO A 1 149 ? 6.997   2.764   -10.762 1.00 12.73  ? 149 PRO A CA    1 
ATOM   1183 C  C     . PRO A 1 149 ? 7.535   1.414   -11.190 1.00 13.36  ? 149 PRO A C     1 
ATOM   1184 O  O     . PRO A 1 149 ? 7.070   0.353   -10.701 1.00 12.35  ? 149 PRO A O     1 
ATOM   1185 C  CB    . PRO A 1 149 ? 7.800   3.193   -9.505  1.00 13.67  ? 149 PRO A CB    1 
ATOM   1186 C  CG    . PRO A 1 149 ? 6.779   3.832   -8.614  1.00 14.94  ? 149 PRO A CG    1 
ATOM   1187 C  CD    . PRO A 1 149 ? 5.541   3.040   -8.840  1.00 13.54  ? 149 PRO A CD    1 
ATOM   1188 N  N     . GLU A 1 150 ? 8.591   1.473   -11.996 1.00 13.01  ? 150 GLU A N     1 
ATOM   1189 C  CA    . GLU A 1 150 ? 9.304   0.275   -12.449 1.00 14.77  ? 150 GLU A CA    1 
ATOM   1190 C  C     . GLU A 1 150 ? 9.807   -0.587  -11.320 1.00 14.15  ? 150 GLU A C     1 
ATOM   1191 O  O     . GLU A 1 150 ? 10.431  -0.105  -10.357 1.00 15.97  ? 150 GLU A O     1 
ATOM   1192 C  CB    . GLU A 1 150 ? 10.495  0.676   -13.311 1.00 14.65  ? 150 GLU A CB    1 
ATOM   1193 C  CG    . GLU A 1 150 ? 11.137  -0.550  -13.975 1.00 16.97  ? 150 GLU A CG    1 
ATOM   1194 C  CD    . GLU A 1 150 ? 12.363  -0.206  -14.778 1.00 23.82  ? 150 GLU A CD    1 
ATOM   1195 O  OE1   . GLU A 1 150 ? 13.013  -1.175  -15.226 1.00 22.59  ? 150 GLU A OE1   1 
ATOM   1196 O  OE2   . GLU A 1 150 ? 12.677  1.016   -14.949 1.00 25.25  ? 150 GLU A OE2   1 
ATOM   1197 N  N     . ILE A 1 151 ? 9.477   -1.874  -11.407 1.00 13.97  ? 151 ILE A N     1 
ATOM   1198 C  CA    . ILE A 1 151 ? 10.062  -2.833  -10.465 1.00 12.92  ? 151 ILE A CA    1 
ATOM   1199 C  C     . ILE A 1 151 ? 11.395  -3.416  -10.986 1.00 12.52  ? 151 ILE A C     1 
ATOM   1200 O  O     . ILE A 1 151 ? 11.433  -4.118  -11.997 1.00 12.77  ? 151 ILE A O     1 
ATOM   1201 C  CB    . ILE A 1 151 ? 9.033   -3.977  -10.079 1.00 11.91  ? 151 ILE A CB    1 
ATOM   1202 C  CG1   . ILE A 1 151 ? 7.697   -3.397  -9.575  1.00 15.80  ? 151 ILE A CG1   1 
ATOM   1203 C  CG2   . ILE A 1 151 ? 9.719   -5.021  -9.138  1.00 11.04  ? 151 ILE A CG2   1 
ATOM   1204 C  CD1   . ILE A 1 151 ? 6.611   -4.421  -9.440  1.00 12.83  ? 151 ILE A CD1   1 
ATOM   1205 N  N     . ASP A 1 152 ? 12.475  -3.098  -10.298 1.00 11.09  ? 152 ASP A N     1 
ATOM   1206 C  CA    . ASP A 1 152 ? 13.813  -3.566  -10.743 1.00 13.00  ? 152 ASP A CA    1 
ATOM   1207 C  C     . ASP A 1 152 ? 14.009  -4.988  -10.244 1.00 12.50  ? 152 ASP A C     1 
ATOM   1208 O  O     . ASP A 1 152 ? 14.219  -5.200  -9.056  1.00 13.02  ? 152 ASP A O     1 
ATOM   1209 C  CB    . ASP A 1 152 ? 14.874  -2.636  -10.191 1.00 13.65  ? 152 ASP A CB    1 
ATOM   1210 C  CG    . ASP A 1 152 ? 16.315  -3.124  -10.465 1.00 16.46  ? 152 ASP A CG    1 
ATOM   1211 O  OD1   . ASP A 1 152 ? 17.267  -2.490  -9.885  1.00 20.49  ? 152 ASP A OD1   1 
ATOM   1212 O  OD2   . ASP A 1 152 ? 16.480  -4.120  -11.204 1.00 15.37  ? 152 ASP A OD2   1 
ATOM   1213 N  N     . LEU A 1 153 ? 13.898  -5.953  -11.136 1.00 12.84  ? 153 LEU A N     1 
ATOM   1214 C  CA    . LEU A 1 153 ? 13.931  -7.363  -10.800 1.00 12.87  ? 153 LEU A CA    1 
ATOM   1215 C  C     . LEU A 1 153 ? 15.289  -7.837  -10.457 1.00 12.62  ? 153 LEU A C     1 
ATOM   1216 O  O     . LEU A 1 153 ? 15.443  -8.974  -9.943  1.00 13.61  ? 153 LEU A O     1 
ATOM   1217 C  CB    . LEU A 1 153 ? 13.406  -8.222  -11.973 1.00 12.71  ? 153 LEU A CB    1 
ATOM   1218 C  CG    . LEU A 1 153 ? 11.966  -7.871  -12.343 1.00 9.89   ? 153 LEU A CG    1 
ATOM   1219 C  CD1   . LEU A 1 153 ? 11.456  -8.703  -13.502 1.00 13.08  ? 153 LEU A CD1   1 
ATOM   1220 C  CD2   . LEU A 1 153 ? 10.953  -8.029  -11.100 1.00 11.48  ? 153 LEU A CD2   1 
ATOM   1221 N  N     . GLU A 1 154 ? 16.280  -7.013  -10.735 1.00 13.43  ? 154 GLU A N     1 
ATOM   1222 C  CA    . GLU A 1 154 ? 17.620  -7.348  -10.247 1.00 15.16  ? 154 GLU A CA    1 
ATOM   1223 C  C     . GLU A 1 154 ? 17.675  -7.314  -8.695  1.00 16.84  ? 154 GLU A C     1 
ATOM   1224 O  O     . GLU A 1 154 ? 18.350  -8.153  -8.077  1.00 17.21  ? 154 GLU A O     1 
ATOM   1225 C  CB    . GLU A 1 154 ? 18.703  -6.448  -10.851 1.00 15.73  ? 154 GLU A CB    1 
ATOM   1226 C  CG    . GLU A 1 154 ? 20.109  -7.006  -10.606 1.00 17.57  ? 154 GLU A CG    1 
ATOM   1227 C  CD    . GLU A 1 154 ? 20.347  -8.307  -11.371 1.00 22.20  ? 154 GLU A CD    1 
ATOM   1228 O  OE1   . GLU A 1 154 ? 20.032  -8.278  -12.574 1.00 16.47  ? 154 GLU A OE1   1 
ATOM   1229 O  OE2   . GLU A 1 154 ? 20.814  -9.332  -10.758 1.00 20.97  ? 154 GLU A OE2   1 
ATOM   1230 N  N     . LYS A 1 155 ? 16.879  -6.412  -8.096  1.00 16.98  ? 155 LYS A N     1 
ATOM   1231 C  CA    . LYS A 1 155 ? 16.780  -6.257  -6.658  1.00 17.08  ? 155 LYS A CA    1 
ATOM   1232 C  C     . LYS A 1 155 ? 15.563  -6.993  -6.076  1.00 15.51  ? 155 LYS A C     1 
ATOM   1233 O  O     . LYS A 1 155 ? 15.633  -7.656  -4.999  1.00 14.20  ? 155 LYS A O     1 
ATOM   1234 C  CB    . LYS A 1 155 ? 16.626  -4.744  -6.334  1.00 18.31  ? 155 LYS A CB    1 
ATOM   1235 C  CG    . LYS A 1 155 ? 17.893  -3.837  -6.611  1.00 24.42  ? 155 LYS A CG    1 
ATOM   1236 C  CD    . LYS A 1 155 ? 17.655  -2.331  -6.071  1.00 29.93  ? 155 LYS A CD    1 
ATOM   1237 C  CE    . LYS A 1 155 ? 16.195  -1.810  -6.185  1.00 29.64  ? 155 LYS A CE    1 
ATOM   1238 N  NZ    . LYS A 1 155 ? 15.939  -0.329  -5.798  1.00 24.33  ? 155 LYS A NZ    1 
ATOM   1239 N  N     . TYR A 1 156 ? 14.441  -6.868  -6.748  1.00 14.97  ? 156 TYR A N     1 
ATOM   1240 C  CA    . TYR A 1 156 ? 13.174  -7.478  -6.226  1.00 13.51  ? 156 TYR A CA    1 
ATOM   1241 C  C     . TYR A 1 156 ? 12.928  -8.895  -6.704  1.00 14.05  ? 156 TYR A C     1 
ATOM   1242 O  O     . TYR A 1 156 ? 12.498  -9.146  -7.892  1.00 14.97  ? 156 TYR A O     1 
ATOM   1243 C  CB    . TYR A 1 156 ? 11.966  -6.629  -6.652  1.00 12.98  ? 156 TYR A CB    1 
ATOM   1244 C  CG    . TYR A 1 156 ? 11.887  -5.367  -5.866  1.00 14.47  ? 156 TYR A CG    1 
ATOM   1245 C  CD1   . TYR A 1 156 ? 12.421  -4.198  -6.364  1.00 17.62  ? 156 TYR A CD1   1 
ATOM   1246 C  CD2   . TYR A 1 156 ? 11.364  -5.365  -4.558  1.00 15.42  ? 156 TYR A CD2   1 
ATOM   1247 C  CE1   . TYR A 1 156 ? 12.355  -3.029  -5.620  1.00 12.79  ? 156 TYR A CE1   1 
ATOM   1248 C  CE2   . TYR A 1 156 ? 11.312  -4.193  -3.804  1.00 15.26  ? 156 TYR A CE2   1 
ATOM   1249 C  CZ    . TYR A 1 156 ? 11.834  -3.045  -4.357  1.00 12.98  ? 156 TYR A CZ    1 
ATOM   1250 O  OH    . TYR A 1 156 ? 11.824  -1.883  -3.668  1.00 15.46  ? 156 TYR A OH    1 
ATOM   1251 N  N     . LYS A 1 157 ? 13.026  -9.831  -5.786  1.00 12.46  ? 157 LYS A N     1 
ATOM   1252 C  CA    . LYS A 1 157 ? 12.794  -11.220 -6.188  1.00 13.94  ? 157 LYS A CA    1 
ATOM   1253 C  C     . LYS A 1 157 ? 11.343  -11.615 -6.025  1.00 12.81  ? 157 LYS A C     1 
ATOM   1254 O  O     . LYS A 1 157 ? 10.764  -11.368 -4.995  1.00 13.08  ? 157 LYS A O     1 
ATOM   1255 C  CB    . LYS A 1 157 ? 13.677  -12.152 -5.379  1.00 15.40  ? 157 LYS A CB    1 
ATOM   1256 C  CG    . LYS A 1 157 ? 15.169  -11.730 -5.406  1.00 20.27  ? 157 LYS A CG    1 
ATOM   1257 C  CD    . LYS A 1 157 ? 15.750  -12.010 -6.867  1.00 33.01  ? 157 LYS A CD    1 
ATOM   1258 C  CE    . LYS A 1 157 ? 17.016  -12.914 -6.828  1.00 36.47  ? 157 LYS A CE    1 
ATOM   1259 N  NZ    . LYS A 1 157 ? 17.494  -13.366 -8.191  1.00 37.74  ? 157 LYS A NZ    1 
ATOM   1260 N  N     . LEU A 1 158 ? 10.744  -12.219 -7.047  1.00 11.58  ? 158 LEU A N     1 
ATOM   1261 C  CA    . LEU A 1 158 ? 9.346   -12.642 -6.978  1.00 11.89  ? 158 LEU A CA    1 
ATOM   1262 C  C     . LEU A 1 158 ? 9.323   -13.930 -6.119  1.00 11.49  ? 158 LEU A C     1 
ATOM   1263 O  O     . LEU A 1 158 ? 10.038  -14.930 -6.404  1.00 11.49  ? 158 LEU A O     1 
ATOM   1264 C  CB    . LEU A 1 158 ? 8.888   -12.946 -8.405  1.00 11.63  ? 158 LEU A CB    1 
ATOM   1265 C  CG    . LEU A 1 158 ? 7.466   -13.512 -8.541  1.00 11.96  ? 158 LEU A CG    1 
ATOM   1266 C  CD1   . LEU A 1 158 ? 6.323   -12.747 -7.759  1.00 9.72   ? 158 LEU A CD1   1 
ATOM   1267 C  CD2   . LEU A 1 158 ? 7.075   -13.724 -10.030 1.00 13.02  ? 158 LEU A CD2   1 
ATOM   1268 N  N     . LEU A 1 159 ? 8.540   -13.948 -5.062  1.00 12.43  ? 159 LEU A N     1 
ATOM   1269 C  CA    . LEU A 1 159 ? 8.564   -15.113 -4.184  1.00 12.99  ? 159 LEU A CA    1 
ATOM   1270 C  C     . LEU A 1 159 ? 7.712   -16.245 -4.778  1.00 13.46  ? 159 LEU A C     1 
ATOM   1271 O  O     . LEU A 1 159 ? 6.636   -15.987 -5.380  1.00 13.25  ? 159 LEU A O     1 
ATOM   1272 C  CB    . LEU A 1 159 ? 8.114   -14.714 -2.760  1.00 12.20  ? 159 LEU A CB    1 
ATOM   1273 C  CG    . LEU A 1 159 ? 8.814   -13.565 -2.068  1.00 11.20  ? 159 LEU A CG    1 
ATOM   1274 C  CD1   . LEU A 1 159 ? 8.226   -13.349 -0.680  1.00 13.29  ? 159 LEU A CD1   1 
ATOM   1275 C  CD2   . LEU A 1 159 ? 10.300  -13.964 -1.974  1.00 9.21   ? 159 LEU A CD2   1 
ATOM   1276 N  N     . PRO A 1 160 ? 8.163   -17.520 -4.604  1.00 13.83  ? 160 PRO A N     1 
ATOM   1277 C  CA    . PRO A 1 160 ? 7.433   -18.569 -5.332  1.00 15.41  ? 160 PRO A CA    1 
ATOM   1278 C  C     . PRO A 1 160 ? 6.065   -18.887 -4.702  1.00 17.28  ? 160 PRO A C     1 
ATOM   1279 O  O     . PRO A 1 160 ? 5.211   -19.580 -5.313  1.00 17.06  ? 160 PRO A O     1 
ATOM   1280 C  CB    . PRO A 1 160 ? 8.405   -19.780 -5.314  1.00 16.21  ? 160 PRO A CB    1 
ATOM   1281 C  CG    . PRO A 1 160 ? 9.325   -19.560 -4.073  1.00 16.18  ? 160 PRO A CG    1 
ATOM   1282 C  CD    . PRO A 1 160 ? 9.368   -18.017 -3.890  1.00 13.28  ? 160 PRO A CD    1 
ATOM   1283 N  N     . GLU A 1 161 ? 5.847   -18.411 -3.485  1.00 16.37  ? 161 GLU A N     1 
ATOM   1284 C  CA    . GLU A 1 161 ? 4.558   -18.457 -2.855  1.00 17.00  ? 161 GLU A CA    1 
ATOM   1285 C  C     . GLU A 1 161 ? 4.691   -17.733 -1.513  1.00 15.19  ? 161 GLU A C     1 
ATOM   1286 O  O     . GLU A 1 161 ? 5.797   -17.399 -1.120  1.00 12.47  ? 161 GLU A O     1 
ATOM   1287 C  CB    . GLU A 1 161 ? 4.023   -19.885 -2.646  1.00 20.99  ? 161 GLU A CB    1 
ATOM   1288 C  CG    . GLU A 1 161 ? 4.929   -20.763 -1.767  1.00 21.85  ? 161 GLU A CG    1 
ATOM   1289 C  CD    . GLU A 1 161 ? 4.316   -22.175 -1.450  1.00 30.63  ? 161 GLU A CD    1 
ATOM   1290 O  OE1   . GLU A 1 161 ? 3.049   -22.399 -1.541  1.00 27.30  ? 161 GLU A OE1   1 
ATOM   1291 O  OE2   . GLU A 1 161 ? 5.141   -23.054 -1.086  1.00 26.26  ? 161 GLU A OE2   1 
ATOM   1292 N  N     . TYR A 1 162 ? 3.562   -17.481 -0.860  1.00 12.62  ? 162 TYR A N     1 
ATOM   1293 C  CA    . TYR A 1 162 ? 3.556   -16.747 0.388   1.00 13.50  ? 162 TYR A CA    1 
ATOM   1294 C  C     . TYR A 1 162 ? 2.338   -17.170 1.175   1.00 13.36  ? 162 TYR A C     1 
ATOM   1295 O  O     . TYR A 1 162 ? 1.282   -17.245 0.618   1.00 13.51  ? 162 TYR A O     1 
ATOM   1296 C  CB    . TYR A 1 162 ? 3.547   -15.204 0.162   1.00 12.12  ? 162 TYR A CB    1 
ATOM   1297 C  CG    . TYR A 1 162 ? 4.008   -14.451 1.393   1.00 10.62  ? 162 TYR A CG    1 
ATOM   1298 C  CD1   . TYR A 1 162 ? 5.365   -14.419 1.743   1.00 11.66  ? 162 TYR A CD1   1 
ATOM   1299 C  CD2   . TYR A 1 162 ? 3.076   -13.787 2.197   1.00 12.21  ? 162 TYR A CD2   1 
ATOM   1300 C  CE1   . TYR A 1 162 ? 5.771   -13.756 2.887   1.00 12.66  ? 162 TYR A CE1   1 
ATOM   1301 C  CE2   . TYR A 1 162 ? 3.484   -13.128 3.340   1.00 16.62  ? 162 TYR A CE2   1 
ATOM   1302 C  CZ    . TYR A 1 162 ? 4.826   -13.093 3.652   1.00 13.54  ? 162 TYR A CZ    1 
ATOM   1303 O  OH    . TYR A 1 162 ? 5.216   -12.445 4.784   1.00 16.01  ? 162 TYR A OH    1 
ATOM   1304 N  N     . PRO A 1 163 ? 2.485   -17.416 2.499   1.00 14.63  ? 163 PRO A N     1 
ATOM   1305 C  CA    . PRO A 1 163 ? 1.286   -17.872 3.275   1.00 15.96  ? 163 PRO A CA    1 
ATOM   1306 C  C     . PRO A 1 163 ? 0.191   -16.797 3.319   1.00 16.10  ? 163 PRO A C     1 
ATOM   1307 O  O     . PRO A 1 163 ? 0.517   -15.631 3.514   1.00 16.11  ? 163 PRO A O     1 
ATOM   1308 C  CB    . PRO A 1 163 ? 1.848   -18.083 4.685   1.00 17.44  ? 163 PRO A CB    1 
ATOM   1309 C  CG    . PRO A 1 163 ? 3.298   -18.287 4.508   1.00 15.05  ? 163 PRO A CG    1 
ATOM   1310 C  CD    . PRO A 1 163 ? 3.691   -17.350 3.366   1.00 12.50  ? 163 PRO A CD    1 
ATOM   1311 N  N     . GLY A 1 164 ? -1.056  -17.139 3.009   1.00 15.63  ? 164 GLY A N     1 
ATOM   1312 C  CA    . GLY A 1 164 ? -2.117  -16.089 3.033   1.00 18.53  ? 164 GLY A CA    1 
ATOM   1313 C  C     . GLY A 1 164 ? -2.422  -15.472 1.677   1.00 18.04  ? 164 GLY A C     1 
ATOM   1314 O  O     . GLY A 1 164 ? -3.374  -14.647 1.514   1.00 20.59  ? 164 GLY A O     1 
ATOM   1315 N  N     . VAL A 1 165 ? -1.648  -15.896 0.697   1.00 15.44  ? 165 VAL A N     1 
ATOM   1316 C  CA    . VAL A 1 165 ? -1.706  -15.285 -0.619  1.00 14.58  ? 165 VAL A CA    1 
ATOM   1317 C  C     . VAL A 1 165 ? -2.011  -16.366 -1.638  1.00 12.77  ? 165 VAL A C     1 
ATOM   1318 O  O     . VAL A 1 165 ? -1.217  -17.316 -1.856  1.00 12.63  ? 165 VAL A O     1 
ATOM   1319 C  CB    . VAL A 1 165 ? -0.388  -14.531 -1.012  1.00 11.23  ? 165 VAL A CB    1 
ATOM   1320 C  CG1   . VAL A 1 165 ? -0.467  -13.913 -2.464  1.00 15.67  ? 165 VAL A CG1   1 
ATOM   1321 C  CG2   . VAL A 1 165 ? -0.046  -13.438 -0.009  1.00 14.75  ? 165 VAL A CG2   1 
ATOM   1322 N  N     . LEU A 1 166 ? -3.154  -16.233 -2.282  1.00 12.68  ? 166 LEU A N     1 
ATOM   1323 C  CA    . LEU A 1 166 ? -3.531  -17.236 -3.272  1.00 10.76  ? 166 LEU A CA    1 
ATOM   1324 C  C     . LEU A 1 166 ? -2.551  -17.173 -4.448  1.00 11.36  ? 166 LEU A C     1 
ATOM   1325 O  O     . LEU A 1 166 ? -2.206  -16.082 -4.879  1.00 10.83  ? 166 LEU A O     1 
ATOM   1326 C  CB    . LEU A 1 166 ? -4.984  -16.981 -3.725  1.00 11.99  ? 166 LEU A CB    1 
ATOM   1327 C  CG    . LEU A 1 166 ? -6.046  -17.334 -2.696  1.00 14.63  ? 166 LEU A CG    1 
ATOM   1328 C  CD1   . LEU A 1 166 ? -5.737  -16.769 -1.389  1.00 24.64  ? 166 LEU A CD1   1 
ATOM   1329 C  CD2   . LEU A 1 166 ? -7.461  -16.757 -3.194  1.00 14.49  ? 166 LEU A CD2   1 
ATOM   1330 N  N     . SER A 1 167 ? -2.073  -18.325 -4.930  1.00 12.11  ? 167 SER A N     1 
ATOM   1331 C  CA    . SER A 1 167 ? -1.095  -18.364 -6.045  1.00 13.88  ? 167 SER A CA    1 
ATOM   1332 C  C     . SER A 1 167 ? -1.735  -18.411 -7.442  1.00 16.39  ? 167 SER A C     1 
ATOM   1333 O  O     . SER A 1 167 ? -1.038  -18.168 -8.446  1.00 15.63  ? 167 SER A O     1 
ATOM   1334 C  CB    . SER A 1 167 ? -0.199  -19.623 -5.860  1.00 14.27  ? 167 SER A CB    1 
ATOM   1335 O  OG    . SER A 1 167 ? 0.654   -19.336 -4.753  1.00 11.73  ? 167 SER A OG    1 
ATOM   1336 N  N     . ASP A 1 168 ? -3.007  -18.820 -7.503  1.00 16.82  ? 168 ASP A N     1 
ATOM   1337 C  CA    . ASP A 1 168 ? -3.647  -19.066 -8.799  1.00 16.35  ? 168 ASP A CA    1 
ATOM   1338 C  C     . ASP A 1 168 ? -4.373  -17.829 -9.340  1.00 15.62  ? 168 ASP A C     1 
ATOM   1339 O  O     . ASP A 1 168 ? -4.529  -16.837 -8.616  1.00 15.02  ? 168 ASP A O     1 
ATOM   1340 C  CB    . ASP A 1 168 ? -4.526  -20.335 -8.765  1.00 18.31  ? 168 ASP A CB    1 
ATOM   1341 C  CG    . ASP A 1 168 ? -5.729  -20.245 -7.797  1.00 22.09  ? 168 ASP A CG    1 
ATOM   1342 O  OD1   . ASP A 1 168 ? -6.672  -20.994 -8.102  1.00 30.30  ? 168 ASP A OD1   1 
ATOM   1343 O  OD2   . ASP A 1 168 ? -5.790  -19.467 -6.787  1.00 18.36  ? 168 ASP A OD2   1 
ATOM   1344 N  N     . VAL A 1 169 ? -4.883  -17.945 -10.570 1.00 14.94  ? 169 VAL A N     1 
ATOM   1345 C  CA    . VAL A 1 169 ? -5.605  -16.825 -11.262 1.00 14.82  ? 169 VAL A CA    1 
ATOM   1346 C  C     . VAL A 1 169 ? -6.992  -16.593 -10.673 1.00 13.55  ? 169 VAL A C     1 
ATOM   1347 O  O     . VAL A 1 169 ? -7.763  -17.549 -10.421 1.00 15.10  ? 169 VAL A O     1 
ATOM   1348 C  CB    . VAL A 1 169 ? -5.641  -16.991 -12.802 1.00 14.83  ? 169 VAL A CB    1 
ATOM   1349 C  CG1   . VAL A 1 169 ? -6.491  -15.806 -13.531 1.00 16.79  ? 169 VAL A CG1   1 
ATOM   1350 C  CG2   . VAL A 1 169 ? -4.195  -17.100 -13.379 1.00 16.29  ? 169 VAL A CG2   1 
ATOM   1351 N  N     . GLN A 1 170 ? -7.292  -15.334 -10.419 1.00 13.06  ? 170 GLN A N     1 
ATOM   1352 C  CA    . GLN A 1 170 ? -8.544  -14.922 -9.827  1.00 12.73  ? 170 GLN A CA    1 
ATOM   1353 C  C     . GLN A 1 170 ? -9.293  -14.285 -10.950 1.00 12.88  ? 170 GLN A C     1 
ATOM   1354 O  O     . GLN A 1 170 ? -8.680  -13.844 -11.970 1.00 12.14  ? 170 GLN A O     1 
ATOM   1355 C  CB    . GLN A 1 170 ? -8.319  -13.869 -8.699  1.00 13.41  ? 170 GLN A CB    1 
ATOM   1356 C  CG    . GLN A 1 170 ? -7.297  -14.291 -7.705  1.00 10.69  ? 170 GLN A CG    1 
ATOM   1357 C  CD    . GLN A 1 170 ? -7.768  -15.496 -6.901  1.00 13.96  ? 170 GLN A CD    1 
ATOM   1358 O  OE1   . GLN A 1 170 ? -8.836  -15.462 -6.323  1.00 19.03  ? 170 GLN A OE1   1 
ATOM   1359 N  NE2   . GLN A 1 170 ? -7.014  -16.592 -6.920  1.00 14.24  ? 170 GLN A NE2   1 
ATOM   1360 N  N     . GLU A 1 171 ? -10.614 -14.139 -10.776 1.00 14.62  ? 171 GLU A N     1 
ATOM   1361 C  CA    . GLU A 1 171 ? -11.387 -13.455 -11.831 1.00 13.92  ? 171 GLU A CA    1 
ATOM   1362 C  C     . GLU A 1 171 ? -12.635 -12.867 -11.244 1.00 15.45  ? 171 GLU A C     1 
ATOM   1363 O  O     . GLU A 1 171 ? -13.379 -13.568 -10.602 1.00 15.31  ? 171 GLU A O     1 
ATOM   1364 C  CB    . GLU A 1 171 ? -11.770 -14.394 -12.980 1.00 15.98  ? 171 GLU A CB    1 
ATOM   1365 C  CG    . GLU A 1 171 ? -12.466 -13.594 -14.108 1.00 17.81  ? 171 GLU A CG    1 
ATOM   1366 C  CD    . GLU A 1 171 ? -12.865 -14.515 -15.256 1.00 22.61  ? 171 GLU A CD    1 
ATOM   1367 O  OE1   . GLU A 1 171 ? -13.459 -14.019 -16.208 1.00 28.72  ? 171 GLU A OE1   1 
ATOM   1368 O  OE2   . GLU A 1 171 ? -12.508 -15.708 -15.192 1.00 22.17  ? 171 GLU A OE2   1 
ATOM   1369 N  N     . GLU A 1 172 ? -12.848 -11.574 -11.431 1.00 15.52  ? 172 GLU A N     1 
ATOM   1370 C  CA    . GLU A 1 172 ? -14.095 -10.921 -10.991 1.00 18.00  ? 172 GLU A CA    1 
ATOM   1371 C  C     . GLU A 1 172 ? -14.540 -9.913  -12.056 1.00 18.84  ? 172 GLU A C     1 
ATOM   1372 O  O     . GLU A 1 172 ? -13.710 -9.266  -12.708 1.00 19.30  ? 172 GLU A O     1 
ATOM   1373 C  CB    . GLU A 1 172 ? -13.900 -10.107 -9.712  1.00 15.54  ? 172 GLU A CB    1 
ATOM   1374 C  CG    . GLU A 1 172 ? -13.472 -10.911 -8.528  1.00 18.26  ? 172 GLU A CG    1 
ATOM   1375 C  CD    . GLU A 1 172 ? -13.382 -10.072 -7.277  1.00 20.08  ? 172 GLU A CD    1 
ATOM   1376 O  OE1   . GLU A 1 172 ? -12.278 -9.534  -6.952  1.00 18.81  ? 172 GLU A OE1   1 
ATOM   1377 O  OE2   . GLU A 1 172 ? -14.442 -9.966  -6.598  1.00 19.52  ? 172 GLU A OE2   1 
ATOM   1378 N  N     . LYS A 1 173 ? -15.860 -9.776  -12.194 1.00 19.67  ? 173 LYS A N     1 
ATOM   1379 C  CA    . LYS A 1 173 ? -16.441 -8.920  -13.230 1.00 21.84  ? 173 LYS A CA    1 
ATOM   1380 C  C     . LYS A 1 173 ? -15.799 -9.142  -14.612 1.00 21.07  ? 173 LYS A C     1 
ATOM   1381 O  O     . LYS A 1 173 ? -15.641 -8.215  -15.396 1.00 20.59  ? 173 LYS A O     1 
ATOM   1382 C  CB    . LYS A 1 173 ? -16.373 -7.453  -12.814 1.00 21.76  ? 173 LYS A CB    1 
ATOM   1383 C  CG    . LYS A 1 173 ? -16.887 -7.135  -11.424 1.00 24.31  ? 173 LYS A CG    1 
ATOM   1384 C  CD    . LYS A 1 173 ? -18.376 -6.787  -11.330 1.00 29.62  ? 173 LYS A CD    1 
ATOM   1385 C  CE    . LYS A 1 173 ? -18.639 -5.603  -10.353 1.00 32.92  ? 173 LYS A CE    1 
ATOM   1386 N  NZ    . LYS A 1 173 ? -17.795 -4.294  -10.448 1.00 25.83  ? 173 LYS A NZ    1 
ATOM   1387 N  N     . GLY A 1 174 ? -15.417 -10.373 -14.923 1.00 21.25  ? 174 GLY A N     1 
ATOM   1388 C  CA    . GLY A 1 174 ? -14.846 -10.646 -16.260 1.00 20.01  ? 174 GLY A CA    1 
ATOM   1389 C  C     . GLY A 1 174 ? -13.335 -10.368 -16.427 1.00 20.16  ? 174 GLY A C     1 
ATOM   1390 O  O     . GLY A 1 174 ? -12.737 -10.570 -17.546 1.00 21.52  ? 174 GLY A O     1 
ATOM   1391 N  N     . ILE A 1 175 ? -12.697 -9.931  -15.331 1.00 17.89  ? 175 ILE A N     1 
ATOM   1392 C  CA    . ILE A 1 175 ? -11.296 -9.466  -15.354 1.00 16.01  ? 175 ILE A CA    1 
ATOM   1393 C  C     . ILE A 1 175 ? -10.386 -10.433 -14.530 1.00 14.64  ? 175 ILE A C     1 
ATOM   1394 O  O     . ILE A 1 175 ? -10.634 -10.624 -13.308 1.00 15.90  ? 175 ILE A O     1 
ATOM   1395 C  CB    . ILE A 1 175 ? -11.233 -8.079  -14.629 1.00 15.65  ? 175 ILE A CB    1 
ATOM   1396 C  CG1   . ILE A 1 175 ? -12.198 -7.079  -15.314 1.00 18.28  ? 175 ILE A CG1   1 
ATOM   1397 C  CG2   . ILE A 1 175 ? -9.772  -7.561  -14.462 1.00 17.04  ? 175 ILE A CG2   1 
ATOM   1398 C  CD1   . ILE A 1 175 ? -12.373 -5.778  -14.542 1.00 22.11  ? 175 ILE A CD1   1 
ATOM   1399 N  N     . LYS A 1 176 ? -9.380  -11.003 -15.181 1.00 13.58  ? 176 LYS A N     1 
ATOM   1400 C  CA    . LYS A 1 176 ? -8.458  -11.989 -14.550 1.00 14.65  ? 176 LYS A CA    1 
ATOM   1401 C  C     . LYS A 1 176 ? -7.352  -11.183 -13.837 1.00 12.58  ? 176 LYS A C     1 
ATOM   1402 O  O     . LYS A 1 176 ? -6.865  -10.112 -14.335 1.00 11.93  ? 176 LYS A O     1 
ATOM   1403 C  CB    . LYS A 1 176 ? -7.832  -12.937 -15.572 1.00 13.52  ? 176 LYS A CB    1 
ATOM   1404 C  CG    . LYS A 1 176 ? -8.850  -14.003 -16.050 1.00 16.52  ? 176 LYS A CG    1 
ATOM   1405 C  CD    . LYS A 1 176 ? -8.346  -14.875 -17.140 1.00 21.00  ? 176 LYS A CD    1 
ATOM   1406 C  CE    . LYS A 1 176 ? -9.275  -16.048 -17.455 1.00 28.00  ? 176 LYS A CE    1 
ATOM   1407 N  NZ    . LYS A 1 176 ? -10.538 -15.482 -18.007 1.00 33.05  ? 176 LYS A NZ    1 
ATOM   1408 N  N     . TYR A 1 177 ? -7.020  -11.628 -12.637 1.00 12.07  ? 177 TYR A N     1 
ATOM   1409 C  CA    . TYR A 1 177 ? -5.922  -10.982 -11.965 1.00 11.04  ? 177 TYR A CA    1 
ATOM   1410 C  C     . TYR A 1 177 ? -5.185  -12.023 -11.100 1.00 11.22  ? 177 TYR A C     1 
ATOM   1411 O  O     . TYR A 1 177 ? -5.698  -13.137 -10.912 1.00 12.49  ? 177 TYR A O     1 
ATOM   1412 C  CB    . TYR A 1 177 ? -6.399  -9.821  -11.118 1.00 11.53  ? 177 TYR A CB    1 
ATOM   1413 C  CG    . TYR A 1 177 ? -7.380  -10.080 -10.025 1.00 11.80  ? 177 TYR A CG    1 
ATOM   1414 C  CD1   . TYR A 1 177 ? -6.942  -10.321 -8.745  1.00 11.01  ? 177 TYR A CD1   1 
ATOM   1415 C  CD2   . TYR A 1 177 ? -8.771  -10.028 -10.254 1.00 10.27  ? 177 TYR A CD2   1 
ATOM   1416 C  CE1   . TYR A 1 177 ? -7.817  -10.548 -7.692  1.00 13.95  ? 177 TYR A CE1   1 
ATOM   1417 C  CE2   . TYR A 1 177 ? -9.690  -10.263 -9.175  1.00 12.28  ? 177 TYR A CE2   1 
ATOM   1418 C  CZ    . TYR A 1 177 ? -9.205  -10.549 -7.916  1.00 12.68  ? 177 TYR A CZ    1 
ATOM   1419 O  OH    . TYR A 1 177 ? -10.061 -10.748 -6.838  1.00 15.68  ? 177 TYR A OH    1 
ATOM   1420 N  N     . LYS A 1 178 ? -4.002  -11.687 -10.590 1.00 11.24  ? 178 LYS A N     1 
ATOM   1421 C  CA    . LYS A 1 178 ? -3.267  -12.667 -9.723  1.00 10.49  ? 178 LYS A CA    1 
ATOM   1422 C  C     . LYS A 1 178 ? -2.420  -11.917 -8.730  1.00 11.69  ? 178 LYS A C     1 
ATOM   1423 O  O     . LYS A 1 178 ? -2.083  -10.733 -8.974  1.00 11.10  ? 178 LYS A O     1 
ATOM   1424 C  CB    . LYS A 1 178 ? -2.369  -13.615 -10.583 1.00 11.47  ? 178 LYS A CB    1 
ATOM   1425 C  CG    . LYS A 1 178 ? -1.413  -12.836 -11.545 1.00 9.92   ? 178 LYS A CG    1 
ATOM   1426 C  CD    . LYS A 1 178 ? -0.623  -13.745 -12.532 1.00 16.66  ? 178 LYS A CD    1 
ATOM   1427 C  CE    . LYS A 1 178 ? 0.309   -12.963 -13.447 1.00 20.76  ? 178 LYS A CE    1 
ATOM   1428 N  NZ    . LYS A 1 178 ? 1.115   -14.021 -14.191 1.00 26.60  ? 178 LYS A NZ    1 
ATOM   1429 N  N     . PHE A 1 179 ? -2.110  -12.582 -7.613  1.00 10.54  ? 179 PHE A N     1 
ATOM   1430 C  CA    . PHE A 1 179 ? -1.417  -11.883 -6.519  1.00 10.87  ? 179 PHE A CA    1 
ATOM   1431 C  C     . PHE A 1 179 ? 0.033   -12.298 -6.581  1.00 9.03   ? 179 PHE A C     1 
ATOM   1432 O  O     . PHE A 1 179 ? 0.301   -13.469 -6.743  1.00 11.12  ? 179 PHE A O     1 
ATOM   1433 C  CB    . PHE A 1 179 ? -1.975  -12.383 -5.178  1.00 10.10  ? 179 PHE A CB    1 
ATOM   1434 C  CG    . PHE A 1 179 ? -3.427  -12.091 -4.965  1.00 10.11  ? 179 PHE A CG    1 
ATOM   1435 C  CD1   . PHE A 1 179 ? -4.362  -13.137 -4.774  1.00 10.48  ? 179 PHE A CD1   1 
ATOM   1436 C  CD2   . PHE A 1 179 ? -3.870  -10.748 -4.958  1.00 13.60  ? 179 PHE A CD2   1 
ATOM   1437 C  CE1   . PHE A 1 179 ? -5.701  -12.869 -4.536  1.00 12.12  ? 179 PHE A CE1   1 
ATOM   1438 C  CE2   . PHE A 1 179 ? -5.219  -10.443 -4.686  1.00 12.44  ? 179 PHE A CE2   1 
ATOM   1439 C  CZ    . PHE A 1 179 ? -6.153  -11.518 -4.480  1.00 11.99  ? 179 PHE A CZ    1 
ATOM   1440 N  N     . GLU A 1 180 ? 0.964   -11.355 -6.307  1.00 10.19  ? 180 GLU A N     1 
ATOM   1441 C  CA    . GLU A 1 180 ? 2.425   -11.598 -6.326  1.00 9.01   ? 180 GLU A CA    1 
ATOM   1442 C  C     . GLU A 1 180 ? 3.020   -10.950 -5.116  1.00 9.31   ? 180 GLU A C     1 
ATOM   1443 O  O     . GLU A 1 180 ? 2.494   -9.908  -4.633  1.00 10.28  ? 180 GLU A O     1 
ATOM   1444 C  CB    . GLU A 1 180 ? 3.084   -10.953 -7.586  1.00 7.62   ? 180 GLU A CB    1 
ATOM   1445 C  CG    . GLU A 1 180 ? 2.657   -11.694 -8.870  1.00 8.77   ? 180 GLU A CG    1 
ATOM   1446 C  CD    . GLU A 1 180 ? 3.276   -11.136 -10.136 1.00 13.47  ? 180 GLU A CD    1 
ATOM   1447 O  OE1   . GLU A 1 180 ? 3.161   -11.799 -11.193 1.00 13.94  ? 180 GLU A OE1   1 
ATOM   1448 O  OE2   . GLU A 1 180 ? 3.739   -9.974  -10.114 1.00 14.65  ? 180 GLU A OE2   1 
ATOM   1449 N  N     . VAL A 1 181 ? 4.147   -11.501 -4.644  1.00 8.47   ? 181 VAL A N     1 
ATOM   1450 C  CA    . VAL A 1 181 ? 4.867   -10.872 -3.541  1.00 8.65   ? 181 VAL A CA    1 
ATOM   1451 C  C     . VAL A 1 181 ? 6.346   -10.771 -3.976  1.00 8.43   ? 181 VAL A C     1 
ATOM   1452 O  O     . VAL A 1 181 ? 6.966   -11.803 -4.316  1.00 10.82  ? 181 VAL A O     1 
ATOM   1453 C  CB    . VAL A 1 181 ? 4.730   -11.729 -2.226  1.00 10.21  ? 181 VAL A CB    1 
ATOM   1454 C  CG1   . VAL A 1 181 ? 5.659   -11.164 -1.099  1.00 10.57  ? 181 VAL A CG1   1 
ATOM   1455 C  CG2   . VAL A 1 181 ? 3.195   -11.951 -1.816  1.00 12.68  ? 181 VAL A CG2   1 
ATOM   1456 N  N     . TYR A 1 182 ? 6.929   -9.559  -3.904  1.00 9.96   ? 182 TYR A N     1 
ATOM   1457 C  CA    . TYR A 1 182 ? 8.326   -9.361  -4.212  1.00 8.40   ? 182 TYR A CA    1 
ATOM   1458 C  C     . TYR A 1 182 ? 9.020   -8.933  -2.970  1.00 8.82   ? 182 TYR A C     1 
ATOM   1459 O  O     . TYR A 1 182 ? 8.415   -8.251  -2.089  1.00 10.62  ? 182 TYR A O     1 
ATOM   1460 C  CB    . TYR A 1 182 ? 8.514   -8.189  -5.221  1.00 6.86   ? 182 TYR A CB    1 
ATOM   1461 C  CG    . TYR A 1 182 ? 7.895   -8.509  -6.587  1.00 9.81   ? 182 TYR A CG    1 
ATOM   1462 C  CD1   . TYR A 1 182 ? 6.514   -8.404  -6.784  1.00 10.21  ? 182 TYR A CD1   1 
ATOM   1463 C  CD2   . TYR A 1 182 ? 8.707   -8.947  -7.639  1.00 10.80  ? 182 TYR A CD2   1 
ATOM   1464 C  CE1   . TYR A 1 182 ? 5.947   -8.736  -8.035  1.00 12.35  ? 182 TYR A CE1   1 
ATOM   1465 C  CE2   . TYR A 1 182 ? 8.147   -9.275  -8.886  1.00 12.80  ? 182 TYR A CE2   1 
ATOM   1466 C  CZ    . TYR A 1 182 ? 6.779   -9.169  -9.045  1.00 10.26  ? 182 TYR A CZ    1 
ATOM   1467 O  OH    . TYR A 1 182 ? 6.272   -9.529  -10.297 1.00 9.34   ? 182 TYR A OH    1 
ATOM   1468 N  N     . GLU A 1 183 ? 10.296  -9.288  -2.918  1.00 10.02  ? 183 GLU A N     1 
ATOM   1469 C  CA    . GLU A 1 183 ? 11.111  -8.941  -1.747  1.00 9.30   ? 183 GLU A CA    1 
ATOM   1470 C  C     . GLU A 1 183 ? 12.508  -8.442  -2.202  1.00 10.84  ? 183 GLU A C     1 
ATOM   1471 O  O     . GLU A 1 183 ? 13.250  -9.163  -2.925  1.00 11.60  ? 183 GLU A O     1 
ATOM   1472 C  CB    . GLU A 1 183 ? 11.297  -10.207 -0.876  1.00 9.52   ? 183 GLU A CB    1 
ATOM   1473 C  CG    . GLU A 1 183 ? 11.911  -9.897  0.479   1.00 11.50  ? 183 GLU A CG    1 
ATOM   1474 C  CD    . GLU A 1 183 ? 11.812  -11.112 1.472   1.00 11.60  ? 183 GLU A CD    1 
ATOM   1475 O  OE1   . GLU A 1 183 ? 11.992  -10.892 2.685   1.00 16.06  ? 183 GLU A OE1   1 
ATOM   1476 O  OE2   . GLU A 1 183 ? 11.614  -12.246 1.015   1.00 16.43  ? 183 GLU A OE2   1 
ATOM   1477 N  N     . LYS A 1 184 ? 12.948  -7.341  -1.637  1.00 11.47  ? 184 LYS A N     1 
ATOM   1478 C  CA    . LYS A 1 184 ? 14.355  -6.962  -1.789  1.00 14.40  ? 184 LYS A CA    1 
ATOM   1479 C  C     . LYS A 1 184 ? 15.002  -6.782  -0.423  1.00 15.84  ? 184 LYS A C     1 
ATOM   1480 O  O     . LYS A 1 184 ? 14.300  -6.619  0.547   1.00 14.69  ? 184 LYS A O     1 
ATOM   1481 C  CB    . LYS A 1 184 ? 14.470  -5.659  -2.591  1.00 15.90  ? 184 LYS A CB    1 
ATOM   1482 C  CG    . LYS A 1 184 ? 14.432  -4.414  -1.709  1.00 16.56  ? 184 LYS A CG    1 
ATOM   1483 C  CD    . LYS A 1 184 ? 14.780  -3.190  -2.555  1.00 16.71  ? 184 LYS A CD    1 
ATOM   1484 C  CE    . LYS A 1 184 ? 14.521  -1.896  -1.838  1.00 19.65  ? 184 LYS A CE    1 
ATOM   1485 N  NZ    . LYS A 1 184 ? 15.365  -1.593  -0.622  1.00 17.36  ? 184 LYS A NZ    1 
ATOM   1486 N  N     . ASN A 1 185 ? 16.327  -6.767  -0.347  1.00 17.70  ? 185 ASN A N     1 
ATOM   1487 C  CA    . ASN A 1 185 ? 17.021  -6.428  0.946   1.00 20.38  ? 185 ASN A CA    1 
ATOM   1488 C  C     . ASN A 1 185 ? 18.394  -5.904  0.614   1.00 21.05  ? 185 ASN A C     1 
ATOM   1489 O  O     . ASN A 1 185 ? 19.323  -6.656  0.364   1.00 22.83  ? 185 ASN A O     1 
ATOM   1490 C  CB    . ASN A 1 185 ? 17.110  -7.686  1.849   1.00 20.35  ? 185 ASN A CB    1 
ATOM   1491 C  CG    . ASN A 1 185 ? 17.456  -7.380  3.309   1.00 23.48  ? 185 ASN A CG    1 
ATOM   1492 O  OD1   . ASN A 1 185 ? 17.904  -8.277  4.039   1.00 26.94  ? 185 ASN A OD1   1 
ATOM   1493 N  ND2   . ASN A 1 185 ? 17.289  -6.142  3.729   1.00 18.02  ? 185 ASN A ND2   1 
ATOM   1494 N  N     . ASP A 1 186 ? 18.513  -4.598  0.549   1.00 22.15  ? 186 ASP A N     1 
ATOM   1495 C  CA    . ASP A 1 186 ? 19.765  -4.017  0.012   1.00 24.49  ? 186 ASP A CA    1 
ATOM   1496 C  C     . ASP A 1 186 ? 20.187  -2.861  0.916   1.00 24.58  ? 186 ASP A C     1 
ATOM   1497 O  O     . ASP A 1 186 ? 21.037  -2.043  0.540   1.00 26.32  ? 186 ASP A O     1 
ATOM   1498 C  CB    . ASP A 1 186 ? 19.621  -3.648  -1.495  1.00 23.58  ? 186 ASP A CB    1 
ATOM   1499 C  CG    . ASP A 1 186 ? 18.577  -2.579  -1.758  1.00 24.69  ? 186 ASP A CG    1 
ATOM   1500 O  OD1   . ASP A 1 186 ? 17.989  -2.067  -0.783  1.00 23.19  ? 186 ASP A OD1   1 
ATOM   1501 O  OD2   . ASP A 1 186 ? 18.347  -2.211  -2.963  1.00 19.78  ? 186 ASP A OD2   1 
ATOM   1502 O  OXT   . ASP A 1 186 ? 19.655  -2.751  2.033   1.00 23.51  ? 186 ASP A OXT   1 
HETATM 1503 C  C1    . OAG B 2 .   ? -8.064  1.982   -2.339  1.00 37.65  ? 187 OAG A C1    1 
HETATM 1504 N  N1    . OAG B 2 .   ? -9.441  1.914   -1.707  1.00 40.13  ? 187 OAG A N1    1 
HETATM 1505 CL CL2   . OAG B 2 .   ? -12.578 1.075   -1.666  1.00 55.88  ? 187 OAG A CL2   1 
HETATM 1506 CL CL5   . OAG B 2 .   ? -9.418  4.731   -5.590  1.00 47.94  ? 187 OAG A CL5   1 
HETATM 1507 C  C9    . OAG B 2 .   ? -6.119  0.377   -2.617  1.00 30.05  ? 187 OAG A C9    1 
HETATM 1508 C  "C1'" . OAG B 2 .   ? -10.312 2.352   -2.619  1.00 44.77  ? 187 OAG A "C1'" 1 
HETATM 1509 N  "N1'" . OAG B 2 .   ? -5.880  -3.042  -3.832  1.00 16.19  ? 187 OAG A "N1'" 1 
HETATM 1510 C  C10   . OAG B 2 .   ? -7.491  0.591   -2.777  1.00 29.36  ? 187 OAG A C10   1 
HETATM 1511 C  C11   . OAG B 2 .   ? -11.700 2.092   -2.769  1.00 47.10  ? 187 OAG A C11   1 
HETATM 1512 C  C12   . OAG B 2 .   ? -11.763 3.495   -4.762  1.00 46.21  ? 187 OAG A C12   1 
HETATM 1513 C  "C2'" . OAG B 2 .   ? -4.566  -3.262  -3.681  1.00 12.68  ? 187 OAG A "C2'" 1 
HETATM 1514 N  "N2'" . OAG B 2 .   ? -4.053  -4.509  -3.958  1.00 12.96  ? 187 OAG A "N2'" 1 
HETATM 1515 C  "C3'" . OAG B 2 .   ? -12.406 2.658   -3.842  1.00 45.11  ? 187 OAG A "C3'" 1 
HETATM 1516 N  "N3'" . OAG B 2 .   ? -3.764  -2.300  -3.174  1.00 9.86   ? 187 OAG A "N3'" 1 
HETATM 1517 C  "C4'" . OAG B 2 .   ? -4.169  -1.079  -2.886  1.00 13.96  ? 187 OAG A "C4'" 1 
HETATM 1518 N  "N4'" . OAG B 2 .   ? -3.303  -0.187  -2.427  1.00 17.67  ? 187 OAG A "N4'" 1 
HETATM 1519 C  C4A   . OAG B 2 .   ? -5.557  -0.852  -2.978  1.00 20.35  ? 187 OAG A C4A   1 
HETATM 1520 C  "C5'" . OAG B 2 .   ? -10.396 3.748   -4.579  1.00 46.92  ? 187 OAG A "C5'" 1 
HETATM 1521 C  "C6'" . OAG B 2 .   ? -9.696  3.174   -3.537  1.00 45.62  ? 187 OAG A "C6'" 1 
HETATM 1522 C  "C7'" . OAG B 2 .   ? -8.278  -0.464  -3.283  1.00 31.20  ? 187 OAG A "C7'" 1 
HETATM 1523 N  "N8'" . OAG B 2 .   ? -7.763  -1.652  -3.635  1.00 21.79  ? 187 OAG A "N8'" 1 
HETATM 1524 C  C8A   . OAG B 2 .   ? -6.417  -1.860  -3.468  1.00 19.29  ? 187 OAG A C8A   1 
HETATM 1525 S  S     . SO4 C 3 .   ? -0.388  10.708  -3.605  1.00 18.31  ? 188 SO4 A S     1 
HETATM 1526 O  O1    . SO4 C 3 .   ? -0.618  12.119  -3.313  1.00 18.71  ? 188 SO4 A O1    1 
HETATM 1527 O  O2    . SO4 C 3 .   ? -0.875  10.461  -4.994  1.00 18.63  ? 188 SO4 A O2    1 
HETATM 1528 O  O3    . SO4 C 3 .   ? 0.983   10.337  -3.190  1.00 18.78  ? 188 SO4 A O3    1 
HETATM 1529 O  O4    . SO4 C 3 .   ? -1.271  10.016  -2.727  1.00 13.50  ? 188 SO4 A O4    1 
HETATM 1530 S  S     . SO4 D 3 .   ? 1.192   17.933  -0.914  1.00 20.42  ? 189 SO4 A S     1 
HETATM 1531 O  O1    . SO4 D 3 .   ? 2.391   18.268  -0.194  1.00 22.26  ? 189 SO4 A O1    1 
HETATM 1532 O  O2    . SO4 D 3 .   ? 1.046   18.829  -2.068  1.00 20.84  ? 189 SO4 A O2    1 
HETATM 1533 O  O3    . SO4 D 3 .   ? 1.130   16.545  -1.455  1.00 25.58  ? 189 SO4 A O3    1 
HETATM 1534 O  O4    . SO4 D 3 .   ? 0.081   18.066  -0.014  1.00 21.22  ? 189 SO4 A O4    1 
HETATM 1535 S  S     . SO4 E 3 .   ? -2.515  -21.362 -3.132  1.00 53.70  ? 190 SO4 A S     1 
HETATM 1536 O  O1    . SO4 E 3 .   ? -2.814  -20.931 -1.759  1.00 49.74  ? 190 SO4 A O1    1 
HETATM 1537 O  O2    . SO4 E 3 .   ? -1.378  -20.554 -3.599  1.00 53.51  ? 190 SO4 A O2    1 
HETATM 1538 O  O3    . SO4 E 3 .   ? -2.052  -22.757 -3.054  1.00 49.39  ? 190 SO4 A O3    1 
HETATM 1539 O  O4    . SO4 E 3 .   ? -3.580  -21.115 -4.111  1.00 47.69  ? 190 SO4 A O4    1 
HETATM 1540 S  S     . SO4 F 3 .   ? -21.720 4.740   1.185   0.33 118.09 ? 191 SO4 A S     1 
HETATM 1541 O  O1    . SO4 F 3 .   ? -20.584 4.871   2.082   1.00 118.72 ? 191 SO4 A O1    1 
HETATM 1542 O  O2    . SO4 F 3 .   ? -22.663 5.794   1.529   0.33 117.81 ? 191 SO4 A O2    1 
HETATM 1543 O  O3    . SO4 F 3 .   ? -22.370 3.442   1.341   0.33 118.01 ? 191 SO4 A O3    1 
HETATM 1544 O  O4    . SO4 F 3 .   ? -21.198 4.886   -0.176  1.00 118.47 ? 191 SO4 A O4    1 
HETATM 1545 S  S     . SO4 G 3 .   ? -16.664 10.443  -0.465  1.00 80.08  ? 192 SO4 A S     1 
HETATM 1546 O  O1    . SO4 G 3 .   ? -15.580 10.917  0.406   1.00 79.93  ? 192 SO4 A O1    1 
HETATM 1547 O  O2    . SO4 G 3 .   ? -16.800 11.363  -1.595  1.00 80.96  ? 192 SO4 A O2    1 
HETATM 1548 O  O3    . SO4 G 3 .   ? -16.409 9.096   -0.972  1.00 78.61  ? 192 SO4 A O3    1 
HETATM 1549 O  O4    . SO4 G 3 .   ? -17.925 10.431  0.280   1.00 80.79  ? 192 SO4 A O4    1 
HETATM 1550 O  O     . HOH H 4 .   ? -1.553  -6.657  -3.940  1.00 10.05  ? 193 HOH A O     1 
HETATM 1551 O  O     . HOH H 4 .   ? 13.995  -5.565  -14.101 1.00 11.10  ? 194 HOH A O     1 
HETATM 1552 O  O     . HOH H 4 .   ? 1.280   -5.195  -14.432 1.00 14.52  ? 195 HOH A O     1 
HETATM 1553 O  O     . HOH H 4 .   ? -4.833  -13.994 -1.648  1.00 12.77  ? 196 HOH A O     1 
HETATM 1554 O  O     . HOH H 4 .   ? 7.352   15.498  9.103   1.00 16.43  ? 197 HOH A O     1 
HETATM 1555 O  O     . HOH H 4 .   ? -0.228  -9.319  -3.653  1.00 15.56  ? 198 HOH A O     1 
HETATM 1556 O  O     . HOH H 4 .   ? 4.421   -14.370 -5.012  1.00 17.33  ? 199 HOH A O     1 
HETATM 1557 O  O     . HOH H 4 .   ? -6.076  13.079  14.451  1.00 15.03  ? 200 HOH A O     1 
HETATM 1558 O  O     . HOH H 4 .   ? -12.676 11.303  6.453   1.00 14.54  ? 201 HOH A O     1 
HETATM 1559 O  O     . HOH H 4 .   ? -2.474  -15.422 -7.531  1.00 14.70  ? 202 HOH A O     1 
HETATM 1560 O  O     . HOH H 4 .   ? -0.888  -6.808  -14.666 1.00 13.40  ? 203 HOH A O     1 
HETATM 1561 O  O     . HOH H 4 .   ? 12.206  -0.898  -8.519  1.00 13.66  ? 204 HOH A O     1 
HETATM 1562 O  O     . HOH H 4 .   ? -4.681  20.525  0.100   1.00 11.47  ? 205 HOH A O     1 
HETATM 1563 O  O     . HOH H 4 .   ? -7.720  11.761  -4.809  1.00 15.12  ? 206 HOH A O     1 
HETATM 1564 O  O     . HOH H 4 .   ? 8.221   -2.947  -13.756 1.00 13.75  ? 207 HOH A O     1 
HETATM 1565 O  O     . HOH H 4 .   ? 10.265  -9.062  7.426   1.00 13.72  ? 208 HOH A O     1 
HETATM 1566 O  O     . HOH H 4 .   ? 9.440   -5.515  -13.752 1.00 14.96  ? 209 HOH A O     1 
HETATM 1567 O  O     . HOH H 4 .   ? -1.448  13.543  14.907  1.00 15.04  ? 210 HOH A O     1 
HETATM 1568 O  O     . HOH H 4 .   ? 8.081   -10.190 -12.297 1.00 16.35  ? 211 HOH A O     1 
HETATM 1569 O  O     . HOH H 4 .   ? -9.463  -1.516  3.852   1.00 13.24  ? 212 HOH A O     1 
HETATM 1570 O  O     . HOH H 4 .   ? -3.767  -3.513  12.107  1.00 13.95  ? 213 HOH A O     1 
HETATM 1571 O  O     . HOH H 4 .   ? 0.544   13.992  13.182  1.00 15.90  ? 214 HOH A O     1 
HETATM 1572 O  O     . HOH H 4 .   ? 1.004   14.073  -0.675  1.00 16.64  ? 215 HOH A O     1 
HETATM 1573 O  O     . HOH H 4 .   ? -7.394  -14.044 -0.754  1.00 14.63  ? 216 HOH A O     1 
HETATM 1574 O  O     . HOH H 4 .   ? -3.933  0.053   -6.644  1.00 19.75  ? 217 HOH A O     1 
HETATM 1575 O  O     . HOH H 4 .   ? -6.898  12.680  -15.833 1.00 12.83  ? 218 HOH A O     1 
HETATM 1576 O  O     . HOH H 4 .   ? 3.949   -10.337 5.863   1.00 18.31  ? 219 HOH A O     1 
HETATM 1577 O  O     . HOH H 4 .   ? -12.154 1.246   6.701   1.00 13.30  ? 220 HOH A O     1 
HETATM 1578 O  O     . HOH H 4 .   ? -10.716 13.573  5.372   1.00 13.64  ? 221 HOH A O     1 
HETATM 1579 O  O     . HOH H 4 .   ? 15.854  -1.391  -14.640 1.00 23.16  ? 222 HOH A O     1 
HETATM 1580 O  O     . HOH H 4 .   ? -9.738  3.262   -17.050 1.00 19.37  ? 223 HOH A O     1 
HETATM 1581 O  O     . HOH H 4 .   ? 8.839   -20.900 -0.771  1.00 19.28  ? 224 HOH A O     1 
HETATM 1582 O  O     . HOH H 4 .   ? 5.851   -8.380  5.398   1.00 17.37  ? 225 HOH A O     1 
HETATM 1583 O  O     . HOH H 4 .   ? -9.642  -13.107 -5.403  1.00 19.60  ? 226 HOH A O     1 
HETATM 1584 O  O     . HOH H 4 .   ? 2.273   8.326   -12.337 1.00 17.82  ? 227 HOH A O     1 
HETATM 1585 O  O     . HOH H 4 .   ? -5.451  9.338   -10.527 1.00 21.92  ? 228 HOH A O     1 
HETATM 1586 O  O     . HOH H 4 .   ? -9.709  17.423  6.260   1.00 18.59  ? 229 HOH A O     1 
HETATM 1587 O  O     . HOH H 4 .   ? 6.739   -7.921  10.544  1.00 19.07  ? 230 HOH A O     1 
HETATM 1588 O  O     . HOH H 4 .   ? -6.638  -11.324 -18.807 1.00 38.40  ? 231 HOH A O     1 
HETATM 1589 O  O     . HOH H 4 .   ? 15.348  0.673   -0.905  1.00 44.05  ? 232 HOH A O     1 
HETATM 1590 O  O     . HOH H 4 .   ? 2.920   19.085  6.612   1.00 23.11  ? 233 HOH A O     1 
HETATM 1591 O  O     . HOH H 4 .   ? -6.282  -5.451  -22.337 1.00 20.31  ? 234 HOH A O     1 
HETATM 1592 O  O     . HOH H 4 .   ? -4.441  -12.763 6.517   1.00 22.58  ? 235 HOH A O     1 
HETATM 1593 O  O     . HOH H 4 .   ? 7.932   -18.194 0.416   1.00 20.09  ? 236 HOH A O     1 
HETATM 1594 O  O     . HOH H 4 .   ? -4.824  -20.460 -12.100 1.00 19.47  ? 237 HOH A O     1 
HETATM 1595 O  O     . HOH H 4 .   ? 10.653  -5.130  5.834   1.00 20.81  ? 238 HOH A O     1 
HETATM 1596 O  O     . HOH H 4 .   ? -3.227  10.139  16.399  1.00 20.71  ? 239 HOH A O     1 
HETATM 1597 O  O     . HOH H 4 .   ? -1.004  -9.058  7.047   1.00 17.11  ? 240 HOH A O     1 
HETATM 1598 O  O     . HOH H 4 .   ? -1.145  3.454   -20.529 1.00 18.36  ? 241 HOH A O     1 
HETATM 1599 O  O     . HOH H 4 .   ? -5.126  1.612   -21.574 1.00 23.17  ? 242 HOH A O     1 
HETATM 1600 O  O     . HOH H 4 .   ? -5.233  12.532  -11.730 1.00 15.46  ? 243 HOH A O     1 
HETATM 1601 O  O     . HOH H 4 .   ? -9.570  11.748  13.586  1.00 16.11  ? 244 HOH A O     1 
HETATM 1602 O  O     . HOH H 4 .   ? 9.224   12.484  12.206  1.00 21.10  ? 245 HOH A O     1 
HETATM 1603 O  O     . HOH H 4 .   ? 17.058  -0.107  -8.695  1.00 21.83  ? 246 HOH A O     1 
HETATM 1604 O  O     . HOH H 4 .   ? -12.491 10.732  -8.554  1.00 20.62  ? 247 HOH A O     1 
HETATM 1605 O  O     . HOH H 4 .   ? 2.311   10.584  -6.092  1.00 20.68  ? 248 HOH A O     1 
HETATM 1606 O  O     . HOH H 4 .   ? -22.721 9.753   2.811   0.33 18.35  ? 249 HOH A O     1 
HETATM 1607 O  O     . HOH H 4 .   ? -7.422  18.060  5.300   1.00 18.57  ? 250 HOH A O     1 
HETATM 1608 O  O     . HOH H 4 .   ? -7.492  2.186   14.401  1.00 17.47  ? 251 HOH A O     1 
HETATM 1609 O  O     . HOH H 4 .   ? -8.304  20.194  8.772   1.00 21.53  ? 252 HOH A O     1 
HETATM 1610 O  O     . HOH H 4 .   ? -6.005  19.157  7.303   1.00 15.46  ? 253 HOH A O     1 
HETATM 1611 O  O     . HOH H 4 .   ? -8.584  3.356   11.973  1.00 15.75  ? 254 HOH A O     1 
HETATM 1612 O  O     . HOH H 4 .   ? 25.420  -0.424  -0.826  0.33 22.92  ? 255 HOH A O     1 
HETATM 1613 O  O     . HOH H 4 .   ? 4.445   14.574  1.186   1.00 20.33  ? 256 HOH A O     1 
HETATM 1614 O  O     . HOH H 4 .   ? 9.209   -6.591  4.230   1.00 18.85  ? 257 HOH A O     1 
HETATM 1615 O  O     . HOH H 4 .   ? 6.132   -5.485  15.940  1.00 20.49  ? 258 HOH A O     1 
HETATM 1616 O  O     . HOH H 4 .   ? 16.307  -4.020  -13.850 1.00 16.54  ? 259 HOH A O     1 
HETATM 1617 O  O     . HOH H 4 .   ? -10.345 -11.640 -0.991  1.00 21.30  ? 260 HOH A O     1 
HETATM 1618 O  O     . HOH H 4 .   ? -10.254 11.095  -5.411  1.00 19.59  ? 261 HOH A O     1 
HETATM 1619 O  O     . HOH H 4 .   ? 7.927   -7.661  -13.590 1.00 17.46  ? 262 HOH A O     1 
HETATM 1620 O  O     . HOH H 4 .   ? -9.069  -11.937 1.739   1.00 19.82  ? 263 HOH A O     1 
HETATM 1621 O  O     . HOH H 4 .   ? 1.002   -17.265 -3.027  1.00 21.33  ? 264 HOH A O     1 
HETATM 1622 O  O     . HOH H 4 .   ? -2.522  -7.213  16.499  1.00 17.40  ? 265 HOH A O     1 
HETATM 1623 O  O     . HOH H 4 .   ? -18.003 -11.189 -10.632 1.00 24.34  ? 266 HOH A O     1 
HETATM 1624 O  O     . HOH H 4 .   ? 17.607  -7.341  -2.987  1.00 21.12  ? 267 HOH A O     1 
HETATM 1625 O  O     . HOH H 4 .   ? -9.641  9.230   13.374  1.00 23.71  ? 268 HOH A O     1 
HETATM 1626 O  O     . HOH H 4 .   ? -10.990 -15.854 -2.404  1.00 20.60  ? 269 HOH A O     1 
HETATM 1627 O  O     . HOH H 4 .   ? 11.794  1.519   1.345   1.00 25.82  ? 270 HOH A O     1 
HETATM 1628 O  O     . HOH H 4 .   ? -11.730 -15.411 -8.442  1.00 26.11  ? 271 HOH A O     1 
HETATM 1629 O  O     . HOH H 4 .   ? -8.059  14.491  -4.934  1.00 19.17  ? 272 HOH A O     1 
HETATM 1630 O  O     . HOH H 4 .   ? 9.733   4.071   -12.857 1.00 25.03  ? 273 HOH A O     1 
HETATM 1631 O  O     . HOH H 4 .   ? -2.609  24.270  4.664   1.00 23.14  ? 274 HOH A O     1 
HETATM 1632 O  O     . HOH H 4 .   ? 6.429   13.545  10.938  1.00 23.07  ? 275 HOH A O     1 
HETATM 1633 O  O     . HOH H 4 .   ? -9.072  -2.939  -5.300  1.00 31.85  ? 276 HOH A O     1 
HETATM 1634 O  O     . HOH H 4 .   ? 3.025   -19.339 -5.779  1.00 45.19  ? 277 HOH A O     1 
HETATM 1635 O  O     . HOH H 4 .   ? -15.905 -13.025 -13.784 1.00 28.37  ? 278 HOH A O     1 
HETATM 1636 O  O     . HOH H 4 .   ? -9.418  -13.637 -2.691  1.00 18.90  ? 279 HOH A O     1 
HETATM 1637 O  O     . HOH H 4 .   ? 11.300  2.513   -9.822  1.00 21.99  ? 280 HOH A O     1 
HETATM 1638 O  O     . HOH H 4 .   ? -8.002  -16.120 0.637   1.00 24.20  ? 281 HOH A O     1 
HETATM 1639 O  O     . HOH H 4 .   ? 2.198   2.904   -18.817 1.00 24.38  ? 282 HOH A O     1 
HETATM 1640 O  O     . HOH H 4 .   ? -8.214  14.579  12.081  1.00 23.37  ? 283 HOH A O     1 
HETATM 1641 O  O     . HOH H 4 .   ? 16.216  -2.856  6.508   1.00 27.40  ? 284 HOH A O     1 
HETATM 1642 O  O     . HOH H 4 .   ? -10.476 -17.141 -4.987  1.00 20.75  ? 285 HOH A O     1 
HETATM 1643 O  O     . HOH H 4 .   ? -4.304  21.408  6.879   1.00 23.20  ? 286 HOH A O     1 
HETATM 1644 O  O     . HOH H 4 .   ? 4.538   7.943   -14.151 1.00 26.72  ? 287 HOH A O     1 
HETATM 1645 O  O     . HOH H 4 .   ? 8.350   9.933   -0.994  1.00 32.86  ? 288 HOH A O     1 
HETATM 1646 O  O     . HOH H 4 .   ? 2.899   12.367  -1.638  1.00 27.12  ? 289 HOH A O     1 
# 
loop_
_pdbx_poly_seq_scheme.asym_id 
_pdbx_poly_seq_scheme.entity_id 
_pdbx_poly_seq_scheme.seq_id 
_pdbx_poly_seq_scheme.mon_id 
_pdbx_poly_seq_scheme.ndb_seq_num 
_pdbx_poly_seq_scheme.pdb_seq_num 
_pdbx_poly_seq_scheme.auth_seq_num 
_pdbx_poly_seq_scheme.pdb_mon_id 
_pdbx_poly_seq_scheme.auth_mon_id 
_pdbx_poly_seq_scheme.pdb_strand_id 
_pdbx_poly_seq_scheme.pdb_ins_code 
_pdbx_poly_seq_scheme.hetero 
A 1 1   VAL 1   1   1   VAL VAL A . n 
A 1 2   GLY 2   2   2   GLY GLY A . n 
A 1 3   SER 3   3   3   SER SER A . n 
A 1 4   LEU 4   4   4   LEU LEU A . n 
A 1 5   ASN 5   5   5   ASN ASN A . n 
A 1 6   CYS 6   6   6   CYS CYS A . n 
A 1 7   ILE 7   7   7   ILE ILE A . n 
A 1 8   VAL 8   8   8   VAL VAL A . n 
A 1 9   ALA 9   9   9   ALA ALA A . n 
A 1 10  VAL 10  10  10  VAL VAL A . n 
A 1 11  SER 11  11  11  SER SER A . n 
A 1 12  GLN 12  12  12  GLN GLN A . n 
A 1 13  ASN 13  13  13  ASN ASN A . n 
A 1 14  MET 14  14  14  MET MET A . n 
A 1 15  GLY 15  15  15  GLY GLY A . n 
A 1 16  ILE 16  16  16  ILE ILE A . n 
A 1 17  GLY 17  17  17  GLY GLY A . n 
A 1 18  LYS 18  18  18  LYS LYS A . n 
A 1 19  ASN 19  19  19  ASN ASN A . n 
A 1 20  GLY 20  20  20  GLY GLY A . n 
A 1 21  ASP 21  21  21  ASP ASP A . n 
A 1 22  LEU 22  22  22  LEU LEU A . n 
A 1 23  PRO 23  23  23  PRO PRO A . n 
A 1 24  TRP 24  24  24  TRP TRP A . n 
A 1 25  PRO 25  25  25  PRO PRO A . n 
A 1 26  PRO 26  26  26  PRO PRO A . n 
A 1 27  LEU 27  27  27  LEU LEU A . n 
A 1 28  ARG 28  28  28  ARG ARG A . n 
A 1 29  ASN 29  29  29  ASN ASN A . n 
A 1 30  GLU 30  30  30  GLU GLU A . n 
A 1 31  PHE 31  31  31  PHE PHE A . n 
A 1 32  ARG 32  32  32  ARG ARG A . n 
A 1 33  TYR 33  33  33  TYR TYR A . n 
A 1 34  PHE 34  34  34  PHE PHE A . n 
A 1 35  SER 35  35  35  SER SER A . n 
A 1 36  ARG 36  36  36  ARG ARG A . n 
A 1 37  MET 37  37  37  MET MET A . n 
A 1 38  THR 38  38  38  THR THR A . n 
A 1 39  THR 39  39  39  THR THR A . n 
A 1 40  THR 40  40  40  THR THR A . n 
A 1 41  SER 41  41  41  SER SER A . n 
A 1 42  SER 42  42  42  SER SER A . n 
A 1 43  VAL 43  43  43  VAL VAL A . n 
A 1 44  GLU 44  44  44  GLU GLU A . n 
A 1 45  GLY 45  45  45  GLY GLY A . n 
A 1 46  LYS 46  46  46  LYS LYS A . n 
A 1 47  GLN 47  47  47  GLN GLN A . n 
A 1 48  ASN 48  48  48  ASN ASN A . n 
A 1 49  LEU 49  49  49  LEU LEU A . n 
A 1 50  VAL 50  50  50  VAL VAL A . n 
A 1 51  ILE 51  51  51  ILE ILE A . n 
A 1 52  MET 52  52  52  MET MET A . n 
A 1 53  GLY 53  53  53  GLY GLY A . n 
A 1 54  LYS 54  54  54  LYS LYS A . n 
A 1 55  LYS 55  55  55  LYS LYS A . n 
A 1 56  THR 56  56  56  THR THR A . n 
A 1 57  TRP 57  57  57  TRP TRP A . n 
A 1 58  PHE 58  58  58  PHE PHE A . n 
A 1 59  SER 59  59  59  SER SER A . n 
A 1 60  ILE 60  60  60  ILE ILE A . n 
A 1 61  PRO 61  61  61  PRO PRO A . n 
A 1 62  GLU 62  62  62  GLU GLU A . n 
A 1 63  LYS 63  63  63  LYS LYS A . n 
A 1 64  PHE 64  64  64  PHE PHE A . n 
A 1 65  ARG 65  65  65  ARG ARG A . n 
A 1 66  PRO 66  66  66  PRO PRO A . n 
A 1 67  LEU 67  67  67  LEU LEU A . n 
A 1 68  LYS 68  68  68  LYS LYS A . n 
A 1 69  GLY 69  69  69  GLY GLY A . n 
A 1 70  ARG 70  70  70  ARG ARG A . n 
A 1 71  ILE 71  71  71  ILE ILE A . n 
A 1 72  ASN 72  72  72  ASN ASN A . n 
A 1 73  LEU 73  73  73  LEU LEU A . n 
A 1 74  VAL 74  74  74  VAL VAL A . n 
A 1 75  LEU 75  75  75  LEU LEU A . n 
A 1 76  SER 76  76  76  SER SER A . n 
A 1 77  ARG 77  77  77  ARG ARG A . n 
A 1 78  GLU 78  78  78  GLU GLU A . n 
A 1 79  LEU 79  79  79  LEU LEU A . n 
A 1 80  LYS 80  80  80  LYS LYS A . n 
A 1 81  GLU 81  81  81  GLU GLU A . n 
A 1 82  PRO 82  82  82  PRO PRO A . n 
A 1 83  PRO 83  83  83  PRO PRO A . n 
A 1 84  GLN 84  84  84  GLN GLN A . n 
A 1 85  GLY 85  85  85  GLY GLY A . n 
A 1 86  ALA 86  86  86  ALA ALA A . n 
A 1 87  HIS 87  87  87  HIS HIS A . n 
A 1 88  PHE 88  88  88  PHE PHE A . n 
A 1 89  LEU 89  89  89  LEU LEU A . n 
A 1 90  SER 90  90  90  SER SER A . n 
A 1 91  ARG 91  91  91  ARG ARG A . n 
A 1 92  SER 92  92  92  SER SER A . n 
A 1 93  LEU 93  93  93  LEU LEU A . n 
A 1 94  ASP 94  94  94  ASP ASP A . n 
A 1 95  ASP 95  95  95  ASP ASP A . n 
A 1 96  ALA 96  96  96  ALA ALA A . n 
A 1 97  LEU 97  97  97  LEU LEU A . n 
A 1 98  LYS 98  98  98  LYS LYS A . n 
A 1 99  LEU 99  99  99  LEU LEU A . n 
A 1 100 THR 100 100 100 THR THR A . n 
A 1 101 GLU 101 101 101 GLU GLU A . n 
A 1 102 GLN 102 102 102 GLN GLN A . n 
A 1 103 PRO 103 103 103 PRO PRO A . n 
A 1 104 GLU 104 104 104 GLU GLU A . n 
A 1 105 LEU 105 105 105 LEU LEU A . n 
A 1 106 ALA 106 106 106 ALA ALA A . n 
A 1 107 ASN 107 107 107 ASN ASN A . n 
A 1 108 LYS 108 108 108 LYS LYS A . n 
A 1 109 VAL 109 109 109 VAL VAL A . n 
A 1 110 ASP 110 110 110 ASP ASP A . n 
A 1 111 MET 111 111 111 MET MET A . n 
A 1 112 VAL 112 112 112 VAL VAL A . n 
A 1 113 TRP 113 113 113 TRP TRP A . n 
A 1 114 ILE 114 114 114 ILE ILE A . n 
A 1 115 VAL 115 115 115 VAL VAL A . n 
A 1 116 GLY 116 116 116 GLY GLY A . n 
A 1 117 GLY 117 117 117 GLY GLY A . n 
A 1 118 SER 118 118 118 SER SER A . n 
A 1 119 SER 119 119 119 SER SER A . n 
A 1 120 VAL 120 120 120 VAL VAL A . n 
A 1 121 TYR 121 121 121 TYR TYR A . n 
A 1 122 LYS 122 122 122 LYS LYS A . n 
A 1 123 GLU 123 123 123 GLU GLU A . n 
A 1 124 ALA 124 124 124 ALA ALA A . n 
A 1 125 MET 125 125 125 MET MET A . n 
A 1 126 ASN 126 126 126 ASN ASN A . n 
A 1 127 HIS 127 127 127 HIS HIS A . n 
A 1 128 PRO 128 128 128 PRO PRO A . n 
A 1 129 GLY 129 129 129 GLY GLY A . n 
A 1 130 HIS 130 130 130 HIS HIS A . n 
A 1 131 LEU 131 131 131 LEU LEU A . n 
A 1 132 LYS 132 132 132 LYS LYS A . n 
A 1 133 LEU 133 133 133 LEU LEU A . n 
A 1 134 PHE 134 134 134 PHE PHE A . n 
A 1 135 VAL 135 135 135 VAL VAL A . n 
A 1 136 THR 136 136 136 THR THR A . n 
A 1 137 ARG 137 137 137 ARG ARG A . n 
A 1 138 ILE 138 138 138 ILE ILE A . n 
A 1 139 MET 139 139 139 MET MET A . n 
A 1 140 GLN 140 140 140 GLN GLN A . n 
A 1 141 ASP 141 141 141 ASP ASP A . n 
A 1 142 PHE 142 142 142 PHE PHE A . n 
A 1 143 GLU 143 143 143 GLU GLU A . n 
A 1 144 SER 144 144 144 SER SER A . n 
A 1 145 ASP 145 145 145 ASP ASP A . n 
A 1 146 THR 146 146 146 THR THR A . n 
A 1 147 PHE 147 147 147 PHE PHE A . n 
A 1 148 PHE 148 148 148 PHE PHE A . n 
A 1 149 PRO 149 149 149 PRO PRO A . n 
A 1 150 GLU 150 150 150 GLU GLU A . n 
A 1 151 ILE 151 151 151 ILE ILE A . n 
A 1 152 ASP 152 152 152 ASP ASP A . n 
A 1 153 LEU 153 153 153 LEU LEU A . n 
A 1 154 GLU 154 154 154 GLU GLU A . n 
A 1 155 LYS 155 155 155 LYS LYS A . n 
A 1 156 TYR 156 156 156 TYR TYR A . n 
A 1 157 LYS 157 157 157 LYS LYS A . n 
A 1 158 LEU 158 158 158 LEU LEU A . n 
A 1 159 LEU 159 159 159 LEU LEU A . n 
A 1 160 PRO 160 160 160 PRO PRO A . n 
A 1 161 GLU 161 161 161 GLU GLU A . n 
A 1 162 TYR 162 162 162 TYR TYR A . n 
A 1 163 PRO 163 163 163 PRO PRO A . n 
A 1 164 GLY 164 164 164 GLY GLY A . n 
A 1 165 VAL 165 165 165 VAL VAL A . n 
A 1 166 LEU 166 166 166 LEU LEU A . n 
A 1 167 SER 167 167 167 SER SER A . n 
A 1 168 ASP 168 168 168 ASP ASP A . n 
A 1 169 VAL 169 169 169 VAL VAL A . n 
A 1 170 GLN 170 170 170 GLN GLN A . n 
A 1 171 GLU 171 171 171 GLU GLU A . n 
A 1 172 GLU 172 172 172 GLU GLU A . n 
A 1 173 LYS 173 173 173 LYS LYS A . n 
A 1 174 GLY 174 174 174 GLY GLY A . n 
A 1 175 ILE 175 175 175 ILE ILE A . n 
A 1 176 LYS 176 176 176 LYS LYS A . n 
A 1 177 TYR 177 177 177 TYR TYR A . n 
A 1 178 LYS 178 178 178 LYS LYS A . n 
A 1 179 PHE 179 179 179 PHE PHE A . n 
A 1 180 GLU 180 180 180 GLU GLU A . n 
A 1 181 VAL 181 181 181 VAL VAL A . n 
A 1 182 TYR 182 182 182 TYR TYR A . n 
A 1 183 GLU 183 183 183 GLU GLU A . n 
A 1 184 LYS 184 184 184 LYS LYS A . n 
A 1 185 ASN 185 185 185 ASN ASN A . n 
A 1 186 ASP 186 186 186 ASP ASP A . n 
# 
loop_
_pdbx_nonpoly_scheme.asym_id 
_pdbx_nonpoly_scheme.entity_id 
_pdbx_nonpoly_scheme.mon_id 
_pdbx_nonpoly_scheme.ndb_seq_num 
_pdbx_nonpoly_scheme.pdb_seq_num 
_pdbx_nonpoly_scheme.auth_seq_num 
_pdbx_nonpoly_scheme.pdb_mon_id 
_pdbx_nonpoly_scheme.auth_mon_id 
_pdbx_nonpoly_scheme.pdb_strand_id 
_pdbx_nonpoly_scheme.pdb_ins_code 
B 2 OAG 1  187 1   OAG OAG A . 
C 3 SO4 1  188 1   SO4 SO4 A . 
D 3 SO4 1  189 2   SO4 SO4 A . 
E 3 SO4 1  190 3   SO4 SO4 A . 
F 3 SO4 1  191 4   SO4 SO4 A . 
G 3 SO4 1  192 5   SO4 SO4 A . 
H 4 HOH 1  193 1   HOH HOH A . 
H 4 HOH 2  194 3   HOH HOH A . 
H 4 HOH 3  195 4   HOH HOH A . 
H 4 HOH 4  196 5   HOH HOH A . 
H 4 HOH 5  197 6   HOH HOH A . 
H 4 HOH 6  198 7   HOH HOH A . 
H 4 HOH 7  199 8   HOH HOH A . 
H 4 HOH 8  200 9   HOH HOH A . 
H 4 HOH 9  201 10  HOH HOH A . 
H 4 HOH 10 202 11  HOH HOH A . 
H 4 HOH 11 203 12  HOH HOH A . 
H 4 HOH 12 204 13  HOH HOH A . 
H 4 HOH 13 205 14  HOH HOH A . 
H 4 HOH 14 206 15  HOH HOH A . 
H 4 HOH 15 207 16  HOH HOH A . 
H 4 HOH 16 208 17  HOH HOH A . 
H 4 HOH 17 209 18  HOH HOH A . 
H 4 HOH 18 210 19  HOH HOH A . 
H 4 HOH 19 211 20  HOH HOH A . 
H 4 HOH 20 212 21  HOH HOH A . 
H 4 HOH 21 213 22  HOH HOH A . 
H 4 HOH 22 214 23  HOH HOH A . 
H 4 HOH 23 215 24  HOH HOH A . 
H 4 HOH 24 216 25  HOH HOH A . 
H 4 HOH 25 217 26  HOH HOH A . 
H 4 HOH 26 218 27  HOH HOH A . 
H 4 HOH 27 219 28  HOH HOH A . 
H 4 HOH 28 220 29  HOH HOH A . 
H 4 HOH 29 221 30  HOH HOH A . 
H 4 HOH 30 222 31  HOH HOH A . 
H 4 HOH 31 223 32  HOH HOH A . 
H 4 HOH 32 224 33  HOH HOH A . 
H 4 HOH 33 225 34  HOH HOH A . 
H 4 HOH 34 226 35  HOH HOH A . 
H 4 HOH 35 227 37  HOH HOH A . 
H 4 HOH 36 228 38  HOH HOH A . 
H 4 HOH 37 229 39  HOH HOH A . 
H 4 HOH 38 230 42  HOH HOH A . 
H 4 HOH 39 231 43  HOH HOH A . 
H 4 HOH 40 232 45  HOH HOH A . 
H 4 HOH 41 233 47  HOH HOH A . 
H 4 HOH 42 234 48  HOH HOH A . 
H 4 HOH 43 235 49  HOH HOH A . 
H 4 HOH 44 236 50  HOH HOH A . 
H 4 HOH 45 237 51  HOH HOH A . 
H 4 HOH 46 238 52  HOH HOH A . 
H 4 HOH 47 239 53  HOH HOH A . 
H 4 HOH 48 240 54  HOH HOH A . 
H 4 HOH 49 241 55  HOH HOH A . 
H 4 HOH 50 242 56  HOH HOH A . 
H 4 HOH 51 243 57  HOH HOH A . 
H 4 HOH 52 244 58  HOH HOH A . 
H 4 HOH 53 245 59  HOH HOH A . 
H 4 HOH 54 246 60  HOH HOH A . 
H 4 HOH 55 247 61  HOH HOH A . 
H 4 HOH 56 248 62  HOH HOH A . 
H 4 HOH 57 249 63  HOH HOH A . 
H 4 HOH 58 250 64  HOH HOH A . 
H 4 HOH 59 251 65  HOH HOH A . 
H 4 HOH 60 252 66  HOH HOH A . 
H 4 HOH 61 253 67  HOH HOH A . 
H 4 HOH 62 254 68  HOH HOH A . 
H 4 HOH 63 255 69  HOH HOH A . 
H 4 HOH 64 256 70  HOH HOH A . 
H 4 HOH 65 257 71  HOH HOH A . 
H 4 HOH 66 258 72  HOH HOH A . 
H 4 HOH 67 259 73  HOH HOH A . 
H 4 HOH 68 260 74  HOH HOH A . 
H 4 HOH 69 261 75  HOH HOH A . 
H 4 HOH 70 262 76  HOH HOH A . 
H 4 HOH 71 263 77  HOH HOH A . 
H 4 HOH 72 264 78  HOH HOH A . 
H 4 HOH 73 265 79  HOH HOH A . 
H 4 HOH 74 266 80  HOH HOH A . 
H 4 HOH 75 267 81  HOH HOH A . 
H 4 HOH 76 268 82  HOH HOH A . 
H 4 HOH 77 269 83  HOH HOH A . 
H 4 HOH 78 270 84  HOH HOH A . 
H 4 HOH 79 271 85  HOH HOH A . 
H 4 HOH 80 272 86  HOH HOH A . 
H 4 HOH 81 273 87  HOH HOH A . 
H 4 HOH 82 274 88  HOH HOH A . 
H 4 HOH 83 275 89  HOH HOH A . 
H 4 HOH 84 276 90  HOH HOH A . 
H 4 HOH 85 277 91  HOH HOH A . 
H 4 HOH 86 278 92  HOH HOH A . 
H 4 HOH 87 279 93  HOH HOH A . 
H 4 HOH 88 280 94  HOH HOH A . 
H 4 HOH 89 281 95  HOH HOH A . 
H 4 HOH 90 282 96  HOH HOH A . 
H 4 HOH 91 283 97  HOH HOH A . 
H 4 HOH 92 284 98  HOH HOH A . 
H 4 HOH 93 285 99  HOH HOH A . 
H 4 HOH 94 286 100 HOH HOH A . 
H 4 HOH 95 287 101 HOH HOH A . 
H 4 HOH 96 288 102 HOH HOH A . 
H 4 HOH 97 289 103 HOH HOH A . 
# 
_pdbx_struct_assembly.id                   1 
_pdbx_struct_assembly.details              author_and_software_defined_assembly 
_pdbx_struct_assembly.method_details       PISA 
_pdbx_struct_assembly.oligomeric_details   monomeric 
_pdbx_struct_assembly.oligomeric_count     1 
# 
_pdbx_struct_assembly_gen.assembly_id       1 
_pdbx_struct_assembly_gen.oper_expression   1 
_pdbx_struct_assembly_gen.asym_id_list      A,B,C,D,E,F,G,H 
# 
_pdbx_struct_oper_list.id                   1 
_pdbx_struct_oper_list.type                 'identity operation' 
_pdbx_struct_oper_list.name                 1_555 
_pdbx_struct_oper_list.symmetry_operation   x,y,z 
_pdbx_struct_oper_list.matrix[1][1]         1.0000000000 
_pdbx_struct_oper_list.matrix[1][2]         0.0000000000 
_pdbx_struct_oper_list.matrix[1][3]         0.0000000000 
_pdbx_struct_oper_list.vector[1]            0.0000000000 
_pdbx_struct_oper_list.matrix[2][1]         0.0000000000 
_pdbx_struct_oper_list.matrix[2][2]         1.0000000000 
_pdbx_struct_oper_list.matrix[2][3]         0.0000000000 
_pdbx_struct_oper_list.vector[2]            0.0000000000 
_pdbx_struct_oper_list.matrix[3][1]         0.0000000000 
_pdbx_struct_oper_list.matrix[3][2]         0.0000000000 
_pdbx_struct_oper_list.matrix[3][3]         1.0000000000 
_pdbx_struct_oper_list.vector[3]            0.0000000000 
# 
loop_
_pdbx_struct_special_symmetry.id 
_pdbx_struct_special_symmetry.PDB_model_num 
_pdbx_struct_special_symmetry.auth_asym_id 
_pdbx_struct_special_symmetry.auth_comp_id 
_pdbx_struct_special_symmetry.auth_seq_id 
_pdbx_struct_special_symmetry.PDB_ins_code 
_pdbx_struct_special_symmetry.label_asym_id 
_pdbx_struct_special_symmetry.label_comp_id 
_pdbx_struct_special_symmetry.label_seq_id 
1 1 A HOH 249 ? H HOH . 
2 1 A HOH 255 ? H HOH . 
# 
loop_
_pdbx_audit_revision_history.ordinal 
_pdbx_audit_revision_history.data_content_type 
_pdbx_audit_revision_history.major_revision 
_pdbx_audit_revision_history.minor_revision 
_pdbx_audit_revision_history.revision_date 
1 'Structure model' 1 0 2011-08-03 
2 'Structure model' 1 1 2013-10-09 
3 'Structure model' 1 2 2017-11-08 
4 'Structure model' 1 3 2023-09-06 
# 
_pdbx_audit_revision_details.ordinal             1 
_pdbx_audit_revision_details.revision_ordinal    1 
_pdbx_audit_revision_details.data_content_type   'Structure model' 
_pdbx_audit_revision_details.provider            repository 
_pdbx_audit_revision_details.type                'Initial release' 
_pdbx_audit_revision_details.description         ? 
_pdbx_audit_revision_details.details             ? 
# 
loop_
_pdbx_audit_revision_group.ordinal 
_pdbx_audit_revision_group.revision_ordinal 
_pdbx_audit_revision_group.data_content_type 
_pdbx_audit_revision_group.group 
1 2 'Structure model' 'Database references'    
2 3 'Structure model' 'Refinement description' 
3 4 'Structure model' 'Data collection'        
4 4 'Structure model' 'Database references'    
5 4 'Structure model' 'Derived calculations'   
6 4 'Structure model' 'Refinement description' 
# 
loop_
_pdbx_audit_revision_category.ordinal 
_pdbx_audit_revision_category.revision_ordinal 
_pdbx_audit_revision_category.data_content_type 
_pdbx_audit_revision_category.category 
1 3 'Structure model' software                      
2 4 'Structure model' chem_comp_atom                
3 4 'Structure model' chem_comp_bond                
4 4 'Structure model' database_2                    
5 4 'Structure model' pdbx_initial_refinement_model 
6 4 'Structure model' struct_ref_seq_dif            
7 4 'Structure model' struct_site                   
# 
loop_
_pdbx_audit_revision_item.ordinal 
_pdbx_audit_revision_item.revision_ordinal 
_pdbx_audit_revision_item.data_content_type 
_pdbx_audit_revision_item.item 
1 4 'Structure model' '_database_2.pdbx_DOI'                
2 4 'Structure model' '_database_2.pdbx_database_accession' 
3 4 'Structure model' '_struct_ref_seq_dif.details'         
4 4 'Structure model' '_struct_site.pdbx_auth_asym_id'      
5 4 'Structure model' '_struct_site.pdbx_auth_comp_id'      
6 4 'Structure model' '_struct_site.pdbx_auth_seq_id'       
# 
loop_
_software.name 
_software.classification 
_software.version 
_software.citation_id 
_software.pdbx_ordinal 
HKL-2000 'data collection' .        ? 1 
MOLREP   phasing           .        ? 2 
REFMAC   refinement        5.5.0088 ? 3 
MOSFLM   'data reduction'  .        ? 4 
SCALA    'data scaling'    .        ? 5 
# 
loop_
_pdbx_validate_close_contact.id 
_pdbx_validate_close_contact.PDB_model_num 
_pdbx_validate_close_contact.auth_atom_id_1 
_pdbx_validate_close_contact.auth_asym_id_1 
_pdbx_validate_close_contact.auth_comp_id_1 
_pdbx_validate_close_contact.auth_seq_id_1 
_pdbx_validate_close_contact.PDB_ins_code_1 
_pdbx_validate_close_contact.label_alt_id_1 
_pdbx_validate_close_contact.auth_atom_id_2 
_pdbx_validate_close_contact.auth_asym_id_2 
_pdbx_validate_close_contact.auth_comp_id_2 
_pdbx_validate_close_contact.auth_seq_id_2 
_pdbx_validate_close_contact.PDB_ins_code_2 
_pdbx_validate_close_contact.label_alt_id_2 
_pdbx_validate_close_contact.dist 
1 1 O A HIS 127 ? ? O A HOH 232 ? ? 1.43 
2 1 C A HIS 127 ? ? O A HOH 232 ? ? 1.95 
# 
_pdbx_validate_symm_contact.id                1 
_pdbx_validate_symm_contact.PDB_model_num     1 
_pdbx_validate_symm_contact.auth_atom_id_1    ND2 
_pdbx_validate_symm_contact.auth_asym_id_1    A 
_pdbx_validate_symm_contact.auth_comp_id_1    ASN 
_pdbx_validate_symm_contact.auth_seq_id_1     19 
_pdbx_validate_symm_contact.PDB_ins_code_1    ? 
_pdbx_validate_symm_contact.label_alt_id_1    ? 
_pdbx_validate_symm_contact.site_symmetry_1   1_555 
_pdbx_validate_symm_contact.auth_atom_id_2    O 
_pdbx_validate_symm_contact.auth_asym_id_2    A 
_pdbx_validate_symm_contact.auth_comp_id_2    HOH 
_pdbx_validate_symm_contact.auth_seq_id_2     277 
_pdbx_validate_symm_contact.PDB_ins_code_2    ? 
_pdbx_validate_symm_contact.label_alt_id_2    ? 
_pdbx_validate_symm_contact.site_symmetry_2   8_444 
_pdbx_validate_symm_contact.dist              2.10 
# 
loop_
_pdbx_validate_rmsd_angle.id 
_pdbx_validate_rmsd_angle.PDB_model_num 
_pdbx_validate_rmsd_angle.auth_atom_id_1 
_pdbx_validate_rmsd_angle.auth_asym_id_1 
_pdbx_validate_rmsd_angle.auth_comp_id_1 
_pdbx_validate_rmsd_angle.auth_seq_id_1 
_pdbx_validate_rmsd_angle.PDB_ins_code_1 
_pdbx_validate_rmsd_angle.label_alt_id_1 
_pdbx_validate_rmsd_angle.auth_atom_id_2 
_pdbx_validate_rmsd_angle.auth_asym_id_2 
_pdbx_validate_rmsd_angle.auth_comp_id_2 
_pdbx_validate_rmsd_angle.auth_seq_id_2 
_pdbx_validate_rmsd_angle.PDB_ins_code_2 
_pdbx_validate_rmsd_angle.label_alt_id_2 
_pdbx_validate_rmsd_angle.auth_atom_id_3 
_pdbx_validate_rmsd_angle.auth_asym_id_3 
_pdbx_validate_rmsd_angle.auth_comp_id_3 
_pdbx_validate_rmsd_angle.auth_seq_id_3 
_pdbx_validate_rmsd_angle.PDB_ins_code_3 
_pdbx_validate_rmsd_angle.label_alt_id_3 
_pdbx_validate_rmsd_angle.angle_value 
_pdbx_validate_rmsd_angle.angle_target_value 
_pdbx_validate_rmsd_angle.angle_deviation 
_pdbx_validate_rmsd_angle.angle_standard_deviation 
_pdbx_validate_rmsd_angle.linker_flag 
1 1 CB  A VAL 10  ? ? CA A VAL 10  ? ? C   A VAL 10  ? ? 96.38  111.40 -15.02 1.90 N 
2 1 CG1 A VAL 112 ? ? CB A VAL 112 ? ? CG2 A VAL 112 ? ? 125.74 110.90 14.84  1.60 N 
3 1 CA  A VAL 112 ? ? CB A VAL 112 ? ? CG1 A VAL 112 ? ? 120.46 110.90 9.56   1.50 N 
4 1 CG  A MET 139 ? ? SD A MET 139 ? ? CE  A MET 139 ? ? 75.44  100.20 -24.76 1.60 N 
5 1 CB  A ASP 168 ? ? CG A ASP 168 ? ? OD2 A ASP 168 ? ? 124.58 118.30 6.28   0.90 N 
# 
loop_
_pdbx_validate_torsion.id 
_pdbx_validate_torsion.PDB_model_num 
_pdbx_validate_torsion.auth_comp_id 
_pdbx_validate_torsion.auth_asym_id 
_pdbx_validate_torsion.auth_seq_id 
_pdbx_validate_torsion.PDB_ins_code 
_pdbx_validate_torsion.label_alt_id 
_pdbx_validate_torsion.phi 
_pdbx_validate_torsion.psi 
1 1 ASP A 110 ? ? -90.53 -99.68 
2 1 MET A 139 ? ? -93.46 44.13  
# 
loop_
_chem_comp_atom.comp_id 
_chem_comp_atom.atom_id 
_chem_comp_atom.type_symbol 
_chem_comp_atom.pdbx_aromatic_flag 
_chem_comp_atom.pdbx_stereo_config 
_chem_comp_atom.pdbx_ordinal 
ALA N      N  N N 1   
ALA CA     C  N S 2   
ALA C      C  N N 3   
ALA O      O  N N 4   
ALA CB     C  N N 5   
ALA OXT    O  N N 6   
ALA H      H  N N 7   
ALA H2     H  N N 8   
ALA HA     H  N N 9   
ALA HB1    H  N N 10  
ALA HB2    H  N N 11  
ALA HB3    H  N N 12  
ALA HXT    H  N N 13  
ARG N      N  N N 14  
ARG CA     C  N S 15  
ARG C      C  N N 16  
ARG O      O  N N 17  
ARG CB     C  N N 18  
ARG CG     C  N N 19  
ARG CD     C  N N 20  
ARG NE     N  N N 21  
ARG CZ     C  N N 22  
ARG NH1    N  N N 23  
ARG NH2    N  N N 24  
ARG OXT    O  N N 25  
ARG H      H  N N 26  
ARG H2     H  N N 27  
ARG HA     H  N N 28  
ARG HB2    H  N N 29  
ARG HB3    H  N N 30  
ARG HG2    H  N N 31  
ARG HG3    H  N N 32  
ARG HD2    H  N N 33  
ARG HD3    H  N N 34  
ARG HE     H  N N 35  
ARG HH11   H  N N 36  
ARG HH12   H  N N 37  
ARG HH21   H  N N 38  
ARG HH22   H  N N 39  
ARG HXT    H  N N 40  
ASN N      N  N N 41  
ASN CA     C  N S 42  
ASN C      C  N N 43  
ASN O      O  N N 44  
ASN CB     C  N N 45  
ASN CG     C  N N 46  
ASN OD1    O  N N 47  
ASN ND2    N  N N 48  
ASN OXT    O  N N 49  
ASN H      H  N N 50  
ASN H2     H  N N 51  
ASN HA     H  N N 52  
ASN HB2    H  N N 53  
ASN HB3    H  N N 54  
ASN HD21   H  N N 55  
ASN HD22   H  N N 56  
ASN HXT    H  N N 57  
ASP N      N  N N 58  
ASP CA     C  N S 59  
ASP C      C  N N 60  
ASP O      O  N N 61  
ASP CB     C  N N 62  
ASP CG     C  N N 63  
ASP OD1    O  N N 64  
ASP OD2    O  N N 65  
ASP OXT    O  N N 66  
ASP H      H  N N 67  
ASP H2     H  N N 68  
ASP HA     H  N N 69  
ASP HB2    H  N N 70  
ASP HB3    H  N N 71  
ASP HD2    H  N N 72  
ASP HXT    H  N N 73  
CYS N      N  N N 74  
CYS CA     C  N R 75  
CYS C      C  N N 76  
CYS O      O  N N 77  
CYS CB     C  N N 78  
CYS SG     S  N N 79  
CYS OXT    O  N N 80  
CYS H      H  N N 81  
CYS H2     H  N N 82  
CYS HA     H  N N 83  
CYS HB2    H  N N 84  
CYS HB3    H  N N 85  
CYS HG     H  N N 86  
CYS HXT    H  N N 87  
GLN N      N  N N 88  
GLN CA     C  N S 89  
GLN C      C  N N 90  
GLN O      O  N N 91  
GLN CB     C  N N 92  
GLN CG     C  N N 93  
GLN CD     C  N N 94  
GLN OE1    O  N N 95  
GLN NE2    N  N N 96  
GLN OXT    O  N N 97  
GLN H      H  N N 98  
GLN H2     H  N N 99  
GLN HA     H  N N 100 
GLN HB2    H  N N 101 
GLN HB3    H  N N 102 
GLN HG2    H  N N 103 
GLN HG3    H  N N 104 
GLN HE21   H  N N 105 
GLN HE22   H  N N 106 
GLN HXT    H  N N 107 
GLU N      N  N N 108 
GLU CA     C  N S 109 
GLU C      C  N N 110 
GLU O      O  N N 111 
GLU CB     C  N N 112 
GLU CG     C  N N 113 
GLU CD     C  N N 114 
GLU OE1    O  N N 115 
GLU OE2    O  N N 116 
GLU OXT    O  N N 117 
GLU H      H  N N 118 
GLU H2     H  N N 119 
GLU HA     H  N N 120 
GLU HB2    H  N N 121 
GLU HB3    H  N N 122 
GLU HG2    H  N N 123 
GLU HG3    H  N N 124 
GLU HE2    H  N N 125 
GLU HXT    H  N N 126 
GLY N      N  N N 127 
GLY CA     C  N N 128 
GLY C      C  N N 129 
GLY O      O  N N 130 
GLY OXT    O  N N 131 
GLY H      H  N N 132 
GLY H2     H  N N 133 
GLY HA2    H  N N 134 
GLY HA3    H  N N 135 
GLY HXT    H  N N 136 
HIS N      N  N N 137 
HIS CA     C  N S 138 
HIS C      C  N N 139 
HIS O      O  N N 140 
HIS CB     C  N N 141 
HIS CG     C  Y N 142 
HIS ND1    N  Y N 143 
HIS CD2    C  Y N 144 
HIS CE1    C  Y N 145 
HIS NE2    N  Y N 146 
HIS OXT    O  N N 147 
HIS H      H  N N 148 
HIS H2     H  N N 149 
HIS HA     H  N N 150 
HIS HB2    H  N N 151 
HIS HB3    H  N N 152 
HIS HD1    H  N N 153 
HIS HD2    H  N N 154 
HIS HE1    H  N N 155 
HIS HE2    H  N N 156 
HIS HXT    H  N N 157 
HOH O      O  N N 158 
HOH H1     H  N N 159 
HOH H2     H  N N 160 
ILE N      N  N N 161 
ILE CA     C  N S 162 
ILE C      C  N N 163 
ILE O      O  N N 164 
ILE CB     C  N S 165 
ILE CG1    C  N N 166 
ILE CG2    C  N N 167 
ILE CD1    C  N N 168 
ILE OXT    O  N N 169 
ILE H      H  N N 170 
ILE H2     H  N N 171 
ILE HA     H  N N 172 
ILE HB     H  N N 173 
ILE HG12   H  N N 174 
ILE HG13   H  N N 175 
ILE HG21   H  N N 176 
ILE HG22   H  N N 177 
ILE HG23   H  N N 178 
ILE HD11   H  N N 179 
ILE HD12   H  N N 180 
ILE HD13   H  N N 181 
ILE HXT    H  N N 182 
LEU N      N  N N 183 
LEU CA     C  N S 184 
LEU C      C  N N 185 
LEU O      O  N N 186 
LEU CB     C  N N 187 
LEU CG     C  N N 188 
LEU CD1    C  N N 189 
LEU CD2    C  N N 190 
LEU OXT    O  N N 191 
LEU H      H  N N 192 
LEU H2     H  N N 193 
LEU HA     H  N N 194 
LEU HB2    H  N N 195 
LEU HB3    H  N N 196 
LEU HG     H  N N 197 
LEU HD11   H  N N 198 
LEU HD12   H  N N 199 
LEU HD13   H  N N 200 
LEU HD21   H  N N 201 
LEU HD22   H  N N 202 
LEU HD23   H  N N 203 
LEU HXT    H  N N 204 
LYS N      N  N N 205 
LYS CA     C  N S 206 
LYS C      C  N N 207 
LYS O      O  N N 208 
LYS CB     C  N N 209 
LYS CG     C  N N 210 
LYS CD     C  N N 211 
LYS CE     C  N N 212 
LYS NZ     N  N N 213 
LYS OXT    O  N N 214 
LYS H      H  N N 215 
LYS H2     H  N N 216 
LYS HA     H  N N 217 
LYS HB2    H  N N 218 
LYS HB3    H  N N 219 
LYS HG2    H  N N 220 
LYS HG3    H  N N 221 
LYS HD2    H  N N 222 
LYS HD3    H  N N 223 
LYS HE2    H  N N 224 
LYS HE3    H  N N 225 
LYS HZ1    H  N N 226 
LYS HZ2    H  N N 227 
LYS HZ3    H  N N 228 
LYS HXT    H  N N 229 
MET N      N  N N 230 
MET CA     C  N S 231 
MET C      C  N N 232 
MET O      O  N N 233 
MET CB     C  N N 234 
MET CG     C  N N 235 
MET SD     S  N N 236 
MET CE     C  N N 237 
MET OXT    O  N N 238 
MET H      H  N N 239 
MET H2     H  N N 240 
MET HA     H  N N 241 
MET HB2    H  N N 242 
MET HB3    H  N N 243 
MET HG2    H  N N 244 
MET HG3    H  N N 245 
MET HE1    H  N N 246 
MET HE2    H  N N 247 
MET HE3    H  N N 248 
MET HXT    H  N N 249 
OAG C1     C  N N 250 
OAG N1     N  N N 251 
OAG CL2    CL N N 252 
OAG CL5    CL N N 253 
OAG C9     C  Y N 254 
OAG "C1'"  C  Y N 255 
OAG "N1'"  N  Y N 256 
OAG C10    C  Y N 257 
OAG C11    C  Y N 258 
OAG C12    C  Y N 259 
OAG "C2'"  C  Y N 260 
OAG "N2'"  N  N N 261 
OAG "C3'"  C  Y N 262 
OAG "N3'"  N  Y N 263 
OAG "C4'"  C  Y N 264 
OAG "N4'"  N  N N 265 
OAG C4A    C  Y N 266 
OAG "C5'"  C  Y N 267 
OAG "C6'"  C  Y N 268 
OAG "C7'"  C  Y N 269 
OAG "N8'"  N  Y N 270 
OAG C8A    C  Y N 271 
OAG H1     H  N N 272 
OAG H1A    H  N N 273 
OAG HN1    H  N N 274 
OAG H9     H  N N 275 
OAG H12    H  N N 276 
OAG "HN2'" H  N N 277 
OAG HN2A   H  N N 278 
OAG "H3'"  H  N N 279 
OAG "HN4'" H  N N 280 
OAG HN4A   H  N N 281 
OAG "H6'"  H  N N 282 
OAG "H7'"  H  N N 283 
PHE N      N  N N 284 
PHE CA     C  N S 285 
PHE C      C  N N 286 
PHE O      O  N N 287 
PHE CB     C  N N 288 
PHE CG     C  Y N 289 
PHE CD1    C  Y N 290 
PHE CD2    C  Y N 291 
PHE CE1    C  Y N 292 
PHE CE2    C  Y N 293 
PHE CZ     C  Y N 294 
PHE OXT    O  N N 295 
PHE H      H  N N 296 
PHE H2     H  N N 297 
PHE HA     H  N N 298 
PHE HB2    H  N N 299 
PHE HB3    H  N N 300 
PHE HD1    H  N N 301 
PHE HD2    H  N N 302 
PHE HE1    H  N N 303 
PHE HE2    H  N N 304 
PHE HZ     H  N N 305 
PHE HXT    H  N N 306 
PRO N      N  N N 307 
PRO CA     C  N S 308 
PRO C      C  N N 309 
PRO O      O  N N 310 
PRO CB     C  N N 311 
PRO CG     C  N N 312 
PRO CD     C  N N 313 
PRO OXT    O  N N 314 
PRO H      H  N N 315 
PRO HA     H  N N 316 
PRO HB2    H  N N 317 
PRO HB3    H  N N 318 
PRO HG2    H  N N 319 
PRO HG3    H  N N 320 
PRO HD2    H  N N 321 
PRO HD3    H  N N 322 
PRO HXT    H  N N 323 
SER N      N  N N 324 
SER CA     C  N S 325 
SER C      C  N N 326 
SER O      O  N N 327 
SER CB     C  N N 328 
SER OG     O  N N 329 
SER OXT    O  N N 330 
SER H      H  N N 331 
SER H2     H  N N 332 
SER HA     H  N N 333 
SER HB2    H  N N 334 
SER HB3    H  N N 335 
SER HG     H  N N 336 
SER HXT    H  N N 337 
SO4 S      S  N N 338 
SO4 O1     O  N N 339 
SO4 O2     O  N N 340 
SO4 O3     O  N N 341 
SO4 O4     O  N N 342 
THR N      N  N N 343 
THR CA     C  N S 344 
THR C      C  N N 345 
THR O      O  N N 346 
THR CB     C  N R 347 
THR OG1    O  N N 348 
THR CG2    C  N N 349 
THR OXT    O  N N 350 
THR H      H  N N 351 
THR H2     H  N N 352 
THR HA     H  N N 353 
THR HB     H  N N 354 
THR HG1    H  N N 355 
THR HG21   H  N N 356 
THR HG22   H  N N 357 
THR HG23   H  N N 358 
THR HXT    H  N N 359 
TRP N      N  N N 360 
TRP CA     C  N S 361 
TRP C      C  N N 362 
TRP O      O  N N 363 
TRP CB     C  N N 364 
TRP CG     C  Y N 365 
TRP CD1    C  Y N 366 
TRP CD2    C  Y N 367 
TRP NE1    N  Y N 368 
TRP CE2    C  Y N 369 
TRP CE3    C  Y N 370 
TRP CZ2    C  Y N 371 
TRP CZ3    C  Y N 372 
TRP CH2    C  Y N 373 
TRP OXT    O  N N 374 
TRP H      H  N N 375 
TRP H2     H  N N 376 
TRP HA     H  N N 377 
TRP HB2    H  N N 378 
TRP HB3    H  N N 379 
TRP HD1    H  N N 380 
TRP HE1    H  N N 381 
TRP HE3    H  N N 382 
TRP HZ2    H  N N 383 
TRP HZ3    H  N N 384 
TRP HH2    H  N N 385 
TRP HXT    H  N N 386 
TYR N      N  N N 387 
TYR CA     C  N S 388 
TYR C      C  N N 389 
TYR O      O  N N 390 
TYR CB     C  N N 391 
TYR CG     C  Y N 392 
TYR CD1    C  Y N 393 
TYR CD2    C  Y N 394 
TYR CE1    C  Y N 395 
TYR CE2    C  Y N 396 
TYR CZ     C  Y N 397 
TYR OH     O  N N 398 
TYR OXT    O  N N 399 
TYR H      H  N N 400 
TYR H2     H  N N 401 
TYR HA     H  N N 402 
TYR HB2    H  N N 403 
TYR HB3    H  N N 404 
TYR HD1    H  N N 405 
TYR HD2    H  N N 406 
TYR HE1    H  N N 407 
TYR HE2    H  N N 408 
TYR HH     H  N N 409 
TYR HXT    H  N N 410 
VAL N      N  N N 411 
VAL CA     C  N S 412 
VAL C      C  N N 413 
VAL O      O  N N 414 
VAL CB     C  N N 415 
VAL CG1    C  N N 416 
VAL CG2    C  N N 417 
VAL OXT    O  N N 418 
VAL H      H  N N 419 
VAL H2     H  N N 420 
VAL HA     H  N N 421 
VAL HB     H  N N 422 
VAL HG11   H  N N 423 
VAL HG12   H  N N 424 
VAL HG13   H  N N 425 
VAL HG21   H  N N 426 
VAL HG22   H  N N 427 
VAL HG23   H  N N 428 
VAL HXT    H  N N 429 
# 
loop_
_chem_comp_bond.comp_id 
_chem_comp_bond.atom_id_1 
_chem_comp_bond.atom_id_2 
_chem_comp_bond.value_order 
_chem_comp_bond.pdbx_aromatic_flag 
_chem_comp_bond.pdbx_stereo_config 
_chem_comp_bond.pdbx_ordinal 
ALA N     CA     sing N N 1   
ALA N     H      sing N N 2   
ALA N     H2     sing N N 3   
ALA CA    C      sing N N 4   
ALA CA    CB     sing N N 5   
ALA CA    HA     sing N N 6   
ALA C     O      doub N N 7   
ALA C     OXT    sing N N 8   
ALA CB    HB1    sing N N 9   
ALA CB    HB2    sing N N 10  
ALA CB    HB3    sing N N 11  
ALA OXT   HXT    sing N N 12  
ARG N     CA     sing N N 13  
ARG N     H      sing N N 14  
ARG N     H2     sing N N 15  
ARG CA    C      sing N N 16  
ARG CA    CB     sing N N 17  
ARG CA    HA     sing N N 18  
ARG C     O      doub N N 19  
ARG C     OXT    sing N N 20  
ARG CB    CG     sing N N 21  
ARG CB    HB2    sing N N 22  
ARG CB    HB3    sing N N 23  
ARG CG    CD     sing N N 24  
ARG CG    HG2    sing N N 25  
ARG CG    HG3    sing N N 26  
ARG CD    NE     sing N N 27  
ARG CD    HD2    sing N N 28  
ARG CD    HD3    sing N N 29  
ARG NE    CZ     sing N N 30  
ARG NE    HE     sing N N 31  
ARG CZ    NH1    sing N N 32  
ARG CZ    NH2    doub N N 33  
ARG NH1   HH11   sing N N 34  
ARG NH1   HH12   sing N N 35  
ARG NH2   HH21   sing N N 36  
ARG NH2   HH22   sing N N 37  
ARG OXT   HXT    sing N N 38  
ASN N     CA     sing N N 39  
ASN N     H      sing N N 40  
ASN N     H2     sing N N 41  
ASN CA    C      sing N N 42  
ASN CA    CB     sing N N 43  
ASN CA    HA     sing N N 44  
ASN C     O      doub N N 45  
ASN C     OXT    sing N N 46  
ASN CB    CG     sing N N 47  
ASN CB    HB2    sing N N 48  
ASN CB    HB3    sing N N 49  
ASN CG    OD1    doub N N 50  
ASN CG    ND2    sing N N 51  
ASN ND2   HD21   sing N N 52  
ASN ND2   HD22   sing N N 53  
ASN OXT   HXT    sing N N 54  
ASP N     CA     sing N N 55  
ASP N     H      sing N N 56  
ASP N     H2     sing N N 57  
ASP CA    C      sing N N 58  
ASP CA    CB     sing N N 59  
ASP CA    HA     sing N N 60  
ASP C     O      doub N N 61  
ASP C     OXT    sing N N 62  
ASP CB    CG     sing N N 63  
ASP CB    HB2    sing N N 64  
ASP CB    HB3    sing N N 65  
ASP CG    OD1    doub N N 66  
ASP CG    OD2    sing N N 67  
ASP OD2   HD2    sing N N 68  
ASP OXT   HXT    sing N N 69  
CYS N     CA     sing N N 70  
CYS N     H      sing N N 71  
CYS N     H2     sing N N 72  
CYS CA    C      sing N N 73  
CYS CA    CB     sing N N 74  
CYS CA    HA     sing N N 75  
CYS C     O      doub N N 76  
CYS C     OXT    sing N N 77  
CYS CB    SG     sing N N 78  
CYS CB    HB2    sing N N 79  
CYS CB    HB3    sing N N 80  
CYS SG    HG     sing N N 81  
CYS OXT   HXT    sing N N 82  
GLN N     CA     sing N N 83  
GLN N     H      sing N N 84  
GLN N     H2     sing N N 85  
GLN CA    C      sing N N 86  
GLN CA    CB     sing N N 87  
GLN CA    HA     sing N N 88  
GLN C     O      doub N N 89  
GLN C     OXT    sing N N 90  
GLN CB    CG     sing N N 91  
GLN CB    HB2    sing N N 92  
GLN CB    HB3    sing N N 93  
GLN CG    CD     sing N N 94  
GLN CG    HG2    sing N N 95  
GLN CG    HG3    sing N N 96  
GLN CD    OE1    doub N N 97  
GLN CD    NE2    sing N N 98  
GLN NE2   HE21   sing N N 99  
GLN NE2   HE22   sing N N 100 
GLN OXT   HXT    sing N N 101 
GLU N     CA     sing N N 102 
GLU N     H      sing N N 103 
GLU N     H2     sing N N 104 
GLU CA    C      sing N N 105 
GLU CA    CB     sing N N 106 
GLU CA    HA     sing N N 107 
GLU C     O      doub N N 108 
GLU C     OXT    sing N N 109 
GLU CB    CG     sing N N 110 
GLU CB    HB2    sing N N 111 
GLU CB    HB3    sing N N 112 
GLU CG    CD     sing N N 113 
GLU CG    HG2    sing N N 114 
GLU CG    HG3    sing N N 115 
GLU CD    OE1    doub N N 116 
GLU CD    OE2    sing N N 117 
GLU OE2   HE2    sing N N 118 
GLU OXT   HXT    sing N N 119 
GLY N     CA     sing N N 120 
GLY N     H      sing N N 121 
GLY N     H2     sing N N 122 
GLY CA    C      sing N N 123 
GLY CA    HA2    sing N N 124 
GLY CA    HA3    sing N N 125 
GLY C     O      doub N N 126 
GLY C     OXT    sing N N 127 
GLY OXT   HXT    sing N N 128 
HIS N     CA     sing N N 129 
HIS N     H      sing N N 130 
HIS N     H2     sing N N 131 
HIS CA    C      sing N N 132 
HIS CA    CB     sing N N 133 
HIS CA    HA     sing N N 134 
HIS C     O      doub N N 135 
HIS C     OXT    sing N N 136 
HIS CB    CG     sing N N 137 
HIS CB    HB2    sing N N 138 
HIS CB    HB3    sing N N 139 
HIS CG    ND1    sing Y N 140 
HIS CG    CD2    doub Y N 141 
HIS ND1   CE1    doub Y N 142 
HIS ND1   HD1    sing N N 143 
HIS CD2   NE2    sing Y N 144 
HIS CD2   HD2    sing N N 145 
HIS CE1   NE2    sing Y N 146 
HIS CE1   HE1    sing N N 147 
HIS NE2   HE2    sing N N 148 
HIS OXT   HXT    sing N N 149 
HOH O     H1     sing N N 150 
HOH O     H2     sing N N 151 
ILE N     CA     sing N N 152 
ILE N     H      sing N N 153 
ILE N     H2     sing N N 154 
ILE CA    C      sing N N 155 
ILE CA    CB     sing N N 156 
ILE CA    HA     sing N N 157 
ILE C     O      doub N N 158 
ILE C     OXT    sing N N 159 
ILE CB    CG1    sing N N 160 
ILE CB    CG2    sing N N 161 
ILE CB    HB     sing N N 162 
ILE CG1   CD1    sing N N 163 
ILE CG1   HG12   sing N N 164 
ILE CG1   HG13   sing N N 165 
ILE CG2   HG21   sing N N 166 
ILE CG2   HG22   sing N N 167 
ILE CG2   HG23   sing N N 168 
ILE CD1   HD11   sing N N 169 
ILE CD1   HD12   sing N N 170 
ILE CD1   HD13   sing N N 171 
ILE OXT   HXT    sing N N 172 
LEU N     CA     sing N N 173 
LEU N     H      sing N N 174 
LEU N     H2     sing N N 175 
LEU CA    C      sing N N 176 
LEU CA    CB     sing N N 177 
LEU CA    HA     sing N N 178 
LEU C     O      doub N N 179 
LEU C     OXT    sing N N 180 
LEU CB    CG     sing N N 181 
LEU CB    HB2    sing N N 182 
LEU CB    HB3    sing N N 183 
LEU CG    CD1    sing N N 184 
LEU CG    CD2    sing N N 185 
LEU CG    HG     sing N N 186 
LEU CD1   HD11   sing N N 187 
LEU CD1   HD12   sing N N 188 
LEU CD1   HD13   sing N N 189 
LEU CD2   HD21   sing N N 190 
LEU CD2   HD22   sing N N 191 
LEU CD2   HD23   sing N N 192 
LEU OXT   HXT    sing N N 193 
LYS N     CA     sing N N 194 
LYS N     H      sing N N 195 
LYS N     H2     sing N N 196 
LYS CA    C      sing N N 197 
LYS CA    CB     sing N N 198 
LYS CA    HA     sing N N 199 
LYS C     O      doub N N 200 
LYS C     OXT    sing N N 201 
LYS CB    CG     sing N N 202 
LYS CB    HB2    sing N N 203 
LYS CB    HB3    sing N N 204 
LYS CG    CD     sing N N 205 
LYS CG    HG2    sing N N 206 
LYS CG    HG3    sing N N 207 
LYS CD    CE     sing N N 208 
LYS CD    HD2    sing N N 209 
LYS CD    HD3    sing N N 210 
LYS CE    NZ     sing N N 211 
LYS CE    HE2    sing N N 212 
LYS CE    HE3    sing N N 213 
LYS NZ    HZ1    sing N N 214 
LYS NZ    HZ2    sing N N 215 
LYS NZ    HZ3    sing N N 216 
LYS OXT   HXT    sing N N 217 
MET N     CA     sing N N 218 
MET N     H      sing N N 219 
MET N     H2     sing N N 220 
MET CA    C      sing N N 221 
MET CA    CB     sing N N 222 
MET CA    HA     sing N N 223 
MET C     O      doub N N 224 
MET C     OXT    sing N N 225 
MET CB    CG     sing N N 226 
MET CB    HB2    sing N N 227 
MET CB    HB3    sing N N 228 
MET CG    SD     sing N N 229 
MET CG    HG2    sing N N 230 
MET CG    HG3    sing N N 231 
MET SD    CE     sing N N 232 
MET CE    HE1    sing N N 233 
MET CE    HE2    sing N N 234 
MET CE    HE3    sing N N 235 
MET OXT   HXT    sing N N 236 
OAG C10   C1     sing N N 237 
OAG C1    N1     sing N N 238 
OAG C1    H1     sing N N 239 
OAG C1    H1A    sing N N 240 
OAG N1    "C1'"  sing N N 241 
OAG N1    HN1    sing N N 242 
OAG C11   CL2    sing N N 243 
OAG CL5   "C5'"  sing N N 244 
OAG C4A   C9     doub Y N 245 
OAG C9    C10    sing Y N 246 
OAG C9    H9     sing N N 247 
OAG "C6'" "C1'"  doub Y N 248 
OAG "C1'" C11    sing Y N 249 
OAG "C2'" "N1'"  doub Y N 250 
OAG "N1'" C8A    sing Y N 251 
OAG "C7'" C10    doub Y N 252 
OAG C11   "C3'"  doub Y N 253 
OAG "C5'" C12    doub Y N 254 
OAG C12   "C3'"  sing Y N 255 
OAG C12   H12    sing N N 256 
OAG "N2'" "C2'"  sing N N 257 
OAG "C2'" "N3'"  sing Y N 258 
OAG "N2'" "HN2'" sing N N 259 
OAG "N2'" HN2A   sing N N 260 
OAG "C3'" "H3'"  sing N N 261 
OAG "N3'" "C4'"  doub Y N 262 
OAG "C4'" C4A    sing Y N 263 
OAG "C4'" "N4'"  sing N N 264 
OAG "N4'" "HN4'" sing N N 265 
OAG "N4'" HN4A   sing N N 266 
OAG C8A   C4A    sing Y N 267 
OAG "C6'" "C5'"  sing Y N 268 
OAG "C6'" "H6'"  sing N N 269 
OAG "N8'" "C7'"  sing Y N 270 
OAG "C7'" "H7'"  sing N N 271 
OAG C8A   "N8'"  doub Y N 272 
PHE N     CA     sing N N 273 
PHE N     H      sing N N 274 
PHE N     H2     sing N N 275 
PHE CA    C      sing N N 276 
PHE CA    CB     sing N N 277 
PHE CA    HA     sing N N 278 
PHE C     O      doub N N 279 
PHE C     OXT    sing N N 280 
PHE CB    CG     sing N N 281 
PHE CB    HB2    sing N N 282 
PHE CB    HB3    sing N N 283 
PHE CG    CD1    doub Y N 284 
PHE CG    CD2    sing Y N 285 
PHE CD1   CE1    sing Y N 286 
PHE CD1   HD1    sing N N 287 
PHE CD2   CE2    doub Y N 288 
PHE CD2   HD2    sing N N 289 
PHE CE1   CZ     doub Y N 290 
PHE CE1   HE1    sing N N 291 
PHE CE2   CZ     sing Y N 292 
PHE CE2   HE2    sing N N 293 
PHE CZ    HZ     sing N N 294 
PHE OXT   HXT    sing N N 295 
PRO N     CA     sing N N 296 
PRO N     CD     sing N N 297 
PRO N     H      sing N N 298 
PRO CA    C      sing N N 299 
PRO CA    CB     sing N N 300 
PRO CA    HA     sing N N 301 
PRO C     O      doub N N 302 
PRO C     OXT    sing N N 303 
PRO CB    CG     sing N N 304 
PRO CB    HB2    sing N N 305 
PRO CB    HB3    sing N N 306 
PRO CG    CD     sing N N 307 
PRO CG    HG2    sing N N 308 
PRO CG    HG3    sing N N 309 
PRO CD    HD2    sing N N 310 
PRO CD    HD3    sing N N 311 
PRO OXT   HXT    sing N N 312 
SER N     CA     sing N N 313 
SER N     H      sing N N 314 
SER N     H2     sing N N 315 
SER CA    C      sing N N 316 
SER CA    CB     sing N N 317 
SER CA    HA     sing N N 318 
SER C     O      doub N N 319 
SER C     OXT    sing N N 320 
SER CB    OG     sing N N 321 
SER CB    HB2    sing N N 322 
SER CB    HB3    sing N N 323 
SER OG    HG     sing N N 324 
SER OXT   HXT    sing N N 325 
SO4 S     O1     doub N N 326 
SO4 S     O2     doub N N 327 
SO4 S     O3     sing N N 328 
SO4 S     O4     sing N N 329 
THR N     CA     sing N N 330 
THR N     H      sing N N 331 
THR N     H2     sing N N 332 
THR CA    C      sing N N 333 
THR CA    CB     sing N N 334 
THR CA    HA     sing N N 335 
THR C     O      doub N N 336 
THR C     OXT    sing N N 337 
THR CB    OG1    sing N N 338 
THR CB    CG2    sing N N 339 
THR CB    HB     sing N N 340 
THR OG1   HG1    sing N N 341 
THR CG2   HG21   sing N N 342 
THR CG2   HG22   sing N N 343 
THR CG2   HG23   sing N N 344 
THR OXT   HXT    sing N N 345 
TRP N     CA     sing N N 346 
TRP N     H      sing N N 347 
TRP N     H2     sing N N 348 
TRP CA    C      sing N N 349 
TRP CA    CB     sing N N 350 
TRP CA    HA     sing N N 351 
TRP C     O      doub N N 352 
TRP C     OXT    sing N N 353 
TRP CB    CG     sing N N 354 
TRP CB    HB2    sing N N 355 
TRP CB    HB3    sing N N 356 
TRP CG    CD1    doub Y N 357 
TRP CG    CD2    sing Y N 358 
TRP CD1   NE1    sing Y N 359 
TRP CD1   HD1    sing N N 360 
TRP CD2   CE2    doub Y N 361 
TRP CD2   CE3    sing Y N 362 
TRP NE1   CE2    sing Y N 363 
TRP NE1   HE1    sing N N 364 
TRP CE2   CZ2    sing Y N 365 
TRP CE3   CZ3    doub Y N 366 
TRP CE3   HE3    sing N N 367 
TRP CZ2   CH2    doub Y N 368 
TRP CZ2   HZ2    sing N N 369 
TRP CZ3   CH2    sing Y N 370 
TRP CZ3   HZ3    sing N N 371 
TRP CH2   HH2    sing N N 372 
TRP OXT   HXT    sing N N 373 
TYR N     CA     sing N N 374 
TYR N     H      sing N N 375 
TYR N     H2     sing N N 376 
TYR CA    C      sing N N 377 
TYR CA    CB     sing N N 378 
TYR CA    HA     sing N N 379 
TYR C     O      doub N N 380 
TYR C     OXT    sing N N 381 
TYR CB    CG     sing N N 382 
TYR CB    HB2    sing N N 383 
TYR CB    HB3    sing N N 384 
TYR CG    CD1    doub Y N 385 
TYR CG    CD2    sing Y N 386 
TYR CD1   CE1    sing Y N 387 
TYR CD1   HD1    sing N N 388 
TYR CD2   CE2    doub Y N 389 
TYR CD2   HD2    sing N N 390 
TYR CE1   CZ     doub Y N 391 
TYR CE1   HE1    sing N N 392 
TYR CE2   CZ     sing Y N 393 
TYR CE2   HE2    sing N N 394 
TYR CZ    OH     sing N N 395 
TYR OH    HH     sing N N 396 
TYR OXT   HXT    sing N N 397 
VAL N     CA     sing N N 398 
VAL N     H      sing N N 399 
VAL N     H2     sing N N 400 
VAL CA    C      sing N N 401 
VAL CA    CB     sing N N 402 
VAL CA    HA     sing N N 403 
VAL C     O      doub N N 404 
VAL C     OXT    sing N N 405 
VAL CB    CG1    sing N N 406 
VAL CB    CG2    sing N N 407 
VAL CB    HB     sing N N 408 
VAL CG1   HG11   sing N N 409 
VAL CG1   HG12   sing N N 410 
VAL CG1   HG13   sing N N 411 
VAL CG2   HG21   sing N N 412 
VAL CG2   HG22   sing N N 413 
VAL CG2   HG23   sing N N 414 
VAL OXT   HXT    sing N N 415 
# 
loop_
_pdbx_entity_nonpoly.entity_id 
_pdbx_entity_nonpoly.name 
_pdbx_entity_nonpoly.comp_id 
2 '6-{[(2,5-dichlorophenyl)amino]methyl}pyrido[2,3-d]pyrimidine-2,4-diamine' OAG 
3 'SULFATE ION'                                                              SO4 
4 water                                                                      HOH 
# 
_pdbx_initial_refinement_model.id               1 
_pdbx_initial_refinement_model.entity_id_list   ? 
_pdbx_initial_refinement_model.type             'experimental model' 
_pdbx_initial_refinement_model.source_name      PDB 
_pdbx_initial_refinement_model.accession_code   1U72 
_pdbx_initial_refinement_model.details          ? 
# 
